data_7Y5R
# 
_entry.id   7Y5R 
# 
_audit_conform.dict_name       mmcif_pdbx.dic 
_audit_conform.dict_version    5.380 
_audit_conform.dict_location   http://mmcif.pdb.org/dictionaries/ascii/mmcif_pdbx.dic 
# 
loop_
_database_2.database_id 
_database_2.database_code 
_database_2.pdbx_database_accession 
_database_2.pdbx_DOI 
PDB   7Y5R         pdb_00007y5r 10.2210/pdb7y5r/pdb 
WWPDB D_1300030325 ?            ?                   
# 
_pdbx_database_status.status_code                     REL 
_pdbx_database_status.status_code_sf                  REL 
_pdbx_database_status.status_code_mr                  ? 
_pdbx_database_status.entry_id                        7Y5R 
_pdbx_database_status.recvd_initial_deposition_date   2022-06-17 
_pdbx_database_status.SG_entry                        N 
_pdbx_database_status.deposit_site                    PDBJ 
_pdbx_database_status.process_site                    PDBJ 
_pdbx_database_status.status_code_cs                  ? 
_pdbx_database_status.status_code_nmr_data            ? 
_pdbx_database_status.methods_development_category    ? 
_pdbx_database_status.pdb_format_compatible           Y 
# 
loop_
_audit_author.name 
_audit_author.pdbx_ordinal 
_audit_author.identifier_ORCID 
'Chen, Q.'  1 0000-0002-2398-4482 
'Yu, Y.'    2 0000-0002-4491-3034 
'Cheng, J.' 3 0000-0001-9238-6446 
# 
_citation.abstract                  ? 
_citation.abstract_id_CAS           ? 
_citation.book_id_ISBN              ? 
_citation.book_publisher            ? 
_citation.book_publisher_city       ? 
_citation.book_title                ? 
_citation.coordinate_linkage        ? 
_citation.country                   UK 
_citation.database_id_Medline       ? 
_citation.details                   ? 
_citation.id                        primary 
_citation.journal_abbrev            'Nat Commun' 
_citation.journal_id_ASTM           ? 
_citation.journal_id_CSD            ? 
_citation.journal_id_ISSN           2041-1723 
_citation.journal_full              ? 
_citation.journal_issue             ? 
_citation.journal_volume            14 
_citation.language                  ? 
_citation.page_first                2522 
_citation.page_last                 2522 
_citation.title                     'Structural basis for the self-recognition of sDSCAM in Chelicerata.' 
_citation.year                      2023 
_citation.database_id_CSD           ? 
_citation.pdbx_database_id_DOI      10.1038/s41467-023-38205-1 
_citation.pdbx_database_id_PubMed   37130844 
_citation.pdbx_database_id_patent   ? 
_citation.unpublished_flag          ? 
# 
loop_
_citation_author.citation_id 
_citation_author.name 
_citation_author.ordinal 
_citation_author.identifier_ORCID 
primary 'Cheng, J.' 1  ?                   
primary 'Yu, Y.'    2  0000-0002-4491-3034 
primary 'Wang, X.'  3  ?                   
primary 'Zheng, X.' 4  ?                   
primary 'Liu, T.'   5  ?                   
primary 'Hu, D.'    6  ?                   
primary 'Jin, Y.'   7  0000-0001-7125-7055 
primary 'Lai, Y.'   8  0000-0001-5347-5155 
primary 'Fu, T.M.'  9  0000-0002-6281-1752 
primary 'Chen, Q.'  10 0000-0002-2398-4482 
# 
_cell.angle_alpha                  90.000 
_cell.angle_alpha_esd              ? 
_cell.angle_beta                   90.000 
_cell.angle_beta_esd               ? 
_cell.angle_gamma                  90.000 
_cell.angle_gamma_esd              ? 
_cell.entry_id                     7Y5R 
_cell.details                      ? 
_cell.formula_units_Z              ? 
_cell.length_a                     28.853 
_cell.length_a_esd                 ? 
_cell.length_b                     53.280 
_cell.length_b_esd                 ? 
_cell.length_c                     60.817 
_cell.length_c_esd                 ? 
_cell.volume                       ? 
_cell.volume_esd                   ? 
_cell.Z_PDB                        4 
_cell.reciprocal_angle_alpha       ? 
_cell.reciprocal_angle_beta        ? 
_cell.reciprocal_angle_gamma       ? 
_cell.reciprocal_angle_alpha_esd   ? 
_cell.reciprocal_angle_beta_esd    ? 
_cell.reciprocal_angle_gamma_esd   ? 
_cell.reciprocal_length_a          ? 
_cell.reciprocal_length_b          ? 
_cell.reciprocal_length_c          ? 
_cell.reciprocal_length_a_esd      ? 
_cell.reciprocal_length_b_esd      ? 
_cell.reciprocal_length_c_esd      ? 
_cell.pdbx_unique_axis             ? 
_cell.pdbx_esd_method              ? 
# 
_symmetry.entry_id                         7Y5R 
_symmetry.cell_setting                     ? 
_symmetry.Int_Tables_number                19 
_symmetry.space_group_name_Hall            ? 
_symmetry.space_group_name_H-M             'P 21 21 21' 
_symmetry.pdbx_full_space_group_name_H-M   ? 
# 
loop_
_entity.id 
_entity.type 
_entity.src_method 
_entity.pdbx_description 
_entity.formula_weight 
_entity.pdbx_number_of_molecules 
_entity.pdbx_ec 
_entity.pdbx_mutation 
_entity.pdbx_fragment 
_entity.details 
1 polymer     man 'Down Syndrome Cell Adhesion Molecules' 11477.840 1   ? ? ? ? 
2 non-polymer syn GLYCEROL                                92.094    3   ? ? ? ? 
3 water       nat water                                   18.015    162 ? ? ? ? 
# 
_entity_poly.entity_id                      1 
_entity_poly.type                           'polypeptide(L)' 
_entity_poly.nstd_linkage                   no 
_entity_poly.nstd_monomer                   no 
_entity_poly.pdbx_seq_one_letter_code       
;GASAPIGAPTDVNVEPIGSRTLKVTWRPPLVDHWNGIIKGYYVGHKESDSSQQYRYQRVERSGINPETLLIAGLQKAKVY
NVVVKAFNTAGSGPESHPVEAYSLE
;
_entity_poly.pdbx_seq_one_letter_code_can   
;GASAPIGAPTDVNVEPIGSRTLKVTWRPPLVDHWNGIIKGYYVGHKESDSSQQYRYQRVERSGINPETLLIAGLQKAKVY
NVVVKAFNTAGSGPESHPVEAYSLE
;
_entity_poly.pdbx_strand_id                 A 
_entity_poly.pdbx_target_identifier         ? 
# 
loop_
_entity_poly_seq.entity_id 
_entity_poly_seq.num 
_entity_poly_seq.mon_id 
_entity_poly_seq.hetero 
1 1   GLY n 
1 2   ALA n 
1 3   SER n 
1 4   ALA n 
1 5   PRO n 
1 6   ILE n 
1 7   GLY n 
1 8   ALA n 
1 9   PRO n 
1 10  THR n 
1 11  ASP n 
1 12  VAL n 
1 13  ASN n 
1 14  VAL n 
1 15  GLU n 
1 16  PRO n 
1 17  ILE n 
1 18  GLY n 
1 19  SER n 
1 20  ARG n 
1 21  THR n 
1 22  LEU n 
1 23  LYS n 
1 24  VAL n 
1 25  THR n 
1 26  TRP n 
1 27  ARG n 
1 28  PRO n 
1 29  PRO n 
1 30  LEU n 
1 31  VAL n 
1 32  ASP n 
1 33  HIS n 
1 34  TRP n 
1 35  ASN n 
1 36  GLY n 
1 37  ILE n 
1 38  ILE n 
1 39  LYS n 
1 40  GLY n 
1 41  TYR n 
1 42  TYR n 
1 43  VAL n 
1 44  GLY n 
1 45  HIS n 
1 46  LYS n 
1 47  GLU n 
1 48  SER n 
1 49  ASP n 
1 50  SER n 
1 51  SER n 
1 52  GLN n 
1 53  GLN n 
1 54  TYR n 
1 55  ARG n 
1 56  TYR n 
1 57  GLN n 
1 58  ARG n 
1 59  VAL n 
1 60  GLU n 
1 61  ARG n 
1 62  SER n 
1 63  GLY n 
1 64  ILE n 
1 65  ASN n 
1 66  PRO n 
1 67  GLU n 
1 68  THR n 
1 69  LEU n 
1 70  LEU n 
1 71  ILE n 
1 72  ALA n 
1 73  GLY n 
1 74  LEU n 
1 75  GLN n 
1 76  LYS n 
1 77  ALA n 
1 78  LYS n 
1 79  VAL n 
1 80  TYR n 
1 81  ASN n 
1 82  VAL n 
1 83  VAL n 
1 84  VAL n 
1 85  LYS n 
1 86  ALA n 
1 87  PHE n 
1 88  ASN n 
1 89  THR n 
1 90  ALA n 
1 91  GLY n 
1 92  SER n 
1 93  GLY n 
1 94  PRO n 
1 95  GLU n 
1 96  SER n 
1 97  HIS n 
1 98  PRO n 
1 99  VAL n 
1 100 GLU n 
1 101 ALA n 
1 102 TYR n 
1 103 SER n 
1 104 LEU n 
1 105 GLU n 
# 
_entity_src_gen.entity_id                          1 
_entity_src_gen.pdbx_src_id                        1 
_entity_src_gen.pdbx_alt_source_flag               sample 
_entity_src_gen.pdbx_seq_type                      'Biological sequence' 
_entity_src_gen.pdbx_beg_seq_num                   1 
_entity_src_gen.pdbx_end_seq_num                   105 
_entity_src_gen.gene_src_common_name               ? 
_entity_src_gen.gene_src_genus                     ? 
_entity_src_gen.pdbx_gene_src_gene                 ? 
_entity_src_gen.gene_src_species                   ? 
_entity_src_gen.gene_src_strain                    ? 
_entity_src_gen.gene_src_tissue                    ? 
_entity_src_gen.gene_src_tissue_fraction           ? 
_entity_src_gen.gene_src_details                   ? 
_entity_src_gen.pdbx_gene_src_fragment             ? 
_entity_src_gen.pdbx_gene_src_scientific_name      Chelicerata 
_entity_src_gen.pdbx_gene_src_ncbi_taxonomy_id     6843 
_entity_src_gen.pdbx_gene_src_variant              ? 
_entity_src_gen.pdbx_gene_src_cell_line            ? 
_entity_src_gen.pdbx_gene_src_atcc                 ? 
_entity_src_gen.pdbx_gene_src_organ                ? 
_entity_src_gen.pdbx_gene_src_organelle            ? 
_entity_src_gen.pdbx_gene_src_cell                 ? 
_entity_src_gen.pdbx_gene_src_cellular_location    ? 
_entity_src_gen.host_org_common_name               ? 
_entity_src_gen.pdbx_host_org_scientific_name      'Escherichia coli' 
_entity_src_gen.pdbx_host_org_ncbi_taxonomy_id     526 
_entity_src_gen.host_org_genus                     ? 
_entity_src_gen.pdbx_host_org_gene                 ? 
_entity_src_gen.pdbx_host_org_organ                ? 
_entity_src_gen.host_org_species                   ? 
_entity_src_gen.pdbx_host_org_tissue               ? 
_entity_src_gen.pdbx_host_org_tissue_fraction      ? 
_entity_src_gen.pdbx_host_org_strain               ? 
_entity_src_gen.pdbx_host_org_variant              ? 
_entity_src_gen.pdbx_host_org_cell_line            ? 
_entity_src_gen.pdbx_host_org_atcc                 ? 
_entity_src_gen.pdbx_host_org_culture_collection   ? 
_entity_src_gen.pdbx_host_org_cell                 ? 
_entity_src_gen.pdbx_host_org_organelle            ? 
_entity_src_gen.pdbx_host_org_cellular_location    ? 
_entity_src_gen.pdbx_host_org_vector_type          ? 
_entity_src_gen.pdbx_host_org_vector               ? 
_entity_src_gen.host_org_details                   ? 
_entity_src_gen.expression_system_id               ? 
_entity_src_gen.plasmid_name                       ? 
_entity_src_gen.plasmid_details                    ? 
_entity_src_gen.pdbx_description                   ? 
# 
_struct_ref.id                         1 
_struct_ref.db_name                    PDB 
_struct_ref.db_code                    7Y5R 
_struct_ref.pdbx_db_accession          7Y5R 
_struct_ref.pdbx_db_isoform            ? 
_struct_ref.entity_id                  1 
_struct_ref.pdbx_seq_one_letter_code   ? 
_struct_ref.pdbx_align_begin           1 
# 
_struct_ref_seq.align_id                      1 
_struct_ref_seq.ref_id                        1 
_struct_ref_seq.pdbx_PDB_id_code              7Y5R 
_struct_ref_seq.pdbx_strand_id                A 
_struct_ref_seq.seq_align_beg                 1 
_struct_ref_seq.pdbx_seq_align_beg_ins_code   ? 
_struct_ref_seq.seq_align_end                 105 
_struct_ref_seq.pdbx_seq_align_end_ins_code   ? 
_struct_ref_seq.pdbx_db_accession             7Y5R 
_struct_ref_seq.db_align_beg                  387 
_struct_ref_seq.pdbx_db_align_beg_ins_code    ? 
_struct_ref_seq.db_align_end                  491 
_struct_ref_seq.pdbx_db_align_end_ins_code    ? 
_struct_ref_seq.pdbx_auth_seq_align_beg       387 
_struct_ref_seq.pdbx_auth_seq_align_end       491 
# 
loop_
_chem_comp.id 
_chem_comp.type 
_chem_comp.mon_nstd_flag 
_chem_comp.name 
_chem_comp.pdbx_synonyms 
_chem_comp.formula 
_chem_comp.formula_weight 
ALA 'L-peptide linking' y ALANINE         ?                               'C3 H7 N O2'     89.093  
ARG 'L-peptide linking' y ARGININE        ?                               'C6 H15 N4 O2 1' 175.209 
ASN 'L-peptide linking' y ASPARAGINE      ?                               'C4 H8 N2 O3'    132.118 
ASP 'L-peptide linking' y 'ASPARTIC ACID' ?                               'C4 H7 N O4'     133.103 
GLN 'L-peptide linking' y GLUTAMINE       ?                               'C5 H10 N2 O3'   146.144 
GLU 'L-peptide linking' y 'GLUTAMIC ACID' ?                               'C5 H9 N O4'     147.129 
GLY 'peptide linking'   y GLYCINE         ?                               'C2 H5 N O2'     75.067  
GOL non-polymer         . GLYCEROL        'GLYCERIN; PROPANE-1,2,3-TRIOL' 'C3 H8 O3'       92.094  
HIS 'L-peptide linking' y HISTIDINE       ?                               'C6 H10 N3 O2 1' 156.162 
HOH non-polymer         . WATER           ?                               'H2 O'           18.015  
ILE 'L-peptide linking' y ISOLEUCINE      ?                               'C6 H13 N O2'    131.173 
LEU 'L-peptide linking' y LEUCINE         ?                               'C6 H13 N O2'    131.173 
LYS 'L-peptide linking' y LYSINE          ?                               'C6 H15 N2 O2 1' 147.195 
PHE 'L-peptide linking' y PHENYLALANINE   ?                               'C9 H11 N O2'    165.189 
PRO 'L-peptide linking' y PROLINE         ?                               'C5 H9 N O2'     115.130 
SER 'L-peptide linking' y SERINE          ?                               'C3 H7 N O3'     105.093 
THR 'L-peptide linking' y THREONINE       ?                               'C4 H9 N O3'     119.119 
TRP 'L-peptide linking' y TRYPTOPHAN      ?                               'C11 H12 N2 O2'  204.225 
TYR 'L-peptide linking' y TYROSINE        ?                               'C9 H11 N O3'    181.189 
VAL 'L-peptide linking' y VALINE          ?                               'C5 H11 N O2'    117.146 
# 
_exptl.absorpt_coefficient_mu     ? 
_exptl.absorpt_correction_T_max   ? 
_exptl.absorpt_correction_T_min   ? 
_exptl.absorpt_correction_type    ? 
_exptl.absorpt_process_details    ? 
_exptl.entry_id                   7Y5R 
_exptl.crystals_number            1 
_exptl.details                    ? 
_exptl.method                     'X-RAY DIFFRACTION' 
_exptl.method_details             ? 
# 
_exptl_crystal.colour                       ? 
_exptl_crystal.density_diffrn               ? 
_exptl_crystal.density_Matthews             2.04 
_exptl_crystal.density_method               ? 
_exptl_crystal.density_percent_sol          39.60 
_exptl_crystal.description                  ? 
_exptl_crystal.F_000                        ? 
_exptl_crystal.id                           1 
_exptl_crystal.preparation                  ? 
_exptl_crystal.size_max                     ? 
_exptl_crystal.size_mid                     ? 
_exptl_crystal.size_min                     ? 
_exptl_crystal.size_rad                     ? 
_exptl_crystal.colour_lustre                ? 
_exptl_crystal.colour_modifier              ? 
_exptl_crystal.colour_primary               ? 
_exptl_crystal.density_meas                 ? 
_exptl_crystal.density_meas_esd             ? 
_exptl_crystal.density_meas_gt              ? 
_exptl_crystal.density_meas_lt              ? 
_exptl_crystal.density_meas_temp            ? 
_exptl_crystal.density_meas_temp_esd        ? 
_exptl_crystal.density_meas_temp_gt         ? 
_exptl_crystal.density_meas_temp_lt         ? 
_exptl_crystal.pdbx_crystal_image_url       ? 
_exptl_crystal.pdbx_crystal_image_format    ? 
_exptl_crystal.pdbx_mosaicity               ? 
_exptl_crystal.pdbx_mosaicity_esd           ? 
_exptl_crystal.pdbx_mosaic_method           ? 
_exptl_crystal.pdbx_mosaic_block_size       ? 
_exptl_crystal.pdbx_mosaic_block_size_esd   ? 
# 
_exptl_crystal_grow.apparatus       ? 
_exptl_crystal_grow.atmosphere      ? 
_exptl_crystal_grow.crystal_id      1 
_exptl_crystal_grow.details         ? 
_exptl_crystal_grow.method          'VAPOR DIFFUSION, HANGING DROP' 
_exptl_crystal_grow.method_ref      ? 
_exptl_crystal_grow.pH              ? 
_exptl_crystal_grow.pressure        ? 
_exptl_crystal_grow.pressure_esd    ? 
_exptl_crystal_grow.seeding         ? 
_exptl_crystal_grow.seeding_ref     ? 
_exptl_crystal_grow.temp            289 
_exptl_crystal_grow.temp_details    ? 
_exptl_crystal_grow.temp_esd        ? 
_exptl_crystal_grow.time            ? 
_exptl_crystal_grow.pdbx_details    '0.1 M HEPES sodium pH 7.5, 1.5 M Lithium sulfate monohydrate' 
_exptl_crystal_grow.pdbx_pH_range   ? 
# 
_diffrn.ambient_environment              ? 
_diffrn.ambient_temp                     100 
_diffrn.ambient_temp_details             ? 
_diffrn.ambient_temp_esd                 ? 
_diffrn.crystal_id                       1 
_diffrn.crystal_support                  ? 
_diffrn.crystal_treatment                ? 
_diffrn.details                          ? 
_diffrn.id                               1 
_diffrn.ambient_pressure                 ? 
_diffrn.ambient_pressure_esd             ? 
_diffrn.ambient_pressure_gt              ? 
_diffrn.ambient_pressure_lt              ? 
_diffrn.ambient_temp_gt                  ? 
_diffrn.ambient_temp_lt                  ? 
_diffrn.pdbx_serial_crystal_experiment   N 
# 
_diffrn_detector.details                      ? 
_diffrn_detector.detector                     PIXEL 
_diffrn_detector.diffrn_id                    1 
_diffrn_detector.type                         'DECTRIS PILATUS3 6M' 
_diffrn_detector.area_resol_mean              ? 
_diffrn_detector.dtime                        ? 
_diffrn_detector.pdbx_frames_total            ? 
_diffrn_detector.pdbx_collection_time_total   ? 
_diffrn_detector.pdbx_collection_date         2020-05-04 
_diffrn_detector.pdbx_frequency               ? 
# 
_diffrn_radiation.collimation                      ? 
_diffrn_radiation.diffrn_id                        1 
_diffrn_radiation.filter_edge                      ? 
_diffrn_radiation.inhomogeneity                    ? 
_diffrn_radiation.monochromator                    ? 
_diffrn_radiation.polarisn_norm                    ? 
_diffrn_radiation.polarisn_ratio                   ? 
_diffrn_radiation.probe                            ? 
_diffrn_radiation.type                             ? 
_diffrn_radiation.xray_symbol                      ? 
_diffrn_radiation.wavelength_id                    1 
_diffrn_radiation.pdbx_monochromatic_or_laue_m_l   M 
_diffrn_radiation.pdbx_wavelength_list             ? 
_diffrn_radiation.pdbx_wavelength                  ? 
_diffrn_radiation.pdbx_diffrn_protocol             'SINGLE WAVELENGTH' 
_diffrn_radiation.pdbx_analyzer                    ? 
_diffrn_radiation.pdbx_scattering_type             x-ray 
# 
_diffrn_radiation_wavelength.id           1 
_diffrn_radiation_wavelength.wavelength   0.97915 
_diffrn_radiation_wavelength.wt           1.0 
# 
_diffrn_source.current                     ? 
_diffrn_source.details                     ? 
_diffrn_source.diffrn_id                   1 
_diffrn_source.power                       ? 
_diffrn_source.size                        ? 
_diffrn_source.source                      SYNCHROTRON 
_diffrn_source.target                      ? 
_diffrn_source.type                        'SSRF BEAMLINE BL19U1' 
_diffrn_source.voltage                     ? 
_diffrn_source.take-off_angle              ? 
_diffrn_source.pdbx_wavelength_list        0.97915 
_diffrn_source.pdbx_wavelength             ? 
_diffrn_source.pdbx_synchrotron_beamline   BL19U1 
_diffrn_source.pdbx_synchrotron_site       SSRF 
# 
_reflns.B_iso_Wilson_estimate                          ? 
_reflns.entry_id                                       7Y5R 
_reflns.data_reduction_details                         ? 
_reflns.data_reduction_method                          ? 
_reflns.d_resolution_high                              1.560 
_reflns.d_resolution_low                               50.000 
_reflns.details                                        ? 
_reflns.limit_h_max                                    ? 
_reflns.limit_h_min                                    ? 
_reflns.limit_k_max                                    ? 
_reflns.limit_k_min                                    ? 
_reflns.limit_l_max                                    ? 
_reflns.limit_l_min                                    ? 
_reflns.number_all                                     ? 
_reflns.number_obs                                     13917 
_reflns.observed_criterion                             ? 
_reflns.observed_criterion_F_max                       ? 
_reflns.observed_criterion_F_min                       ? 
_reflns.observed_criterion_I_max                       ? 
_reflns.observed_criterion_I_min                       ? 
_reflns.observed_criterion_sigma_F                     ? 
_reflns.observed_criterion_sigma_I                     ? 
_reflns.percent_possible_obs                           100.000 
_reflns.R_free_details                                 ? 
_reflns.Rmerge_F_all                                   ? 
_reflns.Rmerge_F_obs                                   ? 
_reflns.Friedel_coverage                               ? 
_reflns.number_gt                                      ? 
_reflns.threshold_expression                           ? 
_reflns.pdbx_redundancy                                11.900 
_reflns.pdbx_Rmerge_I_obs                              0.173 
_reflns.pdbx_Rmerge_I_all                              ? 
_reflns.pdbx_Rsym_value                                ? 
_reflns.pdbx_netI_over_av_sigmaI                       ? 
_reflns.pdbx_netI_over_sigmaI                          13.900 
_reflns.pdbx_res_netI_over_av_sigmaI_2                 ? 
_reflns.pdbx_res_netI_over_sigmaI_2                    ? 
_reflns.pdbx_chi_squared                               0.985 
_reflns.pdbx_scaling_rejects                           ? 
_reflns.pdbx_d_res_high_opt                            ? 
_reflns.pdbx_d_res_low_opt                             ? 
_reflns.pdbx_d_res_opt_method                          ? 
_reflns.phase_calculation_details                      ? 
_reflns.pdbx_Rrim_I_all                                0.181 
_reflns.pdbx_Rpim_I_all                                0.051 
_reflns.pdbx_d_opt                                     ? 
_reflns.pdbx_number_measured_all                       ? 
_reflns.pdbx_diffrn_id                                 1 
_reflns.pdbx_ordinal                                   1 
_reflns.pdbx_CC_half                                   ? 
_reflns.pdbx_CC_star                                   ? 
_reflns.pdbx_R_split                                   ? 
_reflns.pdbx_aniso_diffraction_limit_axis_1_ortho[1]   ? 
_reflns.pdbx_aniso_diffraction_limit_axis_1_ortho[2]   ? 
_reflns.pdbx_aniso_diffraction_limit_axis_1_ortho[3]   ? 
_reflns.pdbx_aniso_diffraction_limit_axis_2_ortho[1]   ? 
_reflns.pdbx_aniso_diffraction_limit_axis_2_ortho[2]   ? 
_reflns.pdbx_aniso_diffraction_limit_axis_2_ortho[3]   ? 
_reflns.pdbx_aniso_diffraction_limit_axis_3_ortho[1]   ? 
_reflns.pdbx_aniso_diffraction_limit_axis_3_ortho[2]   ? 
_reflns.pdbx_aniso_diffraction_limit_axis_3_ortho[3]   ? 
_reflns.pdbx_aniso_diffraction_limit_1                 ? 
_reflns.pdbx_aniso_diffraction_limit_2                 ? 
_reflns.pdbx_aniso_diffraction_limit_3                 ? 
_reflns.pdbx_aniso_B_tensor_eigenvector_1_ortho[1]     ? 
_reflns.pdbx_aniso_B_tensor_eigenvector_1_ortho[2]     ? 
_reflns.pdbx_aniso_B_tensor_eigenvector_1_ortho[3]     ? 
_reflns.pdbx_aniso_B_tensor_eigenvector_2_ortho[1]     ? 
_reflns.pdbx_aniso_B_tensor_eigenvector_2_ortho[2]     ? 
_reflns.pdbx_aniso_B_tensor_eigenvector_2_ortho[3]     ? 
_reflns.pdbx_aniso_B_tensor_eigenvector_3_ortho[1]     ? 
_reflns.pdbx_aniso_B_tensor_eigenvector_3_ortho[2]     ? 
_reflns.pdbx_aniso_B_tensor_eigenvector_3_ortho[3]     ? 
_reflns.pdbx_aniso_B_tensor_eigenvalue_1               ? 
_reflns.pdbx_aniso_B_tensor_eigenvalue_2               ? 
_reflns.pdbx_aniso_B_tensor_eigenvalue_3               ? 
_reflns.pdbx_orthogonalization_convention              ? 
_reflns.pdbx_percent_possible_ellipsoidal              ? 
_reflns.pdbx_percent_possible_spherical                ? 
_reflns.pdbx_percent_possible_ellipsoidal_anomalous    ? 
_reflns.pdbx_percent_possible_spherical_anomalous      ? 
_reflns.pdbx_redundancy_anomalous                      ? 
_reflns.pdbx_CC_half_anomalous                         ? 
_reflns.pdbx_absDiff_over_sigma_anomalous              ? 
_reflns.pdbx_percent_possible_anomalous                ? 
_reflns.pdbx_observed_signal_threshold                 ? 
_reflns.pdbx_signal_type                               ? 
_reflns.pdbx_signal_details                            ? 
_reflns.pdbx_signal_software_id                        ? 
_reflns.pdbx_CC_split_method                           ? 
# 
loop_
_reflns_shell.d_res_high 
_reflns_shell.d_res_low 
_reflns_shell.meanI_over_sigI_all 
_reflns_shell.meanI_over_sigI_obs 
_reflns_shell.number_measured_all 
_reflns_shell.number_measured_obs 
_reflns_shell.number_possible 
_reflns_shell.number_unique_all 
_reflns_shell.number_unique_obs 
_reflns_shell.percent_possible_all 
_reflns_shell.percent_possible_obs 
_reflns_shell.Rmerge_F_all 
_reflns_shell.Rmerge_F_obs 
_reflns_shell.Rmerge_I_all 
_reflns_shell.Rmerge_I_obs 
_reflns_shell.meanI_over_sigI_gt 
_reflns_shell.meanI_over_uI_all 
_reflns_shell.meanI_over_uI_gt 
_reflns_shell.number_measured_gt 
_reflns_shell.number_unique_gt 
_reflns_shell.percent_possible_gt 
_reflns_shell.Rmerge_F_gt 
_reflns_shell.Rmerge_I_gt 
_reflns_shell.pdbx_redundancy 
_reflns_shell.pdbx_Rsym_value 
_reflns_shell.pdbx_chi_squared 
_reflns_shell.pdbx_netI_over_sigmaI_all 
_reflns_shell.pdbx_netI_over_sigmaI_obs 
_reflns_shell.pdbx_Rrim_I_all 
_reflns_shell.pdbx_Rpim_I_all 
_reflns_shell.pdbx_rejects 
_reflns_shell.pdbx_ordinal 
_reflns_shell.pdbx_diffrn_id 
_reflns_shell.pdbx_CC_half 
_reflns_shell.pdbx_CC_star 
_reflns_shell.pdbx_R_split 
_reflns_shell.pdbx_percent_possible_ellipsoidal 
_reflns_shell.pdbx_percent_possible_spherical 
_reflns_shell.pdbx_percent_possible_ellipsoidal_anomalous 
_reflns_shell.pdbx_percent_possible_spherical_anomalous 
_reflns_shell.pdbx_redundancy_anomalous 
_reflns_shell.pdbx_CC_half_anomalous 
_reflns_shell.pdbx_absDiff_over_sigma_anomalous 
_reflns_shell.pdbx_percent_possible_anomalous 
1.560 1.600 ? ? ? ? ? ? 917 100.000 ? ? ? ? 0.405 ? ? ? ? ? ? ? ? 9.700  ? 1.235 ? ? 0.427 0.134 ? 1 1 0.947 ? ? ? ? ? ? ? ? ? ? 
1.600 1.640 ? ? ? ? ? ? 888 100.000 ? ? ? ? 0.400 ? ? ? ? ? ? ? ? 10.900 ? 1.248 ? ? 0.420 0.126 ? 2 1 0.946 ? ? ? ? ? ? ? ? ? ? 
1.640 1.680 ? ? ? ? ? ? 928 100.000 ? ? ? ? 0.372 ? ? ? ? ? ? ? ? 11.200 ? 1.220 ? ? 0.389 0.114 ? 3 1 0.954 ? ? ? ? ? ? ? ? ? ? 
1.680 1.730 ? ? ? ? ? ? 884 100.000 ? ? ? ? 0.354 ? ? ? ? ? ? ? ? 11.400 ? 1.235 ? ? 0.370 0.108 ? 4 1 0.965 ? ? ? ? ? ? ? ? ? ? 
# 
_refine.aniso_B[1][1]                            ? 
_refine.aniso_B[1][2]                            ? 
_refine.aniso_B[1][3]                            ? 
_refine.aniso_B[2][2]                            ? 
_refine.aniso_B[2][3]                            ? 
_refine.aniso_B[3][3]                            ? 
_refine.B_iso_max                                71.440 
_refine.B_iso_mean                               15.9402 
_refine.B_iso_min                                5.200 
_refine.correlation_coeff_Fo_to_Fc               ? 
_refine.correlation_coeff_Fo_to_Fc_free          ? 
_refine.details                                  ? 
_refine.diff_density_max                         ? 
_refine.diff_density_max_esd                     ? 
_refine.diff_density_min                         ? 
_refine.diff_density_min_esd                     ? 
_refine.diff_density_rms                         ? 
_refine.diff_density_rms_esd                     ? 
_refine.entry_id                                 7Y5R 
_refine.pdbx_refine_id                           'X-RAY DIFFRACTION' 
_refine.ls_abs_structure_details                 ? 
_refine.ls_abs_structure_Flack                   ? 
_refine.ls_abs_structure_Flack_esd               ? 
_refine.ls_abs_structure_Rogers                  ? 
_refine.ls_abs_structure_Rogers_esd              ? 
_refine.ls_d_res_high                            1.5620 
_refine.ls_d_res_low                             26.6400 
_refine.ls_extinction_coef                       ? 
_refine.ls_extinction_coef_esd                   ? 
_refine.ls_extinction_expression                 ? 
_refine.ls_extinction_method                     ? 
_refine.ls_goodness_of_fit_all                   ? 
_refine.ls_goodness_of_fit_all_esd               ? 
_refine.ls_goodness_of_fit_obs                   ? 
_refine.ls_goodness_of_fit_obs_esd               ? 
_refine.ls_hydrogen_treatment                    ? 
_refine.ls_matrix_type                           ? 
_refine.ls_number_constraints                    ? 
_refine.ls_number_parameters                     ? 
_refine.ls_number_reflns_all                     ? 
_refine.ls_number_reflns_obs                     13650 
_refine.ls_number_reflns_R_free                  707 
_refine.ls_number_reflns_R_work                  12943 
_refine.ls_number_restraints                     ? 
_refine.ls_percent_reflns_obs                    98.3600 
_refine.ls_percent_reflns_R_free                 5.1800 
_refine.ls_R_factor_all                          ? 
_refine.ls_R_factor_obs                          0.1398 
_refine.ls_R_factor_R_free                       0.1588 
_refine.ls_R_factor_R_free_error                 ? 
_refine.ls_R_factor_R_free_error_details         ? 
_refine.ls_R_factor_R_work                       0.1387 
_refine.ls_R_Fsqd_factor_obs                     ? 
_refine.ls_R_I_factor_obs                        ? 
_refine.ls_redundancy_reflns_all                 ? 
_refine.ls_redundancy_reflns_obs                 ? 
_refine.ls_restrained_S_all                      ? 
_refine.ls_restrained_S_obs                      ? 
_refine.ls_shift_over_esd_max                    ? 
_refine.ls_shift_over_esd_mean                   ? 
_refine.ls_structure_factor_coef                 ? 
_refine.ls_weighting_details                     ? 
_refine.ls_weighting_scheme                      ? 
_refine.ls_wR_factor_all                         ? 
_refine.ls_wR_factor_obs                         ? 
_refine.ls_wR_factor_R_free                      ? 
_refine.ls_wR_factor_R_work                      ? 
_refine.occupancy_max                            ? 
_refine.occupancy_min                            ? 
_refine.solvent_model_details                    'FLAT BULK SOLVENT MODEL' 
_refine.solvent_model_param_bsol                 ? 
_refine.solvent_model_param_ksol                 ? 
_refine.pdbx_R_complete                          ? 
_refine.ls_R_factor_gt                           ? 
_refine.ls_goodness_of_fit_gt                    ? 
_refine.ls_goodness_of_fit_ref                   ? 
_refine.ls_shift_over_su_max                     ? 
_refine.ls_shift_over_su_max_lt                  ? 
_refine.ls_shift_over_su_mean                    ? 
_refine.ls_shift_over_su_mean_lt                 ? 
_refine.pdbx_ls_sigma_I                          ? 
_refine.pdbx_ls_sigma_F                          1.390 
_refine.pdbx_ls_sigma_Fsqd                       ? 
_refine.pdbx_data_cutoff_high_absF               ? 
_refine.pdbx_data_cutoff_high_rms_absF           ? 
_refine.pdbx_data_cutoff_low_absF                ? 
_refine.pdbx_isotropic_thermal_model             ? 
_refine.pdbx_ls_cross_valid_method               THROUGHOUT 
_refine.pdbx_method_to_determine_struct          'MOLECULAR REPLACEMENT' 
_refine.pdbx_starting_model                      1VA9 
_refine.pdbx_stereochemistry_target_values       ML 
_refine.pdbx_R_Free_selection_details            ? 
_refine.pdbx_stereochem_target_val_spec_case     ? 
_refine.pdbx_overall_ESU_R                       ? 
_refine.pdbx_overall_ESU_R_Free                  ? 
_refine.pdbx_solvent_vdw_probe_radii             1.1100 
_refine.pdbx_solvent_ion_probe_radii             ? 
_refine.pdbx_solvent_shrinkage_radii             0.9000 
_refine.pdbx_real_space_R                        ? 
_refine.pdbx_density_correlation                 ? 
_refine.pdbx_pd_number_of_powder_patterns        ? 
_refine.pdbx_pd_number_of_points                 ? 
_refine.pdbx_pd_meas_number_of_points            ? 
_refine.pdbx_pd_proc_ls_prof_R_factor            ? 
_refine.pdbx_pd_proc_ls_prof_wR_factor           ? 
_refine.pdbx_pd_Marquardt_correlation_coeff      ? 
_refine.pdbx_pd_Fsqrd_R_factor                   ? 
_refine.pdbx_pd_ls_matrix_band_width             ? 
_refine.pdbx_overall_phase_error                 15.6000 
_refine.pdbx_overall_SU_R_free_Cruickshank_DPI   ? 
_refine.pdbx_overall_SU_R_free_Blow_DPI          ? 
_refine.pdbx_overall_SU_R_Blow_DPI               ? 
_refine.pdbx_TLS_residual_ADP_flag               ? 
_refine.pdbx_diffrn_id                           1 
_refine.overall_SU_B                             ? 
_refine.overall_SU_ML                            0.1200 
_refine.overall_SU_R_Cruickshank_DPI             ? 
_refine.overall_SU_R_free                        ? 
_refine.overall_FOM_free_R_set                   ? 
_refine.overall_FOM_work_R_set                   ? 
_refine.pdbx_average_fsc_overall                 ? 
_refine.pdbx_average_fsc_work                    ? 
_refine.pdbx_average_fsc_free                    ? 
# 
_refine_hist.pdbx_refine_id                   'X-RAY DIFFRACTION' 
_refine_hist.cycle_id                         final 
_refine_hist.details                          ? 
_refine_hist.d_res_high                       1.5620 
_refine_hist.d_res_low                        26.6400 
_refine_hist.number_atoms_solvent             162 
_refine_hist.number_atoms_total               1015 
_refine_hist.number_reflns_all                ? 
_refine_hist.number_reflns_obs                ? 
_refine_hist.number_reflns_R_free             ? 
_refine_hist.number_reflns_R_work             ? 
_refine_hist.R_factor_all                     ? 
_refine_hist.R_factor_obs                     ? 
_refine_hist.R_factor_R_free                  ? 
_refine_hist.R_factor_R_work                  ? 
_refine_hist.pdbx_number_residues_total       105 
_refine_hist.pdbx_B_iso_mean_ligand           38.40 
_refine_hist.pdbx_B_iso_mean_solvent          26.79 
_refine_hist.pdbx_number_atoms_protein        812 
_refine_hist.pdbx_number_atoms_nucleic_acid   0 
_refine_hist.pdbx_number_atoms_ligand         41 
_refine_hist.pdbx_number_atoms_lipid          ? 
_refine_hist.pdbx_number_atoms_carb           ? 
_refine_hist.pdbx_pseudo_atom_details         ? 
# 
loop_
_refine_ls_shell.pdbx_refine_id 
_refine_ls_shell.d_res_high 
_refine_ls_shell.d_res_low 
_refine_ls_shell.number_reflns_all 
_refine_ls_shell.number_reflns_obs 
_refine_ls_shell.number_reflns_R_free 
_refine_ls_shell.number_reflns_R_work 
_refine_ls_shell.percent_reflns_obs 
_refine_ls_shell.percent_reflns_R_free 
_refine_ls_shell.R_factor_all 
_refine_ls_shell.R_factor_obs 
_refine_ls_shell.R_factor_R_free 
_refine_ls_shell.R_factor_R_free_error 
_refine_ls_shell.R_factor_R_work 
_refine_ls_shell.redundancy_reflns_all 
_refine_ls_shell.redundancy_reflns_obs 
_refine_ls_shell.wR_factor_all 
_refine_ls_shell.wR_factor_obs 
_refine_ls_shell.wR_factor_R_free 
_refine_ls_shell.wR_factor_R_work 
_refine_ls_shell.pdbx_R_complete 
_refine_ls_shell.pdbx_total_number_of_bins_used 
_refine_ls_shell.pdbx_phase_error 
_refine_ls_shell.pdbx_fsc_work 
_refine_ls_shell.pdbx_fsc_free 
'X-RAY DIFFRACTION' 1.5620 1.6823 . . 126 2492 96.0000 . . . 0.1800 0.0000 0.1560 . . . . . . . . . . . 
'X-RAY DIFFRACTION' 1.6823 1.8515 . . 144 2507 98.0000 . . . 0.1735 0.0000 0.1365 . . . . . . . . . . . 
'X-RAY DIFFRACTION' 1.8515 2.1193 . . 152 2573 99.0000 . . . 0.1421 0.0000 0.1247 . . . . . . . . . . . 
# 
_struct.entry_id                     7Y5R 
_struct.title                        'Crystal structure of sDscam FNIII2 domain, isoform alpha7' 
_struct.pdbx_model_details           ? 
_struct.pdbx_formula_weight          ? 
_struct.pdbx_formula_weight_method   ? 
_struct.pdbx_model_type_details      ? 
_struct.pdbx_CASP_flag               N 
# 
_struct_keywords.entry_id        7Y5R 
_struct_keywords.text            'cell surface receptor, CELL ADHESION' 
_struct_keywords.pdbx_keywords   'CELL ADHESION' 
# 
loop_
_struct_asym.id 
_struct_asym.pdbx_blank_PDB_chainid_flag 
_struct_asym.pdbx_modified 
_struct_asym.entity_id 
_struct_asym.details 
A N N 1 ? 
B N N 2 ? 
C N N 2 ? 
D N N 2 ? 
E N N 3 ? 
# 
_struct_conf.conf_type_id            HELX_P 
_struct_conf.id                      HELX_P1 
_struct_conf.pdbx_PDB_helix_id       AA1 
_struct_conf.beg_label_comp_id       LEU 
_struct_conf.beg_label_asym_id       A 
_struct_conf.beg_label_seq_id        30 
_struct_conf.pdbx_beg_PDB_ins_code   ? 
_struct_conf.end_label_comp_id       TRP 
_struct_conf.end_label_asym_id       A 
_struct_conf.end_label_seq_id        34 
_struct_conf.pdbx_end_PDB_ins_code   ? 
_struct_conf.beg_auth_comp_id        LEU 
_struct_conf.beg_auth_asym_id        A 
_struct_conf.beg_auth_seq_id         416 
_struct_conf.end_auth_comp_id        TRP 
_struct_conf.end_auth_asym_id        A 
_struct_conf.end_auth_seq_id         420 
_struct_conf.pdbx_PDB_helix_class    5 
_struct_conf.details                 ? 
_struct_conf.pdbx_PDB_helix_length   5 
# 
_struct_conf_type.id          HELX_P 
_struct_conf_type.criteria    ? 
_struct_conf_type.reference   ? 
# 
_struct_mon_prot_cis.pdbx_id                1 
_struct_mon_prot_cis.label_comp_id          ASN 
_struct_mon_prot_cis.label_seq_id           65 
_struct_mon_prot_cis.label_asym_id          A 
_struct_mon_prot_cis.label_alt_id           . 
_struct_mon_prot_cis.pdbx_PDB_ins_code      ? 
_struct_mon_prot_cis.auth_comp_id           ASN 
_struct_mon_prot_cis.auth_seq_id            451 
_struct_mon_prot_cis.auth_asym_id           A 
_struct_mon_prot_cis.pdbx_label_comp_id_2   PRO 
_struct_mon_prot_cis.pdbx_label_seq_id_2    66 
_struct_mon_prot_cis.pdbx_label_asym_id_2   A 
_struct_mon_prot_cis.pdbx_PDB_ins_code_2    ? 
_struct_mon_prot_cis.pdbx_auth_comp_id_2    PRO 
_struct_mon_prot_cis.pdbx_auth_seq_id_2     452 
_struct_mon_prot_cis.pdbx_auth_asym_id_2    A 
_struct_mon_prot_cis.pdbx_PDB_model_num     1 
_struct_mon_prot_cis.pdbx_omega_angle       3.26 
# 
loop_
_struct_sheet.id 
_struct_sheet.type 
_struct_sheet.number_strands 
_struct_sheet.details 
AA1 ? 3 ? 
AA2 ? 4 ? 
# 
loop_
_struct_sheet_order.sheet_id 
_struct_sheet_order.range_id_1 
_struct_sheet_order.range_id_2 
_struct_sheet_order.offset 
_struct_sheet_order.sense 
AA1 1 2 ? anti-parallel 
AA1 2 3 ? anti-parallel 
AA2 1 2 ? anti-parallel 
AA2 2 3 ? anti-parallel 
AA2 3 4 ? anti-parallel 
# 
loop_
_struct_sheet_range.sheet_id 
_struct_sheet_range.id 
_struct_sheet_range.beg_label_comp_id 
_struct_sheet_range.beg_label_asym_id 
_struct_sheet_range.beg_label_seq_id 
_struct_sheet_range.pdbx_beg_PDB_ins_code 
_struct_sheet_range.end_label_comp_id 
_struct_sheet_range.end_label_asym_id 
_struct_sheet_range.end_label_seq_id 
_struct_sheet_range.pdbx_end_PDB_ins_code 
_struct_sheet_range.beg_auth_comp_id 
_struct_sheet_range.beg_auth_asym_id 
_struct_sheet_range.beg_auth_seq_id 
_struct_sheet_range.end_auth_comp_id 
_struct_sheet_range.end_auth_asym_id 
_struct_sheet_range.end_auth_seq_id 
AA1 1 THR A 10 ? GLY A 18  ? THR A 396 GLY A 404 
AA1 2 THR A 21 ? ARG A 27  ? THR A 407 ARG A 413 
AA1 3 GLU A 67 ? ILE A 71  ? GLU A 453 ILE A 457 
AA2 1 ARG A 55 ? GLU A 60  ? ARG A 441 GLU A 446 
AA2 2 GLY A 40 ? GLU A 47  ? GLY A 426 GLU A 433 
AA2 3 VAL A 79 ? PHE A 87  ? VAL A 465 PHE A 473 
AA2 4 VAL A 99 ? TYR A 102 ? VAL A 485 TYR A 488 
# 
loop_
_pdbx_struct_sheet_hbond.sheet_id 
_pdbx_struct_sheet_hbond.range_id_1 
_pdbx_struct_sheet_hbond.range_id_2 
_pdbx_struct_sheet_hbond.range_1_label_atom_id 
_pdbx_struct_sheet_hbond.range_1_label_comp_id 
_pdbx_struct_sheet_hbond.range_1_label_asym_id 
_pdbx_struct_sheet_hbond.range_1_label_seq_id 
_pdbx_struct_sheet_hbond.range_1_PDB_ins_code 
_pdbx_struct_sheet_hbond.range_1_auth_atom_id 
_pdbx_struct_sheet_hbond.range_1_auth_comp_id 
_pdbx_struct_sheet_hbond.range_1_auth_asym_id 
_pdbx_struct_sheet_hbond.range_1_auth_seq_id 
_pdbx_struct_sheet_hbond.range_2_label_atom_id 
_pdbx_struct_sheet_hbond.range_2_label_comp_id 
_pdbx_struct_sheet_hbond.range_2_label_asym_id 
_pdbx_struct_sheet_hbond.range_2_label_seq_id 
_pdbx_struct_sheet_hbond.range_2_PDB_ins_code 
_pdbx_struct_sheet_hbond.range_2_auth_atom_id 
_pdbx_struct_sheet_hbond.range_2_auth_comp_id 
_pdbx_struct_sheet_hbond.range_2_auth_asym_id 
_pdbx_struct_sheet_hbond.range_2_auth_seq_id 
AA1 1 2 N THR A 10 ? N THR A 396 O ARG A 27  ? O ARG A 413 
AA1 2 3 N VAL A 24 ? N VAL A 410 O LEU A 69  ? O LEU A 455 
AA2 1 2 O VAL A 59 ? O VAL A 445 N TYR A 41  ? N TYR A 427 
AA2 2 3 N GLY A 44 ? N GLY A 430 O VAL A 83  ? O VAL A 469 
AA2 3 4 N TYR A 80 ? N TYR A 466 O ALA A 101 ? O ALA A 487 
# 
_atom_sites.entry_id                    7Y5R 
_atom_sites.Cartn_transf_matrix[1][1]   ? 
_atom_sites.Cartn_transf_matrix[1][2]   ? 
_atom_sites.Cartn_transf_matrix[1][3]   ? 
_atom_sites.Cartn_transf_matrix[2][1]   ? 
_atom_sites.Cartn_transf_matrix[2][2]   ? 
_atom_sites.Cartn_transf_matrix[2][3]   ? 
_atom_sites.Cartn_transf_matrix[3][1]   ? 
_atom_sites.Cartn_transf_matrix[3][2]   ? 
_atom_sites.Cartn_transf_matrix[3][3]   ? 
_atom_sites.Cartn_transf_vector[1]      ? 
_atom_sites.Cartn_transf_vector[2]      ? 
_atom_sites.Cartn_transf_vector[3]      ? 
_atom_sites.fract_transf_matrix[1][1]   0.02465527 
_atom_sites.fract_transf_matrix[1][2]   0.01235694 
_atom_sites.fract_transf_matrix[1][3]   -0.02099049 
_atom_sites.fract_transf_matrix[2][1]   -0.00958779 
_atom_sites.fract_transf_matrix[2][2]   0.01603194 
_atom_sites.fract_transf_matrix[2][3]   -0.00182386 
_atom_sites.fract_transf_matrix[3][1]   0.00793670 
_atom_sites.fract_transf_matrix[3][2]   0.00622386 
_atom_sites.fract_transf_matrix[3][3]   0.01298632 
_atom_sites.fract_transf_vector[1]      0.656138 
_atom_sites.fract_transf_vector[2]      0.835165 
_atom_sites.fract_transf_vector[3]      0.327348 
_atom_sites.solution_primary            ? 
_atom_sites.solution_secondary          ? 
_atom_sites.solution_hydrogens          ? 
_atom_sites.special_details             ? 
# 
loop_
_atom_type.symbol 
C 
H 
N 
O 
# 
loop_
_atom_site.group_PDB 
_atom_site.id 
_atom_site.type_symbol 
_atom_site.label_atom_id 
_atom_site.label_alt_id 
_atom_site.label_comp_id 
_atom_site.label_asym_id 
_atom_site.label_entity_id 
_atom_site.label_seq_id 
_atom_site.pdbx_PDB_ins_code 
_atom_site.Cartn_x 
_atom_site.Cartn_y 
_atom_site.Cartn_z 
_atom_site.occupancy 
_atom_site.B_iso_or_equiv 
_atom_site.pdbx_formal_charge 
_atom_site.auth_seq_id 
_atom_site.auth_comp_id 
_atom_site.auth_asym_id 
_atom_site.auth_atom_id 
_atom_site.pdbx_PDB_model_num 
ATOM   1    N N    . GLY A 1 1   ? 2.699   -20.885 -16.283 1.00 36.81 ? 387 GLY A N    1 
ATOM   2    C CA   . GLY A 1 1   ? 1.325   -20.916 -15.812 1.00 21.42 ? 387 GLY A CA   1 
ATOM   3    C C    . GLY A 1 1   ? 0.831   -19.572 -15.331 1.00 29.15 ? 387 GLY A C    1 
ATOM   4    O O    . GLY A 1 1   ? 1.332   -18.520 -15.735 1.00 27.43 ? 387 GLY A O    1 
ATOM   5    H HA2  . GLY A 1 1   ? 0.748   -21.209 -16.536 1.00 25.71 ? 387 GLY A HA2  1 
ATOM   6    H HA3  . GLY A 1 1   ? 1.255   -21.545 -15.078 1.00 25.71 ? 387 GLY A HA3  1 
ATOM   7    N N    . ALA A 1 2   ? -0.165  -19.608 -14.458 1.00 16.77 ? 388 ALA A N    1 
ATOM   8    C CA   . ALA A 1 2   ? -0.736  -18.399 -13.889 1.00 18.01 ? 388 ALA A CA   1 
ATOM   9    C C    . ALA A 1 2   ? 0.220   -17.832 -12.846 1.00 12.60 ? 388 ALA A C    1 
ATOM   10   O O    . ALA A 1 2   ? 0.720   -18.568 -11.992 1.00 15.30 ? 388 ALA A O    1 
ATOM   11   C CB   . ALA A 1 2   ? -2.093  -18.717 -13.268 1.00 15.32 ? 388 ALA A CB   1 
ATOM   12   H H    . ALA A 1 2   ? -0.534  -20.332 -14.175 1.00 20.13 ? 388 ALA A H    1 
ATOM   13   H HA   . ALA A 1 2   ? -0.868  -17.727 -14.576 1.00 21.62 ? 388 ALA A HA   1 
ATOM   14   H HB1  . ALA A 1 2   ? -2.468  -17.903 -12.895 1.00 18.39 ? 388 ALA A HB1  1 
ATOM   15   H HB2  . ALA A 1 2   ? -2.681  -19.066 -13.956 1.00 18.39 ? 388 ALA A HB2  1 
ATOM   16   H HB3  . ALA A 1 2   ? -1.973  -19.377 -12.568 1.00 18.39 ? 388 ALA A HB3  1 
ATOM   17   N N    . SER A 1 3   ? 0.464   -16.522 -12.912 1.00 13.00 ? 389 SER A N    1 
ATOM   18   C CA   . SER A 1 3   ? 1.421   -15.892 -12.011 1.00 11.34 ? 389 SER A CA   1 
ATOM   19   C C    . SER A 1 3   ? 0.946   -14.488 -11.657 1.00 12.41 ? 389 SER A C    1 
ATOM   20   O O    . SER A 1 3   ? 0.001   -13.955 -12.245 1.00 11.89 ? 389 SER A O    1 
ATOM   21   C CB   . SER A 1 3   ? 2.831   -15.841 -12.620 1.00 15.51 ? 389 SER A CB   1 
ATOM   22   O OG   . SER A 1 3   ? 2.816   -15.293 -13.925 1.00 19.43 ? 389 SER A OG   1 
ATOM   23   H H    . SER A 1 3   ? 0.088   -15.982 -13.466 1.00 15.61 ? 389 SER A H    1 
ATOM   24   H HA   . SER A 1 3   ? 1.455   -16.414 -11.194 1.00 13.61 ? 389 SER A HA   1 
ATOM   25   H HB2  . SER A 1 3   ? 3.396   -15.290 -12.055 1.00 18.62 ? 389 SER A HB2  1 
ATOM   26   H HB3  . SER A 1 3   ? 3.186   -16.743 -12.663 1.00 18.62 ? 389 SER A HB3  1 
ATOM   27   H HG   . SER A 1 3   ? 2.992   -15.888 -14.489 1.00 23.32 ? 389 SER A HG   1 
ATOM   28   N N    . ALA A 1 4   ? 1.636   -13.892 -10.690 1.00 12.59 ? 390 ALA A N    1 
ATOM   29   C CA   . ALA A 1 4   ? 1.251   -12.614 -10.117 1.00 11.74 ? 390 ALA A CA   1 
ATOM   30   C C    . ALA A 1 4   ? 1.510   -11.462 -11.081 1.00 10.74 ? 390 ALA A C    1 
ATOM   31   O O    . ALA A 1 4   ? 2.206   -11.615 -12.083 1.00 11.58 ? 390 ALA A O    1 
ATOM   32   C CB   . ALA A 1 4   ? 2.027   -12.387 -8.816  1.00 11.34 ? 390 ALA A CB   1 
ATOM   33   H H    . ALA A 1 4   ? 2.350   -14.219 -10.340 1.00 15.11 ? 390 ALA A H    1 
ATOM   34   H HA   . ALA A 1 4   ? 0.299   -12.633 -9.938  1.00 14.09 ? 390 ALA A HA   1 
ATOM   35   H HB1  . ALA A 1 4   ? 1.767   -11.531 -8.440  1.00 13.62 ? 390 ALA A HB1  1 
ATOM   36   H HB2  . ALA A 1 4   ? 1.816   -13.100 -8.194  1.00 13.62 ? 390 ALA A HB2  1 
ATOM   37   H HB3  . ALA A 1 4   ? 2.977   -12.386 -9.011  1.00 13.62 ? 390 ALA A HB3  1 
ATOM   38   N N    . PRO A 1 5   ? 0.954   -10.282 -10.793 1.00 9.85  ? 391 PRO A N    1 
ATOM   39   C CA   . PRO A 1 5   ? 1.310   -9.094  -11.578 1.00 8.89  ? 391 PRO A CA   1 
ATOM   40   C C    . PRO A 1 5   ? 2.811   -8.861  -11.551 1.00 9.88  ? 391 PRO A C    1 
ATOM   41   O O    . PRO A 1 5   ? 3.503   -9.250  -10.610 1.00 10.41 ? 391 PRO A O    1 
ATOM   42   C CB   . PRO A 1 5   ? 0.548   -7.960  -10.880 1.00 9.26  ? 391 PRO A CB   1 
ATOM   43   C CG   . PRO A 1 5   ? -0.562  -8.637  -10.149 1.00 10.44 ? 391 PRO A CG   1 
ATOM   44   C CD   . PRO A 1 5   ? -0.002  -9.970  -9.721  1.00 9.93  ? 391 PRO A CD   1 
ATOM   45   H HA   . PRO A 1 5   ? 1.003   -9.171  -12.495 1.00 10.67 ? 391 PRO A HA   1 
ATOM   46   H HB2  . PRO A 1 5   ? 1.137   -7.496  -10.265 1.00 11.11 ? 391 PRO A HB2  1 
ATOM   47   H HB3  . PRO A 1 5   ? 0.202   -7.338  -11.540 1.00 11.11 ? 391 PRO A HB3  1 
ATOM   48   H HG2  . PRO A 1 5   ? -0.822  -8.108  -9.379  1.00 12.54 ? 391 PRO A HG2  1 
ATOM   49   H HG3  . PRO A 1 5   ? -1.322  -8.756  -10.741 1.00 12.54 ? 391 PRO A HG3  1 
ATOM   50   H HD2  . PRO A 1 5   ? 0.447   -9.897  -8.864  1.00 11.93 ? 391 PRO A HD2  1 
ATOM   51   H HD3  . PRO A 1 5   ? -0.701  -10.641 -9.674  1.00 11.93 ? 391 PRO A HD3  1 
ATOM   52   N N    . ILE A 1 6   ? 3.317   -8.215  -12.603 1.00 9.18  ? 392 ILE A N    1 
ATOM   53   C CA   . ILE A 1 6   ? 4.755   -8.057  -12.798 1.00 7.95  ? 392 ILE A CA   1 
ATOM   54   C C    . ILE A 1 6   ? 5.225   -6.630  -12.539 1.00 12.04 ? 392 ILE A C    1 
ATOM   55   O O    . ILE A 1 6   ? 6.403   -6.322  -12.758 1.00 13.45 ? 392 ILE A O    1 
ATOM   56   C CB   . ILE A 1 6   ? 5.170   -8.524  -14.204 1.00 11.08 ? 392 ILE A CB   1 
ATOM   57   C CG1  . ILE A 1 6   ? 4.505   -7.668  -15.281 1.00 14.20 ? 392 ILE A CG1  1 
ATOM   58   C CG2  . ILE A 1 6   ? 4.804   -9.987  -14.384 1.00 15.10 ? 392 ILE A CG2  1 
ATOM   59   C CD1  . ILE A 1 6   ? 4.957   -7.994  -16.695 1.00 17.99 ? 392 ILE A CD1  1 
ATOM   60   H H    . ILE A 1 6   ? 2.840   -7.857  -13.223 1.00 11.02 ? 392 ILE A H    1 
ATOM   61   H HA   . ILE A 1 6   ? 5.206   -8.615  -12.145 1.00 9.54  ? 392 ILE A HA   1 
ATOM   62   H HB   . ILE A 1 6   ? 6.130   -8.424  -14.293 1.00 13.30 ? 392 ILE A HB   1 
ATOM   63   H HG12 . ILE A 1 6   ? 3.546   -7.802  -15.238 1.00 17.05 ? 392 ILE A HG12 1 
ATOM   64   H HG13 . ILE A 1 6   ? 4.718   -6.736  -15.112 1.00 17.05 ? 392 ILE A HG13 1 
ATOM   65   H HG21 . ILE A 1 6   ? 5.115   -10.285 -15.253 1.00 18.13 ? 392 ILE A HG21 1 
ATOM   66   H HG22 . ILE A 1 6   ? 5.230   -10.508 -13.685 1.00 18.13 ? 392 ILE A HG22 1 
ATOM   67   H HG23 . ILE A 1 6   ? 3.841   -10.081 -14.327 1.00 18.13 ? 392 ILE A HG23 1 
ATOM   68   H HD11 . ILE A 1 6   ? 4.525   -7.384  -17.314 1.00 21.59 ? 392 ILE A HD11 1 
ATOM   69   H HD12 . ILE A 1 6   ? 5.920   -7.894  -16.751 1.00 21.59 ? 392 ILE A HD12 1 
ATOM   70   H HD13 . ILE A 1 6   ? 4.707   -8.908  -16.904 1.00 21.59 ? 392 ILE A HD13 1 
ATOM   71   N N    . GLY A 1 7   ? 4.345   -5.754  -12.061 1.00 9.38  ? 393 GLY A N    1 
ATOM   72   C CA   . GLY A 1 7   ? 4.730   -4.395  -11.741 1.00 9.49  ? 393 GLY A CA   1 
ATOM   73   C C    . GLY A 1 7   ? 4.005   -3.912  -10.500 1.00 7.73  ? 393 GLY A C    1 
ATOM   74   O O    . GLY A 1 7   ? 3.004   -4.484  -10.075 1.00 8.40  ? 393 GLY A O    1 
ATOM   75   H H    . GLY A 1 7   ? 3.516   -5.929  -11.915 1.00 11.26 ? 393 GLY A H    1 
ATOM   76   H HA2  . GLY A 1 7   ? 5.686   -4.354  -11.580 1.00 11.40 ? 393 GLY A HA2  1 
ATOM   77   H HA3  . GLY A 1 7   ? 4.508   -3.808  -12.480 1.00 11.40 ? 393 GLY A HA3  1 
ATOM   78   N N    . ALA A 1 8   ? 4.520   -2.832  -9.940  1.00 10.03 ? 394 ALA A N    1 
ATOM   79   C CA   . ALA A 1 8   ? 4.033   -2.294  -8.683  1.00 8.35  ? 394 ALA A CA   1 
ATOM   80   C C    . ALA A 1 8   ? 2.910   -1.279  -8.912  1.00 8.28  ? 394 ALA A C    1 
ATOM   81   O O    . ALA A 1 8   ? 2.827   -0.677  -9.990  1.00 8.87  ? 394 ALA A O    1 
ATOM   82   C CB   . ALA A 1 8   ? 5.174   -1.614  -7.927  1.00 11.60 ? 394 ALA A CB   1 
ATOM   83   H H    . ALA A 1 8   ? 5.171   -2.379  -10.275 1.00 12.04 ? 394 ALA A H    1 
ATOM   84   H HA   . ALA A 1 8   ? 3.680   -3.016  -8.140  1.00 10.03 ? 394 ALA A HA   1 
ATOM   85   H HB1  . ALA A 1 8   ? 4.833   -1.263  -7.089  1.00 13.93 ? 394 ALA A HB1  1 
ATOM   86   H HB2  . ALA A 1 8   ? 5.870   -2.266  -7.752  1.00 13.93 ? 394 ALA A HB2  1 
ATOM   87   H HB3  . ALA A 1 8   ? 5.526   -0.891  -8.470  1.00 13.93 ? 394 ALA A HB3  1 
ATOM   88   N N    . PRO A 1 9   ? 2.040   -1.101  -7.913  1.00 8.03  ? 395 PRO A N    1 
ATOM   89   C CA   . PRO A 1 9   ? 1.116   0.042   -7.935  1.00 9.05  ? 395 PRO A CA   1 
ATOM   90   C C    . PRO A 1 9   ? 1.868   1.346   -8.111  1.00 8.37  ? 395 PRO A C    1 
ATOM   91   O O    . PRO A 1 9   ? 3.062   1.417   -7.811  1.00 10.56 ? 395 PRO A O    1 
ATOM   92   C CB   . PRO A 1 9   ? 0.434   -0.026  -6.563  1.00 8.31  ? 395 PRO A CB   1 
ATOM   93   C CG   . PRO A 1 9   ? 0.565   -1.446  -6.148  1.00 9.19  ? 395 PRO A CG   1 
ATOM   94   C CD   . PRO A 1 9   ? 1.878   -1.915  -6.694  1.00 9.24  ? 395 PRO A CD   1 
ATOM   95   H HA   . PRO A 1 9   ? 0.447   -0.061  -8.629  1.00 10.87 ? 395 PRO A HA   1 
ATOM   96   H HB2  . PRO A 1 9   ? 0.886   0.563   -5.938  1.00 9.98  ? 395 PRO A HB2  1 
ATOM   97   H HB3  . PRO A 1 9   ? -0.498  0.229   -6.644  1.00 9.98  ? 395 PRO A HB3  1 
ATOM   98   H HG2  . PRO A 1 9   ? 0.555   -1.504  -5.179  1.00 11.04 ? 395 PRO A HG2  1 
ATOM   99   H HG3  . PRO A 1 9   ? -0.166  -1.963  -6.519  1.00 11.04 ? 395 PRO A HG3  1 
ATOM   100  H HD2  . PRO A 1 9   ? 2.595   -1.743  -6.065  1.00 11.09 ? 395 PRO A HD2  1 
ATOM   101  H HD3  . PRO A 1 9   ? 1.845   -2.860  -6.909  1.00 11.09 ? 395 PRO A HD3  1 
ATOM   102  N N    . THR A 1 10  ? 1.180   2.383   -8.579  1.00 8.46  ? 396 THR A N    1 
ATOM   103  C CA   . THR A 1 10  ? 1.812   3.634   -8.961  1.00 8.63  ? 396 THR A CA   1 
ATOM   104  C C    . THR A 1 10  ? 1.267   4.800   -8.146  1.00 8.00  ? 396 THR A C    1 
ATOM   105  O O    . THR A 1 10  ? 0.207   4.713   -7.525  1.00 10.31 ? 396 THR A O    1 
ATOM   106  C CB   . THR A 1 10  ? 1.596   3.927   -10.457 1.00 11.48 ? 396 THR A CB   1 
ATOM   107  O OG1  . THR A 1 10  ? 0.196   3.952   -10.758 1.00 11.85 ? 396 THR A OG1  1 
ATOM   108  C CG2  . THR A 1 10  ? 2.262   2.865   -11.315 1.00 12.63 ? 396 THR A CG2  1 
ATOM   109  H H    . THR A 1 10  ? 0.326   2.382   -8.686  1.00 10.16 ? 396 THR A H    1 
ATOM   110  H HA   . THR A 1 10  ? 2.762   3.562   -8.776  1.00 10.36 ? 396 THR A HA   1 
ATOM   111  H HB   . THR A 1 10  ? 1.988   4.789   -10.665 1.00 13.78 ? 396 THR A HB   1 
ATOM   112  H HG1  . THR A 1 10  ? -0.094  3.168   -10.841 1.00 14.23 ? 396 THR A HG1  1 
ATOM   113  H HG21 . THR A 1 10  ? 2.117   3.059   -12.254 1.00 15.16 ? 396 THR A HG21 1 
ATOM   114  H HG22 . THR A 1 10  ? 3.215   2.847   -11.140 1.00 15.16 ? 396 THR A HG22 1 
ATOM   115  H HG23 . THR A 1 10  ? 1.888   1.992   -11.113 1.00 15.16 ? 396 THR A HG23 1 
ATOM   116  N N    . ASP A 1 11  ? 2.022   5.898   -8.148  1.00 10.09 ? 397 ASP A N    1 
ATOM   117  C CA   . ASP A 1 11  ? 1.576   7.168   -7.574  1.00 11.26 ? 397 ASP A CA   1 
ATOM   118  C C    . ASP A 1 11  ? 1.101   7.004   -6.132  1.00 9.24  ? 397 ASP A C    1 
ATOM   119  O O    . ASP A 1 11  ? 0.036   7.489   -5.737  1.00 12.17 ? 397 ASP A O    1 
ATOM   120  C CB   . ASP A 1 11  ? 0.476   7.791   -8.439  1.00 12.61 ? 397 ASP A CB   1 
ATOM   121  C CG   . ASP A 1 11  ? 1.024   8.477   -9.675  1.00 22.26 ? 397 ASP A CG   1 
ATOM   122  O OD1  . ASP A 1 11  ? 2.212   8.271   -9.993  1.00 22.88 ? 397 ASP A OD1  1 
ATOM   123  O OD2  . ASP A 1 11  ? 0.263   9.224   -10.327 1.00 28.24 ? 397 ASP A OD2  1 
ATOM   124  H H    . ASP A 1 11  ? 2.814   5.934   -8.481  1.00 12.12 ? 397 ASP A H    1 
ATOM   125  H HA   . ASP A 1 11  ? 2.336   7.770   -7.556  1.00 13.52 ? 397 ASP A HA   1 
ATOM   126  H HB2  . ASP A 1 11  ? -0.133  7.093   -8.727  1.00 15.14 ? 397 ASP A HB2  1 
ATOM   127  H HB3  . ASP A 1 11  ? -0.002  8.452   -7.915  1.00 15.14 ? 397 ASP A HB3  1 
ATOM   128  N N    . VAL A 1 12  ? 1.906   6.318   -5.334  1.00 9.60  ? 398 VAL A N    1 
ATOM   129  C CA   . VAL A 1 12  ? 1.567   6.116   -3.929  1.00 8.19  ? 398 VAL A CA   1 
ATOM   130  C C    . VAL A 1 12  ? 1.847   7.398   -3.166  1.00 9.04  ? 398 VAL A C    1 
ATOM   131  O O    . VAL A 1 12  ? 2.936   7.979   -3.275  1.00 11.35 ? 398 VAL A O    1 
ATOM   132  C CB   . VAL A 1 12  ? 2.347   4.940   -3.331  1.00 7.01  ? 398 VAL A CB   1 
ATOM   133  C CG1  . VAL A 1 12  ? 1.945   4.739   -1.872  1.00 10.86 ? 398 VAL A CG1  1 
ATOM   134  C CG2  . VAL A 1 12  ? 2.102   3.685   -4.127  1.00 10.34 ? 398 VAL A CG2  1 
ATOM   135  N N    . ASN A 1 13  ? 0.869   7.838   -2.378  1.00 8.92  ? 399 ASN A N    1 
ATOM   136  C CA   . ASN A 1 13  ? 1.019   8.996   -1.513  1.00 9.09  ? 399 ASN A CA   1 
ATOM   137  C C    . ASN A 1 13  ? 0.542   8.632   -0.118  1.00 8.57  ? 399 ASN A C    1 
ATOM   138  O O    . ASN A 1 13  ? -0.347  7.798   0.051   1.00 10.53 ? 399 ASN A O    1 
ATOM   139  C CB   . ASN A 1 13  ? 0.224   10.190  -2.039  1.00 12.79 ? 399 ASN A CB   1 
ATOM   140  C CG   . ASN A 1 13  ? 0.871   10.834  -3.241  1.00 23.97 ? 399 ASN A CG   1 
ATOM   141  O OD1  . ASN A 1 13  ? 0.468   10.595  -4.380  1.00 29.60 ? 399 ASN A OD1  1 
ATOM   142  N ND2  . ASN A 1 13  ? 1.887   11.650  -2.999  1.00 28.48 ? 399 ASN A ND2  1 
ATOM   143  H H    . ASN A 1 13  ? 0.094   7.471   -2.328  1.00 10.71 ? 399 ASN A H    1 
ATOM   144  H HA   . ASN A 1 13  ? 1.952   9.257   -1.464  1.00 10.92 ? 399 ASN A HA   1 
ATOM   145  H HB2  . ASN A 1 13  ? -0.662  9.892   -2.298  1.00 15.36 ? 399 ASN A HB2  1 
ATOM   146  H HB3  . ASN A 1 13  ? 0.156   10.859  -1.339  1.00 15.36 ? 399 ASN A HB3  1 
ATOM   147  H HD21 . ASN A 1 13  ? 2.288   12.041  -3.651  1.00 34.18 ? 399 ASN A HD21 1 
ATOM   148  H HD22 . ASN A 1 13  ? 2.143   11.788  -2.190  1.00 34.18 ? 399 ASN A HD22 1 
ATOM   149  N N    . VAL A 1 14  ? 1.146   9.274   0.886   1.00 9.35  ? 400 VAL A N    1 
ATOM   150  C CA   . VAL A 1 14  ? 0.783   9.067   2.285   1.00 7.24  ? 400 VAL A CA   1 
ATOM   151  C C    . VAL A 1 14  ? 0.704   10.437  2.946   1.00 10.95 ? 400 VAL A C    1 
ATOM   152  O O    . VAL A 1 14  ? 1.687   11.186  2.937   1.00 12.05 ? 400 VAL A O    1 
ATOM   153  C CB   . VAL A 1 14  ? 1.790   8.183   3.041   1.00 8.54  ? 400 VAL A CB   1 
ATOM   154  C CG1  . VAL A 1 14  ? 1.266   7.870   4.444   1.00 7.43  ? 400 VAL A CG1  1 
ATOM   155  C CG2  . VAL A 1 14  ? 2.082   6.913   2.259   1.00 14.70 ? 400 VAL A CG2  1 
ATOM   156  H H    . VAL A 1 14  ? 1.780   9.845   0.777   1.00 11.23 ? 400 VAL A H    1 
ATOM   157  H HA   . VAL A 1 14  ? -0.086  8.638   2.326   1.00 8.69  ? 400 VAL A HA   1 
ATOM   158  H HB   . VAL A 1 14  ? 2.628   8.662   3.136   1.00 10.25 ? 400 VAL A HB   1 
ATOM   159  H HG11 . VAL A 1 14  ? 1.895   7.284   4.893   1.00 8.92  ? 400 VAL A HG11 1 
ATOM   160  H HG12 . VAL A 1 14  ? 1.175   8.699   4.940   1.00 8.92  ? 400 VAL A HG12 1 
ATOM   161  H HG13 . VAL A 1 14  ? 0.403   7.433   4.368   1.00 8.92  ? 400 VAL A HG13 1 
ATOM   162  H HG21 . VAL A 1 14  ? 2.716   6.375   2.758   1.00 17.65 ? 400 VAL A HG21 1 
ATOM   163  H HG22 . VAL A 1 14  ? 1.255   6.421   2.137   1.00 17.65 ? 400 VAL A HG22 1 
ATOM   164  H HG23 . VAL A 1 14  ? 2.456   7.152   1.397   1.00 17.65 ? 400 VAL A HG23 1 
ATOM   165  N N    . GLU A 1 15  ? -0.447  10.759  3.534   1.00 9.03  ? 401 GLU A N    1 
ATOM   166  C CA   . GLU A 1 15  ? -0.708  12.054  4.134   1.00 9.42  ? 401 GLU A CA   1 
ATOM   167  C C    . GLU A 1 15  ? -1.047  11.876  5.611   1.00 10.48 ? 401 GLU A C    1 
ATOM   168  O O    . GLU A 1 15  ? -1.956  11.107  5.932   1.00 10.20 ? 401 GLU A O    1 
ATOM   169  C CB   . GLU A 1 15  ? -1.896  12.742  3.403   1.00 14.18 ? 401 GLU A CB   1 
ATOM   170  C CG   . GLU A 1 15  ? -2.290  14.092  3.980   1.00 14.98 ? 401 GLU A CG   1 
ATOM   171  C CD   . GLU A 1 15  ? -3.629  14.615  3.479   1.00 19.06 ? 401 GLU A CD   1 
ATOM   172  O OE1  . GLU A 1 15  ? -4.304  13.935  2.674   1.00 20.61 ? 401 GLU A OE1  1 
ATOM   173  O OE2  . GLU A 1 15  ? -4.018  15.726  3.904   1.00 21.57 ? 401 GLU A OE2  1 
ATOM   174  N N    . PRO A 1 16  ? -0.365  12.571  6.526   1.00 8.75  ? 402 PRO A N    1 
ATOM   175  C CA   . PRO A 1 16  ? -0.830  12.570  7.926   1.00 8.27  ? 402 PRO A CA   1 
ATOM   176  C C    . PRO A 1 16  ? -2.083  13.417  8.055   1.00 10.56 ? 402 PRO A C    1 
ATOM   177  O O    . PRO A 1 16  ? -2.118  14.562  7.595   1.00 11.74 ? 402 PRO A O    1 
ATOM   178  C CB   . PRO A 1 16  ? 0.350   13.171  8.701   1.00 13.33 ? 402 PRO A CB   1 
ATOM   179  C CG   . PRO A 1 16  ? 1.126   13.962  7.687   1.00 15.19 ? 402 PRO A CG   1 
ATOM   180  C CD   . PRO A 1 16  ? 0.770   13.487  6.307   1.00 11.71 ? 402 PRO A CD   1 
ATOM   181  H HA   . PRO A 1 16  ? -0.996  11.670  8.246   1.00 9.93  ? 402 PRO A HA   1 
ATOM   182  H HB2  . PRO A 1 16  ? 0.020   13.745  9.410   1.00 16.00 ? 402 PRO A HB2  1 
ATOM   183  H HB3  . PRO A 1 16  ? 0.894   12.461  9.076   1.00 16.00 ? 402 PRO A HB3  1 
ATOM   184  H HG2  . PRO A 1 16  ? 0.898   14.900  7.782   1.00 18.23 ? 402 PRO A HG2  1 
ATOM   185  H HG3  . PRO A 1 16  ? 2.073   13.832  7.848   1.00 18.23 ? 402 PRO A HG3  1 
ATOM   186  H HD2  . PRO A 1 16  ? 0.505   14.233  5.746   1.00 14.05 ? 402 PRO A HD2  1 
ATOM   187  H HD3  . PRO A 1 16  ? 1.516   13.017  5.903   1.00 14.05 ? 402 PRO A HD3  1 
ATOM   188  N N    . ILE A 1 17  ? -3.123  12.849  8.666   1.00 10.20 ? 403 ILE A N    1 
ATOM   189  C CA   . ILE A 1 17  ? -4.387  13.566  8.799   1.00 9.60  ? 403 ILE A CA   1 
ATOM   190  C C    . ILE A 1 17  ? -4.759  13.798  10.269  1.00 10.46 ? 403 ILE A C    1 
ATOM   191  O O    . ILE A 1 17  ? -5.894  14.147  10.570  1.00 12.57 ? 403 ILE A O    1 
ATOM   192  C CB   . ILE A 1 17  ? -5.525  12.857  8.044   1.00 10.45 ? 403 ILE A CB   1 
ATOM   193  C CG1  . ILE A 1 17  ? -5.725  11.412  8.511   1.00 9.62  ? 403 ILE A CG1  1 
ATOM   194  C CG2  . ILE A 1 17  ? -5.252  12.904  6.538   1.00 10.41 ? 403 ILE A CG2  1 
ATOM   195  C CD1  . ILE A 1 17  ? -6.995  10.755  7.952   1.00 12.78 ? 403 ILE A CD1  1 
ATOM   196  H H    . ILE A 1 17  ? -3.118  12.059  9.005   1.00 12.24 ? 403 ILE A H    1 
ATOM   197  H HA   . ILE A 1 17  ? -4.265  14.439  8.393   1.00 11.53 ? 403 ILE A HA   1 
ATOM   198  H HB   . ILE A 1 17  ? -6.347  13.332  8.244   1.00 12.55 ? 403 ILE A HB   1 
ATOM   199  H HG12 . ILE A 1 17  ? -4.965  10.883  8.223   1.00 11.55 ? 403 ILE A HG12 1 
ATOM   200  H HG13 . ILE A 1 17  ? -5.787  11.402  9.479   1.00 11.55 ? 403 ILE A HG13 1 
ATOM   201  H HG21 . ILE A 1 17  ? -5.994  12.489  6.070   1.00 12.50 ? 403 ILE A HG21 1 
ATOM   202  H HG22 . ILE A 1 17  ? -5.162  13.829  6.261   1.00 12.50 ? 403 ILE A HG22 1 
ATOM   203  H HG23 . ILE A 1 17  ? -4.432  12.422  6.350   1.00 12.50 ? 403 ILE A HG23 1 
ATOM   204  H HD11 . ILE A 1 17  ? -7.063  9.852   8.301   1.00 15.34 ? 403 ILE A HD11 1 
ATOM   205  H HD12 . ILE A 1 17  ? -7.767  11.275  8.225   1.00 15.34 ? 403 ILE A HD12 1 
ATOM   206  H HD13 . ILE A 1 17  ? -6.938  10.731  6.984   1.00 15.34 ? 403 ILE A HD13 1 
ATOM   207  N N    . GLY A 1 18  ? -3.792  13.649  11.175  1.00 9.94  ? 404 GLY A N    1 
ATOM   208  C CA   . GLY A 1 18  ? -4.034  13.850  12.590  1.00 10.74 ? 404 GLY A CA   1 
ATOM   209  C C    . GLY A 1 18  ? -4.550  12.601  13.271  1.00 11.15 ? 404 GLY A C    1 
ATOM   210  O O    . GLY A 1 18  ? -4.815  11.571  12.649  1.00 10.62 ? 404 GLY A O    1 
ATOM   211  H H    . GLY A 1 18  ? -2.983  13.429  10.988  1.00 11.93 ? 404 GLY A H    1 
ATOM   212  H HA2  . GLY A 1 18  ? -3.206  14.114  13.023  1.00 12.89 ? 404 GLY A HA2  1 
ATOM   213  H HA3  . GLY A 1 18  ? -4.690  14.556  12.707  1.00 12.89 ? 404 GLY A HA3  1 
ATOM   214  N N    . SER A 1 19  ? -4.704  12.707  14.589  1.00 9.58  ? 405 SER A N    1 
ATOM   215  C CA   . SER A 1 19  ? -5.199  11.601  15.406  1.00 8.17  ? 405 SER A CA   1 
ATOM   216  C C    . SER A 1 19  ? -4.469  10.295  15.088  1.00 9.07  ? 405 SER A C    1 
ATOM   217  O O    . SER A 1 19  ? -5.079  9.222   15.029  1.00 9.91  ? 405 SER A O    1 
ATOM   218  C CB   . SER A 1 19  ? -6.706  11.417  15.221  1.00 11.49 ? 405 SER A CB   1 
ATOM   219  O OG   . SER A 1 19  ? -7.386  12.667  15.297  1.00 14.12 ? 405 SER A OG   1 
ATOM   220  H H    . SER A 1 19  ? -4.528  13.417  15.039  1.00 11.51 ? 405 SER A H    1 
ATOM   221  H HA   . SER A 1 19  ? -5.021  11.820  16.335  1.00 9.81  ? 405 SER A HA   1 
ATOM   222  H HB2  . SER A 1 19  ? -6.871  11.022  14.352  1.00 13.79 ? 405 SER A HB2  1 
ATOM   223  H HB3  . SER A 1 19  ? -7.040  10.833  15.920  1.00 13.79 ? 405 SER A HB3  1 
ATOM   224  H HG   . SER A 1 19  ? -8.203  12.561  15.131  1.00 16.95 ? 405 SER A HG   1 
ATOM   225  N N    . ARG A 1 20  ? -3.146  10.377  14.918  1.00 7.47  ? 406 ARG A N    1 
ATOM   226  C CA   . ARG A 1 20  ? -2.295  9.200   14.702  1.00 7.49  ? 406 ARG A CA   1 
ATOM   227  C C    . ARG A 1 20  ? -2.826  8.340   13.559  1.00 8.31  ? 406 ARG A C    1 
ATOM   228  O O    . ARG A 1 20  ? -2.817  7.106   13.615  1.00 10.03 ? 406 ARG A O    1 
ATOM   229  C CB   . ARG A 1 20  ? -2.153  8.392   15.994  1.00 9.52  ? 406 ARG A CB   1 
ATOM   230  C CG   . ARG A 1 20  ? -1.577  9.227   17.122  1.00 8.75  ? 406 ARG A CG   1 
ATOM   231  C CD   . ARG A 1 20  ? -1.468  8.488   18.434  1.00 9.56  ? 406 ARG A CD   1 
ATOM   232  N NE   . ARG A 1 20  ? -1.287  9.462   19.505  1.00 13.63 ? 406 ARG A NE   1 
ATOM   233  C CZ   . ARG A 1 20  ? -1.321  9.191   20.803  1.00 15.46 ? 406 ARG A CZ   1 
ATOM   234  N NH1  . ARG A 1 20  ? -1.512  7.952   21.228  1.00 18.59 ? 406 ARG A NH1  1 
ATOM   235  N NH2  . ARG A 1 20  ? -1.154  10.176  21.678  1.00 18.89 ? 406 ARG A NH2  1 
ATOM   236  H H    . ARG A 1 20  ? -2.708  11.117  14.922  1.00 8.97  ? 406 ARG A H    1 
ATOM   237  H HA   . ARG A 1 20  ? -1.409  9.499   14.443  1.00 9.00  ? 406 ARG A HA   1 
ATOM   238  H HB2  . ARG A 1 20  ? -3.028  8.072   16.268  1.00 11.44 ? 406 ARG A HB2  1 
ATOM   239  H HB3  . ARG A 1 20  ? -1.560  7.640   15.838  1.00 11.44 ? 406 ARG A HB3  1 
ATOM   240  H HG2  . ARG A 1 20  ? -0.685  9.516   16.872  1.00 10.51 ? 406 ARG A HG2  1 
ATOM   241  H HG3  . ARG A 1 20  ? -2.148  9.997   17.264  1.00 10.51 ? 406 ARG A HG3  1 
ATOM   242  H HD2  . ARG A 1 20  ? -2.280  7.984   18.598  1.00 11.48 ? 406 ARG A HD2  1 
ATOM   243  H HD3  . ARG A 1 20  ? -0.705  7.891   18.415  1.00 11.48 ? 406 ARG A HD3  1 
ATOM   244  H HE   . ARG A 1 20  ? -1.147  10.279  19.276  1.00 16.36 ? 406 ARG A HE   1 
ATOM   245  H HH11 . ARG A 1 20  ? -1.615  7.314   20.662  1.00 22.32 ? 406 ARG A HH11 1 
ATOM   246  H HH12 . ARG A 1 20  ? -1.532  7.785   22.072  1.00 22.32 ? 406 ARG A HH12 1 
ATOM   247  H HH21 . ARG A 1 20  ? -1.025  10.980  21.401  1.00 22.67 ? 406 ARG A HH21 1 
ATOM   248  H HH22 . ARG A 1 20  ? -1.174  10.010  22.521  1.00 22.67 ? 406 ARG A HH22 1 
ATOM   249  N N    . THR A 1 21  ? -3.274  9.011   12.498  1.00 7.85  ? 407 THR A N    1 
ATOM   250  C CA   . THR A 1 21  ? -3.860  8.368   11.331  1.00 7.87  ? 407 THR A CA   1 
ATOM   251  C C    . THR A 1 21  ? -3.141  8.834   10.077  1.00 7.45  ? 407 THR A C    1 
ATOM   252  O O    . THR A 1 21  ? -2.818  10.020  9.939   1.00 8.65  ? 407 THR A O    1 
ATOM   253  C CB   . THR A 1 21  ? -5.357  8.695   11.215  1.00 9.06  ? 407 THR A CB   1 
ATOM   254  O OG1  . THR A 1 21  ? -6.026  8.322   12.425  1.00 9.99  ? 407 THR A OG1  1 
ATOM   255  C CG2  . THR A 1 21  ? -6.009  7.954   10.053  1.00 9.21  ? 407 THR A CG2  1 
ATOM   256  H H    . THR A 1 21  ? -3.247  9.867   12.432  1.00 9.43  ? 407 THR A H    1 
ATOM   257  H HA   . THR A 1 21  ? -3.757  7.406   11.404  1.00 9.45  ? 407 THR A HA   1 
ATOM   258  H HB   . THR A 1 21  ? -5.451  9.648   11.055  1.00 10.88 ? 407 THR A HB   1 
ATOM   259  H HG1  . THR A 1 21  ? -5.715  8.761   13.071  1.00 12.00 ? 407 THR A HG1  1 
ATOM   260  H HG21 . THR A 1 21  ? -6.957  8.158   10.019  1.00 11.06 ? 407 THR A HG21 1 
ATOM   261  H HG22 . THR A 1 21  ? -5.600  8.223   9.217   1.00 11.06 ? 407 THR A HG22 1 
ATOM   262  H HG23 . THR A 1 21  ? -5.898  6.997   10.165  1.00 11.06 ? 407 THR A HG23 1 
ATOM   263  N N    . LEU A 1 22  ? -2.910  7.895   9.160   1.00 7.29  ? 408 LEU A N    1 
ATOM   264  C CA   . LEU A 1 22  ? -2.333  8.171   7.852   1.00 8.09  ? 408 LEU A CA   1 
ATOM   265  C C    . LEU A 1 22  ? -3.339  7.844   6.762   1.00 8.62  ? 408 LEU A C    1 
ATOM   266  O O    . LEU A 1 22  ? -4.059  6.842   6.849   1.00 10.32 ? 408 LEU A O    1 
ATOM   267  C CB   . LEU A 1 22  ? -1.064  7.345   7.621   1.00 10.96 ? 408 LEU A CB   1 
ATOM   268  C CG   . LEU A 1 22  ? 0.065   7.551   8.623   1.00 7.55  ? 408 LEU A CG   1 
ATOM   269  C CD1  . LEU A 1 22  ? 1.217   6.602   8.304   1.00 10.98 ? 408 LEU A CD1  1 
ATOM   270  C CD2  . LEU A 1 22  ? 0.535   9.001   8.621   1.00 12.08 ? 408 LEU A CD2  1 
ATOM   271  H H    . LEU A 1 22  ? -3.087  7.062   9.280   1.00 8.75  ? 408 LEU A H    1 
ATOM   272  H HA   . LEU A 1 22  ? -2.109  9.113   7.799   1.00 9.71  ? 408 LEU A HA   1 
ATOM   273  H HB2  . LEU A 1 22  ? -1.307  6.406   7.650   1.00 13.16 ? 408 LEU A HB2  1 
ATOM   274  H HB3  . LEU A 1 22  ? -0.714  7.569   6.744   1.00 13.16 ? 408 LEU A HB3  1 
ATOM   275  H HG   . LEU A 1 22  ? -0.256  7.355   9.517   1.00 9.06  ? 408 LEU A HG   1 
ATOM   276  H HD11 . LEU A 1 22  ? 1.924   6.735   8.954   1.00 13.18 ? 408 LEU A HD11 1 
ATOM   277  H HD12 . LEU A 1 22  ? 0.894   5.688   8.348   1.00 13.18 ? 408 LEU A HD12 1 
ATOM   278  H HD13 . LEU A 1 22  ? 1.546   6.794   7.412   1.00 13.18 ? 408 LEU A HD13 1 
ATOM   279  H HD21 . LEU A 1 22  ? 1.273   9.095   9.245   1.00 14.50 ? 408 LEU A HD21 1 
ATOM   280  H HD22 . LEU A 1 22  ? 0.824   9.238   7.727   1.00 14.50 ? 408 LEU A HD22 1 
ATOM   281  H HD23 . LEU A 1 22  ? -0.201  9.571   8.893   1.00 14.50 ? 408 LEU A HD23 1 
ATOM   282  N N    . LYS A 1 23  ? -3.377  8.682   5.729   1.00 8.75  ? 409 LYS A N    1 
ATOM   283  C CA   . LYS A 1 23  ? -4.234  8.486   4.562   1.00 7.13  ? 409 LYS A CA   1 
ATOM   284  C C    . LYS A 1 23  ? -3.353  8.049   3.397   1.00 8.41  ? 409 LYS A C    1 
ATOM   285  O O    . LYS A 1 23  ? -2.511  8.820   2.928   1.00 8.91  ? 409 LYS A O    1 
ATOM   286  C CB   . LYS A 1 23  ? -4.987  9.767   4.218   1.00 8.75  ? 409 LYS A CB   1 
ATOM   287  C CG   . LYS A 1 23  ? -5.992  9.645   3.094   1.00 12.76 ? 409 LYS A CG   1 
ATOM   288  C CD   . LYS A 1 23  ? -6.872  10.895  3.062   1.00 14.62 ? 409 LYS A CD   1 
ATOM   289  C CE   . LYS A 1 23  ? -7.957  10.804  2.011   1.00 25.07 ? 409 LYS A CE   1 
ATOM   290  N NZ   . LYS A 1 23  ? -8.701  12.093  1.951   1.00 19.64 ? 409 LYS A NZ   1 
ATOM   291  H H    . LYS A 1 23  ? -2.898  9.394   5.679   1.00 10.51 ? 409 LYS A H    1 
ATOM   292  H HA   . LYS A 1 23  ? -4.882  7.788   4.749   1.00 8.56  ? 409 LYS A HA   1 
ATOM   293  H HB2  . LYS A 1 23  ? -5.469  10.060  5.006   1.00 10.51 ? 409 LYS A HB2  1 
ATOM   294  H HB3  . LYS A 1 23  ? -4.340  10.440  3.954   1.00 10.51 ? 409 LYS A HB3  1 
ATOM   295  H HG2  . LYS A 1 23  ? -5.529  9.566   2.245   1.00 15.32 ? 409 LYS A HG2  1 
ATOM   296  H HG3  . LYS A 1 23  ? -6.555  8.869   3.239   1.00 15.32 ? 409 LYS A HG3  1 
ATOM   297  H HD2  . LYS A 1 23  ? -7.298  11.007  3.927   1.00 17.55 ? 409 LYS A HD2  1 
ATOM   298  H HD3  . LYS A 1 23  ? -6.321  11.667  2.861   1.00 17.55 ? 409 LYS A HD3  1 
ATOM   299  H HE2  . LYS A 1 23  ? -7.560  10.632  1.143   1.00 30.09 ? 409 LYS A HE2  1 
ATOM   300  H HE3  . LYS A 1 23  ? -8.577  10.094  2.239   1.00 30.09 ? 409 LYS A HE3  1 
ATOM   301  H HZ1  . LYS A 1 23  ? -9.422  12.005  1.437   1.00 23.58 ? 409 LYS A HZ1  1 
ATOM   302  H HZ2  . LYS A 1 23  ? -8.958  12.335  2.769   1.00 23.58 ? 409 LYS A HZ2  1 
ATOM   303  H HZ3  . LYS A 1 23  ? -8.180  12.731  1.613   1.00 23.58 ? 409 LYS A HZ3  1 
ATOM   304  N N    . VAL A 1 24  ? -3.538  6.817   2.939   1.00 6.95  ? 410 VAL A N    1 
ATOM   305  C CA   . VAL A 1 24  ? -2.735  6.232   1.869   1.00 7.06  ? 410 VAL A CA   1 
ATOM   306  C C    . VAL A 1 24  ? -3.566  6.209   0.599   1.00 6.70  ? 410 VAL A C    1 
ATOM   307  O O    . VAL A 1 24  ? -4.706  5.737   0.610   1.00 7.99  ? 410 VAL A O    1 
ATOM   308  C CB   . VAL A 1 24  ? -2.273  4.810   2.234   1.00 8.75  ? 410 VAL A CB   1 
ATOM   309  C CG1  . VAL A 1 24  ? -1.400  4.225   1.136   1.00 9.05  ? 410 VAL A CG1  1 
ATOM   310  C CG2  . VAL A 1 24  ? -1.549  4.814   3.572   1.00 8.25  ? 410 VAL A CG2  1 
ATOM   311  H H    . VAL A 1 24  ? -4.142  6.284   3.241   1.00 8.35  ? 410 VAL A H    1 
ATOM   312  H HA   . VAL A 1 24  ? -1.955  6.789   1.717   1.00 8.48  ? 410 VAL A HA   1 
ATOM   313  H HB   . VAL A 1 24  ? -3.052  4.240   2.320   1.00 10.50 ? 410 VAL A HB   1 
ATOM   314  H HG11 . VAL A 1 24  ? -1.102  3.343   1.406   1.00 10.87 ? 410 VAL A HG11 1 
ATOM   315  H HG12 . VAL A 1 24  ? -1.920  4.164   0.320   1.00 10.87 ? 410 VAL A HG12 1 
ATOM   316  H HG13 . VAL A 1 24  ? -0.635  4.805   0.998   1.00 10.87 ? 410 VAL A HG13 1 
ATOM   317  H HG21 . VAL A 1 24  ? -1.260  3.912   3.778   1.00 9.91  ? 410 VAL A HG21 1 
ATOM   318  H HG22 . VAL A 1 24  ? -0.779  5.402   3.513   1.00 9.91  ? 410 VAL A HG22 1 
ATOM   319  H HG23 . VAL A 1 24  ? -2.156  5.133   4.259   1.00 9.91  ? 410 VAL A HG23 1 
ATOM   320  N N    . THR A 1 25  ? -3.002  6.709   -0.497  1.00 9.05  ? 411 THR A N    1 
ATOM   321  C CA   . THR A 1 25  ? -3.662  6.660   -1.793  1.00 8.36  ? 411 THR A CA   1 
ATOM   322  C C    . THR A 1 25  ? -2.697  6.096   -2.827  1.00 7.61  ? 411 THR A C    1 
ATOM   323  O O    . THR A 1 25  ? -1.476  6.259   -2.714  1.00 8.67  ? 411 THR A O    1 
ATOM   324  C CB   . THR A 1 25  ? -4.169  8.043   -2.233  1.00 9.63  ? 411 THR A CB   1 
ATOM   325  O OG1  . THR A 1 25  ? -3.108  8.995   -2.182  1.00 12.46 ? 411 THR A OG1  1 
ATOM   326  C CG2  . THR A 1 25  ? -5.289  8.527   -1.334  1.00 9.71  ? 411 THR A CG2  1 
ATOM   327  H H    . THR A 1 25  ? -2.228  7.084   -0.513  1.00 10.86 ? 411 THR A H    1 
ATOM   328  H HA   . THR A 1 25  ? -4.433  6.071   -1.744  1.00 10.04 ? 411 THR A HA   1 
ATOM   329  H HB   . THR A 1 25  ? -4.506  7.970   -3.140  1.00 11.56 ? 411 THR A HB   1 
ATOM   330  H HG1  . THR A 1 25  ? -2.367  8.599   -2.192  1.00 14.95 ? 411 THR A HG1  1 
ATOM   331  H HG21 . THR A 1 25  ? -5.590  9.403   -1.622  1.00 11.66 ? 411 THR A HG21 1 
ATOM   332  H HG22 . THR A 1 25  ? -6.035  7.909   -1.372  1.00 11.66 ? 411 THR A HG22 1 
ATOM   333  H HG23 . THR A 1 25  ? -4.976  8.587   -0.418  1.00 11.66 ? 411 THR A HG23 1 
ATOM   334  N N    . TRP A 1 26  ? -3.245  5.414   -3.828  1.00 7.09  ? 412 TRP A N    1 
ATOM   335  C CA   . TRP A 1 26  ? -2.408  4.840   -4.874  1.00 8.50  ? 412 TRP A CA   1 
ATOM   336  C C    . TRP A 1 26  ? -3.251  4.548   -6.107  1.00 8.71  ? 412 TRP A C    1 
ATOM   337  O O    . TRP A 1 26  ? -4.481  4.557   -6.067  1.00 8.26  ? 412 TRP A O    1 
ATOM   338  C CB   . TRP A 1 26  ? -1.707  3.563   -4.381  1.00 8.21  ? 412 TRP A CB   1 
ATOM   339  C CG   . TRP A 1 26  ? -2.642  2.412   -4.134  1.00 7.69  ? 412 TRP A CG   1 
ATOM   340  C CD1  . TRP A 1 26  ? -2.952  1.404   -5.001  1.00 8.29  ? 412 TRP A CD1  1 
ATOM   341  C CD2  . TRP A 1 26  ? -3.376  2.151   -2.934  1.00 6.64  ? 412 TRP A CD2  1 
ATOM   342  N NE1  . TRP A 1 26  ? -3.849  0.539   -4.419  1.00 8.55  ? 412 TRP A NE1  1 
ATOM   343  C CE2  . TRP A 1 26  ? -4.116  0.971   -3.144  1.00 6.54  ? 412 TRP A CE2  1 
ATOM   344  C CE3  . TRP A 1 26  ? -3.478  2.802   -1.704  1.00 7.71  ? 412 TRP A CE3  1 
ATOM   345  C CZ2  . TRP A 1 26  ? -4.961  0.433   -2.167  1.00 7.93  ? 412 TRP A CZ2  1 
ATOM   346  C CZ3  . TRP A 1 26  ? -4.314  2.269   -0.739  1.00 8.34  ? 412 TRP A CZ3  1 
ATOM   347  C CH2  . TRP A 1 26  ? -5.042  1.092   -0.973  1.00 9.49  ? 412 TRP A CH2  1 
ATOM   348  H H    . TRP A 1 26  ? -4.088  5.272   -3.922  1.00 8.52  ? 412 TRP A H    1 
ATOM   349  H HA   . TRP A 1 26  ? -1.739  5.495   -5.125  1.00 10.21 ? 412 TRP A HA   1 
ATOM   350  H HB2  . TRP A 1 26  ? -1.065  3.282   -5.051  1.00 9.85  ? 412 TRP A HB2  1 
ATOM   351  H HB3  . TRP A 1 26  ? -1.252  3.759   -3.547  1.00 9.85  ? 412 TRP A HB3  1 
ATOM   352  H HD1  . TRP A 1 26  ? -2.608  1.315   -5.860  1.00 9.96  ? 412 TRP A HD1  1 
ATOM   353  H HE1  . TRP A 1 26  ? -4.187  -0.158  -4.794  1.00 10.26 ? 412 TRP A HE1  1 
ATOM   354  H HE3  . TRP A 1 26  ? -2.993  3.578   -1.537  1.00 9.25  ? 412 TRP A HE3  1 
ATOM   355  H HZ2  . TRP A 1 26  ? -5.450  -0.342  -2.323  1.00 9.53  ? 412 TRP A HZ2  1 
ATOM   356  H HZ3  . TRP A 1 26  ? -4.395  2.701   0.081   1.00 10.01 ? 412 TRP A HZ3  1 
ATOM   357  H HH2  . TRP A 1 26  ? -5.590  0.754   -0.303  1.00 11.40 ? 412 TRP A HH2  1 
ATOM   358  N N    . ARG A 1 27  ? -2.565  4.255   -7.199  1.00 9.78  ? 413 ARG A N    1 
ATOM   359  C CA   . ARG A 1 27  ? -3.169  3.914   -8.476  1.00 9.41  ? 413 ARG A CA   1 
ATOM   360  C C    . ARG A 1 27  ? -2.706  2.527   -8.895  1.00 9.58  ? 413 ARG A C    1 
ATOM   361  O O    . ARG A 1 27  ? -1.755  1.986   -8.321  1.00 8.83  ? 413 ARG A O    1 
ATOM   362  C CB   . ARG A 1 27  ? -2.798  4.961   -9.530  1.00 11.72 ? 413 ARG A CB   1 
ATOM   363  C CG   . ARG A 1 27  ? -3.118  6.389   -9.072  1.00 16.17 ? 413 ARG A CG   1 
ATOM   364  C CD   . ARG A 1 27  ? -2.971  7.432   -10.179 1.00 19.61 ? 413 ARG A CD   1 
ATOM   365  N NE   . ARG A 1 27  ? -3.429  8.737   -9.701  1.00 19.20 ? 413 ARG A NE   1 
ATOM   366  C CZ   . ARG A 1 27  ? -4.662  9.211   -9.850  1.00 16.76 ? 413 ARG A CZ   1 
ATOM   367  N NH1  . ARG A 1 27  ? -5.589  8.518   -10.493 1.00 22.51 ? 413 ARG A NH1  1 
ATOM   368  N NH2  . ARG A 1 27  ? -4.965  10.406  -9.362  1.00 31.47 ? 413 ARG A NH2  1 
ATOM   369  H H    . ARG A 1 27  ? -1.706  4.245   -7.226  1.00 11.74 ? 413 ARG A H    1 
ATOM   370  H HA   . ARG A 1 27  ? -4.137  3.897   -8.410  1.00 11.30 ? 413 ARG A HA   1 
ATOM   371  H HB2  . ARG A 1 27  ? -1.846  4.908   -9.709  1.00 14.08 ? 413 ARG A HB2  1 
ATOM   372  H HB3  . ARG A 1 27  ? -3.298  4.785   -10.342 1.00 14.08 ? 413 ARG A HB3  1 
ATOM   373  H HG2  . ARG A 1 27  ? -4.035  6.420   -8.757  1.00 19.41 ? 413 ARG A HG2  1 
ATOM   374  H HG3  . ARG A 1 27  ? -2.513  6.632   -8.355  1.00 19.41 ? 413 ARG A HG3  1 
ATOM   375  H HD2  . ARG A 1 27  ? -2.039  7.505   -10.438 1.00 23.54 ? 413 ARG A HD2  1 
ATOM   376  H HD3  . ARG A 1 27  ? -3.509  7.175   -10.944 1.00 23.54 ? 413 ARG A HD3  1 
ATOM   377  H HE   . ARG A 1 27  ? -2.858  9.235   -9.292  1.00 23.05 ? 413 ARG A HE   1 
ATOM   378  H HH11 . ARG A 1 27  ? -5.399  7.747   -10.823 1.00 27.02 ? 413 ARG A HH11 1 
ATOM   379  H HH12 . ARG A 1 27  ? -6.383  8.839   -10.581 1.00 27.02 ? 413 ARG A HH12 1 
ATOM   380  H HH21 . ARG A 1 27  ? -4.367  10.868  -8.953  1.00 37.77 ? 413 ARG A HH21 1 
ATOM   381  H HH22 . ARG A 1 27  ? -5.761  10.719  -9.455  1.00 37.77 ? 413 ARG A HH22 1 
ATOM   382  N N    . PRO A 1 28  ? -3.371  1.909   -9.867  1.00 9.06  ? 414 PRO A N    1 
ATOM   383  C CA   . PRO A 1 28  ? -3.018  0.532   -10.257 1.00 7.87  ? 414 PRO A CA   1 
ATOM   384  C C    . PRO A 1 28  ? -1.634  0.473   -10.877 1.00 7.90  ? 414 PRO A C    1 
ATOM   385  O O    . PRO A 1 28  ? -1.090  1.500   -11.307 1.00 8.32  ? 414 PRO A O    1 
ATOM   386  C CB   . PRO A 1 28  ? -4.104  0.164   -11.283 1.00 10.41 ? 414 PRO A CB   1 
ATOM   387  C CG   . PRO A 1 28  ? -5.204  1.183   -11.093 1.00 9.66  ? 414 PRO A CG   1 
ATOM   388  C CD   . PRO A 1 28  ? -4.513  2.429   -10.648 1.00 10.28 ? 414 PRO A CD   1 
ATOM   389  H HA   . PRO A 1 28  ? -3.063  -0.066  -9.495  1.00 9.45  ? 414 PRO A HA   1 
ATOM   390  H HB2  . PRO A 1 28  ? -3.739  0.215   -12.181 1.00 12.50 ? 414 PRO A HB2  1 
ATOM   391  H HB3  . PRO A 1 28  ? -4.430  -0.732  -11.107 1.00 12.50 ? 414 PRO A HB3  1 
ATOM   392  H HG2  . PRO A 1 28  ? -5.669  1.327   -11.933 1.00 11.60 ? 414 PRO A HG2  1 
ATOM   393  H HG3  . PRO A 1 28  ? -5.827  0.873   -10.418 1.00 11.60 ? 414 PRO A HG3  1 
ATOM   394  H HD2  . PRO A 1 28  ? -4.206  2.947   -11.409 1.00 12.34 ? 414 PRO A HD2  1 
ATOM   395  H HD3  . PRO A 1 28  ? -5.097  2.970   -10.092 1.00 12.34 ? 414 PRO A HD3  1 
ATOM   396  N N    . PRO A 1 29  ? -1.025  -0.713  -10.942 1.00 7.94  ? 415 PRO A N    1 
ATOM   397  C CA   . PRO A 1 29  ? 0.150   -0.884  -11.803 1.00 7.15  ? 415 PRO A CA   1 
ATOM   398  C C    . PRO A 1 29  ? -0.201  -0.529  -13.240 1.00 8.15  ? 415 PRO A C    1 
ATOM   399  O O    . PRO A 1 29  ? -1.369  -0.469  -13.621 1.00 9.36  ? 415 PRO A O    1 
ATOM   400  C CB   . PRO A 1 29  ? 0.494   -2.375  -11.657 1.00 7.85  ? 415 PRO A CB   1 
ATOM   401  C CG   . PRO A 1 29  ? -0.322  -2.860  -10.469 1.00 8.84  ? 415 PRO A CG   1 
ATOM   402  C CD   . PRO A 1 29  ? -1.533  -1.997  -10.430 1.00 9.79  ? 415 PRO A CD   1 
ATOM   403  H HA   . PRO A 1 29  ? 0.902   -0.355  -11.496 1.00 8.59  ? 415 PRO A HA   1 
ATOM   404  H HB2  . PRO A 1 29  ? 0.245   -2.851  -12.466 1.00 9.42  ? 415 PRO A HB2  1 
ATOM   405  H HB3  . PRO A 1 29  ? 1.444   -2.478  -11.491 1.00 9.42  ? 415 PRO A HB3  1 
ATOM   406  H HG2  . PRO A 1 29  ? -0.566  -3.790  -10.596 1.00 10.61 ? 415 PRO A HG2  1 
ATOM   407  H HG3  . PRO A 1 29  ? 0.196   -2.762  -9.654  1.00 10.61 ? 415 PRO A HG3  1 
ATOM   408  H HD2  . PRO A 1 29  ? -2.230  -2.349  -11.005 1.00 11.76 ? 415 PRO A HD2  1 
ATOM   409  H HD3  . PRO A 1 29  ? -1.866  -1.905  -9.523  1.00 11.76 ? 415 PRO A HD3  1 
ATOM   410  N N    . LEU A 1 30  ? 0.827   -0.282  -14.042 1.00 8.07  ? 416 LEU A N    1 
ATOM   411  C CA   . LEU A 1 30  ? 0.608   -0.133  -15.474 1.00 7.94  ? 416 LEU A CA   1 
ATOM   412  C C    . LEU A 1 30  ? -0.243  -1.289  -15.983 1.00 10.49 ? 416 LEU A C    1 
ATOM   413  O O    . LEU A 1 30  ? -0.080  -2.436  -15.554 1.00 9.07  ? 416 LEU A O    1 
ATOM   414  C CB   . LEU A 1 30  ? 1.936   -0.100  -16.227 1.00 10.57 ? 416 LEU A CB   1 
ATOM   415  C CG   . LEU A 1 30  ? 2.907   1.023   -15.878 1.00 15.02 ? 416 LEU A CG   1 
ATOM   416  C CD1  . LEU A 1 30  ? 4.106   0.960   -16.812 1.00 18.84 ? 416 LEU A CD1  1 
ATOM   417  C CD2  . LEU A 1 30  ? 2.246   2.380   -15.961 1.00 16.30 ? 416 LEU A CD2  1 
ATOM   418  H H    . LEU A 1 30  ? 1.644   -0.199  -13.789 1.00 9.69  ? 416 LEU A H    1 
ATOM   419  H HA   . LEU A 1 30  ? 0.153   0.707   -15.645 1.00 9.53  ? 416 LEU A HA   1 
ATOM   420  H HB2  . LEU A 1 30  ? 2.397   -0.935  -16.055 1.00 12.69 ? 416 LEU A HB2  1 
ATOM   421  H HB3  . LEU A 1 30  ? 1.739   -0.018  -17.174 1.00 12.69 ? 416 LEU A HB3  1 
ATOM   422  H HG   . LEU A 1 30  ? 3.204   0.908   -14.961 1.00 18.03 ? 416 LEU A HG   1 
ATOM   423  H HD11 . LEU A 1 30  ? 4.715   1.682   -16.593 1.00 22.61 ? 416 LEU A HD11 1 
ATOM   424  H HD12 . LEU A 1 30  ? 4.552   0.105   -16.696 1.00 22.61 ? 416 LEU A HD12 1 
ATOM   425  H HD13 . LEU A 1 30  ? 3.799   1.051   -17.728 1.00 22.61 ? 416 LEU A HD13 1 
ATOM   426  H HD21 . LEU A 1 30  ? 2.902   3.064   -15.755 1.00 19.57 ? 416 LEU A HD21 1 
ATOM   427  H HD22 . LEU A 1 30  ? 1.904   2.510   -16.859 1.00 19.57 ? 416 LEU A HD22 1 
ATOM   428  H HD23 . LEU A 1 30  ? 1.517   2.417   -15.321 1.00 19.57 ? 416 LEU A HD23 1 
ATOM   429  N N    . VAL A 1 31  ? -1.158  -0.992  -16.908 1.00 9.58  ? 417 VAL A N    1 
ATOM   430  C CA   . VAL A 1 31  ? -2.062  -2.036  -17.386 1.00 9.17  ? 417 VAL A CA   1 
ATOM   431  C C    . VAL A 1 31  ? -1.270  -3.210  -17.943 1.00 10.22 ? 417 VAL A C    1 
ATOM   432  O O    . VAL A 1 31  ? -1.612  -4.378  -17.718 1.00 9.42  ? 417 VAL A O    1 
ATOM   433  C CB   . VAL A 1 31  ? -3.046  -1.459  -18.421 1.00 9.48  ? 417 VAL A CB   1 
ATOM   434  C CG1  . VAL A 1 31  ? -3.865  -2.566  -19.088 1.00 13.08 ? 417 VAL A CG1  1 
ATOM   435  C CG2  . VAL A 1 31  ? -3.967  -0.435  -17.762 1.00 9.25  ? 417 VAL A CG2  1 
ATOM   436  H H    . VAL A 1 31  ? -1.273  -0.219  -17.263 1.00 11.50 ? 417 VAL A H    1 
ATOM   437  H HA   . VAL A 1 31  ? -2.583  -2.361  -16.636 1.00 11.01 ? 417 VAL A HA   1 
ATOM   438  H HB   . VAL A 1 31  ? -2.535  -1.014  -19.117 1.00 11.38 ? 417 VAL A HB   1 
ATOM   439  H HG11 . VAL A 1 31  ? -4.508  -2.163  -19.692 1.00 15.70 ? 417 VAL A HG11 1 
ATOM   440  H HG12 . VAL A 1 31  ? -3.267  -3.148  -19.581 1.00 15.70 ? 417 VAL A HG12 1 
ATOM   441  H HG13 . VAL A 1 31  ? -4.328  -3.072  -18.402 1.00 15.70 ? 417 VAL A HG13 1 
ATOM   442  H HG21 . VAL A 1 31  ? -4.574  -0.079  -18.431 1.00 11.11 ? 417 VAL A HG21 1 
ATOM   443  H HG22 . VAL A 1 31  ? -4.471  -0.872  -17.058 1.00 11.11 ? 417 VAL A HG22 1 
ATOM   444  H HG23 . VAL A 1 31  ? -3.429  0.280   -17.390 1.00 11.11 ? 417 VAL A HG23 1 
ATOM   445  N N    . ASP A 1 32  ? -0.185  -2.929  -18.652 1.00 10.72 ? 418 ASP A N    1 
ATOM   446  C CA   . ASP A 1 32  ? 0.602   -4.016  -19.225 1.00 10.56 ? 418 ASP A CA   1 
ATOM   447  C C    . ASP A 1 32  ? 1.405   -4.787  -18.181 1.00 12.33 ? 418 ASP A C    1 
ATOM   448  O O    . ASP A 1 32  ? 2.122   -5.731  -18.555 1.00 12.93 ? 418 ASP A O    1 
ATOM   449  C CB   . ASP A 1 32  ? 1.512   -3.453  -20.311 1.00 17.76 ? 418 ASP A CB   1 
ATOM   450  C CG   . ASP A 1 32  ? 0.730   -2.872  -21.475 1.00 32.53 ? 418 ASP A CG   1 
ATOM   451  O OD1  . ASP A 1 32  ? -0.314  -3.462  -21.839 1.00 23.75 ? 418 ASP A OD1  1 
ATOM   452  O OD2  . ASP A 1 32  ? 1.150   -1.827  -22.017 1.00 42.79 ? 418 ASP A OD2  1 
ATOM   453  H H    . ASP A 1 32  ? 0.110   -2.138  -18.813 1.00 12.87 ? 418 ASP A H    1 
ATOM   454  H HA   . ASP A 1 32  ? 0.009   -4.660  -19.643 1.00 12.67 ? 418 ASP A HA   1 
ATOM   455  H HB2  . ASP A 1 32  ? 2.060   -2.747  -19.933 1.00 21.31 ? 418 ASP A HB2  1 
ATOM   456  H HB3  . ASP A 1 32  ? 2.078   -4.164  -20.653 1.00 21.31 ? 418 ASP A HB3  1 
ATOM   457  N N    . HIS A 1 33  ? 1.297   -4.433  -16.900 1.00 9.15  ? 419 HIS A N    1 
ATOM   458  C CA   . HIS A 1 33  ? 1.919   -5.176  -15.810 1.00 9.93  ? 419 HIS A CA   1 
ATOM   459  C C    . HIS A 1 33  ? 0.938   -6.070  -15.062 1.00 9.55  ? 419 HIS A C    1 
ATOM   460  O O    . HIS A 1 33  ? 1.337   -6.752  -14.111 1.00 9.36  ? 419 HIS A O    1 
ATOM   461  C CB   . HIS A 1 33  ? 2.556   -4.219  -14.795 1.00 8.53  ? 419 HIS A CB   1 
ATOM   462  C CG   . HIS A 1 33  ? 3.781   -3.528  -15.293 1.00 12.84 ? 419 HIS A CG   1 
ATOM   463  N ND1  . HIS A 1 33  ? 4.400   -2.514  -14.592 1.00 12.90 ? 419 HIS A ND1  1 
ATOM   464  C CD2  . HIS A 1 33  ? 4.503   -3.700  -16.424 1.00 12.83 ? 419 HIS A CD2  1 
ATOM   465  C CE1  . HIS A 1 33  ? 5.456   -2.099  -15.269 1.00 17.03 ? 419 HIS A CE1  1 
ATOM   466  N NE2  . HIS A 1 33  ? 5.540   -2.801  -16.384 1.00 16.10 ? 419 HIS A NE2  1 
ATOM   467  H H    . HIS A 1 33  ? 0.855   -3.746  -16.631 1.00 10.99 ? 419 HIS A H    1 
ATOM   468  H HA   . HIS A 1 33  ? 2.618   -5.728  -16.196 1.00 11.92 ? 419 HIS A HA   1 
ATOM   469  H HB2  . HIS A 1 33  ? 1.906   -3.537  -14.562 1.00 10.25 ? 419 HIS A HB2  1 
ATOM   470  H HB3  . HIS A 1 33  ? 2.803   -4.725  -14.005 1.00 10.25 ? 419 HIS A HB3  1 
ATOM   471  H HD2  . HIS A 1 33  ? 4.330   -4.314  -17.100 1.00 15.40 ? 419 HIS A HD2  1 
ATOM   472  H HE1  . HIS A 1 33  ? 6.041   -1.426  -15.003 1.00 20.44 ? 419 HIS A HE1  1 
ATOM   473  N N    . TRP A 1 34  ? -0.340  -6.064  -15.435 1.00 9.41  ? 420 TRP A N    1 
ATOM   474  C CA   . TRP A 1 34  ? -1.333  -6.730  -14.600 1.00 9.71  ? 420 TRP A CA   1 
ATOM   475  C C    . TRP A 1 34  ? -1.192  -8.246  -14.644 1.00 9.40  ? 420 TRP A C    1 
ATOM   476  O O    . TRP A 1 34  ? -1.454  -8.924  -13.644 1.00 10.48 ? 420 TRP A O    1 
ATOM   477  C CB   . TRP A 1 34  ? -2.737  -6.328  -15.039 1.00 9.36  ? 420 TRP A CB   1 
ATOM   478  C CG   . TRP A 1 34  ? -3.109  -4.920  -14.705 1.00 8.72  ? 420 TRP A CG   1 
ATOM   479  C CD1  . TRP A 1 34  ? -2.347  -3.993  -14.055 1.00 8.73  ? 420 TRP A CD1  1 
ATOM   480  C CD2  . TRP A 1 34  ? -4.346  -4.273  -15.023 1.00 9.76  ? 420 TRP A CD2  1 
ATOM   481  N NE1  . TRP A 1 34  ? -3.046  -2.812  -13.933 1.00 8.74  ? 420 TRP A NE1  1 
ATOM   482  C CE2  . TRP A 1 34  ? -4.276  -2.964  -14.517 1.00 9.16  ? 420 TRP A CE2  1 
ATOM   483  C CE3  . TRP A 1 34  ? -5.513  -4.682  -15.678 1.00 12.49 ? 420 TRP A CE3  1 
ATOM   484  C CZ2  . TRP A 1 34  ? -5.319  -2.054  -14.660 1.00 13.60 ? 420 TRP A CZ2  1 
ATOM   485  C CZ3  . TRP A 1 34  ? -6.547  -3.775  -15.821 1.00 13.61 ? 420 TRP A CZ3  1 
ATOM   486  C CH2  . TRP A 1 34  ? -6.443  -2.477  -15.310 1.00 13.04 ? 420 TRP A CH2  1 
ATOM   487  H H    . TRP A 1 34  ? -0.649  -5.692  -16.145 1.00 11.30 ? 420 TRP A H    1 
ATOM   488  H HA   . TRP A 1 34  ? -1.198  -6.444  -13.683 1.00 11.65 ? 420 TRP A HA   1 
ATOM   489  H HB2  . TRP A 1 34  ? -2.799  -6.428  -16.002 1.00 11.24 ? 420 TRP A HB2  1 
ATOM   490  H HB3  . TRP A 1 34  ? -3.376  -6.913  -14.604 1.00 11.24 ? 420 TRP A HB3  1 
ATOM   491  H HD1  . TRP A 1 34  ? -1.483  -4.136  -13.740 1.00 10.48 ? 420 TRP A HD1  1 
ATOM   492  H HE1  . TRP A 1 34  ? -2.757  -2.096  -13.554 1.00 10.50 ? 420 TRP A HE1  1 
ATOM   493  H HE3  . TRP A 1 34  ? -5.591  -5.547  -16.011 1.00 14.99 ? 420 TRP A HE3  1 
ATOM   494  H HZ2  . TRP A 1 34  ? -5.253  -1.189  -14.325 1.00 16.33 ? 420 TRP A HZ2  1 
ATOM   495  H HZ3  . TRP A 1 34  ? -7.324  -4.031  -16.263 1.00 16.34 ? 420 TRP A HZ3  1 
ATOM   496  H HH2  . TRP A 1 34  ? -7.155  -1.890  -15.416 1.00 15.65 ? 420 TRP A HH2  1 
ATOM   497  N N    . ASN A 1 35  ? -0.815  -8.801  -15.799 1.00 9.87  ? 421 ASN A N    1 
ATOM   498  C CA   . ASN A 1 35  ? -0.724  -10.247 -15.988 1.00 10.61 ? 421 ASN A CA   1 
ATOM   499  C C    . ASN A 1 35  ? -1.982  -10.947 -15.486 1.00 14.52 ? 421 ASN A C    1 
ATOM   500  O O    . ASN A 1 35  ? -1.931  -11.956 -14.776 1.00 14.18 ? 421 ASN A O    1 
ATOM   501  C CB   . ASN A 1 35  ? 0.524   -10.799 -15.301 1.00 12.96 ? 421 ASN A CB   1 
ATOM   502  C CG   . ASN A 1 35  ? 0.863   -12.192 -15.763 1.00 21.29 ? 421 ASN A CG   1 
ATOM   503  O OD1  . ASN A 1 35  ? 0.772   -12.499 -16.950 1.00 20.30 ? 421 ASN A OD1  1 
ATOM   504  N ND2  . ASN A 1 35  ? 1.254   -13.047 -14.827 1.00 22.01 ? 421 ASN A ND2  1 
ATOM   505  H H    . ASN A 1 35  ? -0.603  -8.349  -16.500 1.00 11.86 ? 421 ASN A H    1 
ATOM   506  H HA   . ASN A 1 35  ? -0.651  -10.430 -16.938 1.00 12.74 ? 421 ASN A HA   1 
ATOM   507  H HB2  . ASN A 1 35  ? 1.278   -10.222 -15.502 1.00 15.55 ? 421 ASN A HB2  1 
ATOM   508  H HB3  . ASN A 1 35  ? 0.373   -10.827 -14.343 1.00 15.55 ? 421 ASN A HB3  1 
ATOM   509  H HD21 . ASN A 1 35  ? 1.458   -13.854 -15.041 1.00 26.42 ? 421 ASN A HD21 1 
ATOM   510  H HD22 . ASN A 1 35  ? 1.302   -12.795 -14.006 1.00 26.42 ? 421 ASN A HD22 1 
ATOM   511  N N    . GLY A 1 36  ? -3.129  -10.404 -15.882 1.00 12.96 ? 422 GLY A N    1 
ATOM   512  C CA   . GLY A 1 36  ? -4.406  -10.941 -15.462 1.00 15.91 ? 422 GLY A CA   1 
ATOM   513  C C    . GLY A 1 36  ? -5.358  -9.868  -14.979 1.00 12.84 ? 422 GLY A C    1 
ATOM   514  O O    . GLY A 1 36  ? -5.309  -8.728  -15.446 1.00 14.48 ? 422 GLY A O    1 
ATOM   515  H H    . GLY A 1 36  ? -3.189  -9.719  -16.398 1.00 15.56 ? 422 GLY A H    1 
ATOM   516  H HA2  . GLY A 1 36  ? -4.820  -11.402 -16.208 1.00 19.10 ? 422 GLY A HA2  1 
ATOM   517  H HA3  . GLY A 1 36  ? -4.265  -11.572 -14.739 1.00 19.10 ? 422 GLY A HA3  1 
ATOM   518  N N    . ILE A 1 37  ? -6.239  -10.233 -14.051 1.00 11.62 ? 423 ILE A N    1 
ATOM   519  C CA   . ILE A 1 37  ? -7.236  -9.326  -13.493 1.00 10.34 ? 423 ILE A CA   1 
ATOM   520  C C    . ILE A 1 37  ? -6.793  -8.948  -12.086 1.00 10.79 ? 423 ILE A C    1 
ATOM   521  O O    . ILE A 1 37  ? -6.587  -9.829  -11.240 1.00 13.04 ? 423 ILE A O    1 
ATOM   522  C CB   . ILE A 1 37  ? -8.633  -9.970  -13.462 1.00 11.91 ? 423 ILE A CB   1 
ATOM   523  C CG1  . ILE A 1 37  ? -9.066  -10.353 -14.880 1.00 14.78 ? 423 ILE A CG1  1 
ATOM   524  C CG2  . ILE A 1 37  ? -9.632  -9.030  -12.819 1.00 12.93 ? 423 ILE A CG2  1 
ATOM   525  C CD1  . ILE A 1 37  ? -10.305 -11.226 -14.939 1.00 18.86 ? 423 ILE A CD1  1 
ATOM   526  H H    . ILE A 1 37  ? -6.280  -11.025 -13.720 1.00 13.95 ? 423 ILE A H    1 
ATOM   527  H HA   . ILE A 1 37  ? -7.272  -8.524  -14.036 1.00 12.42 ? 423 ILE A HA   1 
ATOM   528  H HB   . ILE A 1 37  ? -8.593  -10.777 -12.926 1.00 14.30 ? 423 ILE A HB   1 
ATOM   529  H HG12 . ILE A 1 37  ? -9.255  -9.541  -15.377 1.00 17.75 ? 423 ILE A HG12 1 
ATOM   530  H HG13 . ILE A 1 37  ? -8.343  -10.841 -15.304 1.00 17.75 ? 423 ILE A HG13 1 
ATOM   531  H HG21 . ILE A 1 37  ? -10.509 -9.446  -12.831 1.00 15.52 ? 423 ILE A HG21 1 
ATOM   532  H HG22 . ILE A 1 37  ? -9.360  -8.857  -11.904 1.00 15.52 ? 423 ILE A HG22 1 
ATOM   533  H HG23 . ILE A 1 37  ? -9.654  -8.200  -13.321 1.00 15.52 ? 423 ILE A HG23 1 
ATOM   534  H HD11 . ILE A 1 37  ? -10.491 -11.449 -15.865 1.00 22.64 ? 423 ILE A HD11 1 
ATOM   535  H HD12 . ILE A 1 37  ? -10.146 -12.036 -14.429 1.00 22.64 ? 423 ILE A HD12 1 
ATOM   536  H HD13 . ILE A 1 37  ? -11.053 -10.738 -14.559 1.00 22.64 ? 423 ILE A HD13 1 
ATOM   537  N N    . ILE A 1 38  ? -6.659  -7.647  -11.832 1.00 10.57 ? 424 ILE A N    1 
ATOM   538  C CA   . ILE A 1 38  ? -6.329  -7.175  -10.491 1.00 9.10  ? 424 ILE A CA   1 
ATOM   539  C C    . ILE A 1 38  ? -7.544  -7.372  -9.597  1.00 11.93 ? 424 ILE A C    1 
ATOM   540  O O    . ILE A 1 38  ? -8.634  -6.866  -9.886  1.00 14.58 ? 424 ILE A O    1 
ATOM   541  C CB   . ILE A 1 38  ? -5.893  -5.705  -10.511 1.00 10.60 ? 424 ILE A CB   1 
ATOM   542  C CG1  . ILE A 1 38  ? -4.686  -5.505  -11.432 1.00 11.62 ? 424 ILE A CG1  1 
ATOM   543  C CG2  . ILE A 1 38  ? -5.584  -5.212  -9.095  1.00 10.12 ? 424 ILE A CG2  1 
ATOM   544  C CD1  . ILE A 1 38  ? -3.485  -6.346  -11.103 1.00 14.27 ? 424 ILE A CD1  1 
ATOM   545  H H    . ILE A 1 38  ? -6.752  -7.022  -12.415 1.00 12.69 ? 424 ILE A H    1 
ATOM   546  H HA   . ILE A 1 38  ? -5.593  -7.702  -10.142 1.00 10.93 ? 424 ILE A HA   1 
ATOM   547  H HB   . ILE A 1 38  ? -6.629  -5.179  -10.862 1.00 12.73 ? 424 ILE A HB   1 
ATOM   548  H HG12 . ILE A 1 38  ? -4.953  -5.722  -12.338 1.00 13.95 ? 424 ILE A HG12 1 
ATOM   549  H HG13 . ILE A 1 38  ? -4.412  -4.575  -11.380 1.00 13.95 ? 424 ILE A HG13 1 
ATOM   550  H HG21 . ILE A 1 38  ? -5.287  -4.290  -9.139  1.00 12.15 ? 424 ILE A HG21 1 
ATOM   551  H HG22 . ILE A 1 38  ? -6.389  -5.275  -8.556  1.00 12.15 ? 424 ILE A HG22 1 
ATOM   552  H HG23 . ILE A 1 38  ? -4.886  -5.768  -8.713  1.00 12.15 ? 424 ILE A HG23 1 
ATOM   553  H HD11 . ILE A 1 38  ? -2.766  -6.123  -11.715 1.00 17.13 ? 424 ILE A HD11 1 
ATOM   554  H HD12 . ILE A 1 38  ? -3.211  -6.162  -10.191 1.00 17.13 ? 424 ILE A HD12 1 
ATOM   555  H HD13 . ILE A 1 38  ? -3.720  -7.282  -11.196 1.00 17.13 ? 424 ILE A HD13 1 
ATOM   556  N N    . LYS A 1 39  ? -7.365  -8.113  -8.507  1.00 8.81  ? 425 LYS A N    1 
ATOM   557  C CA   . LYS A 1 39  ? -8.444  -8.341  -7.559  1.00 9.28  ? 425 LYS A CA   1 
ATOM   558  C C    . LYS A 1 39  ? -8.351  -7.459  -6.323  1.00 12.79 ? 425 LYS A C    1 
ATOM   559  O O    . LYS A 1 39  ? -9.369  -7.261  -5.649  1.00 13.97 ? 425 LYS A O    1 
ATOM   560  C CB   . LYS A 1 39  ? -8.466  -9.811  -7.133  1.00 11.41 ? 425 LYS A CB   1 
ATOM   561  C CG   . LYS A 1 39  ? -8.570  -10.794 -8.296  1.00 17.49 ? 425 LYS A CG   1 
ATOM   562  C CD   . LYS A 1 39  ? -10.013 -11.050 -8.680  1.00 24.93 ? 425 LYS A CD   1 
ATOM   563  C CE   . LYS A 1 39  ? -10.111 -11.871 -9.965  1.00 34.55 ? 425 LYS A CE   1 
ATOM   564  N NZ   . LYS A 1 39  ? -11.524 -12.078 -10.386 1.00 40.29 ? 425 LYS A NZ   1 
ATOM   565  H H    . LYS A 1 39  ? -6.624  -8.495  -8.296  1.00 10.58 ? 425 LYS A H    1 
ATOM   566  H HA   . LYS A 1 39  ? -9.290  -8.149  -7.993  1.00 11.15 ? 425 LYS A HA   1 
ATOM   567  H HB2  . LYS A 1 39  ? -7.648  -10.008 -6.652  1.00 13.70 ? 425 LYS A HB2  1 
ATOM   568  H HB3  . LYS A 1 39  ? -9.233  -9.954  -6.556  1.00 13.70 ? 425 LYS A HB3  1 
ATOM   569  H HG2  . LYS A 1 39  ? -8.110  -10.429 -9.067  1.00 21.00 ? 425 LYS A HG2  1 
ATOM   570  H HG3  . LYS A 1 39  ? -8.169  -11.639 -8.040  1.00 21.00 ? 425 LYS A HG3  1 
ATOM   571  H HD2  . LYS A 1 39  ? -10.453 -11.541 -7.969  1.00 29.92 ? 425 LYS A HD2  1 
ATOM   572  H HD3  . LYS A 1 39  ? -10.463 -10.202 -8.825  1.00 29.92 ? 425 LYS A HD3  1 
ATOM   573  H HE2  . LYS A 1 39  ? -9.647  -11.406 -10.678 1.00 41.46 ? 425 LYS A HE2  1 
ATOM   574  H HE3  . LYS A 1 39  ? -9.706  -12.742 -9.819  1.00 41.46 ? 425 LYS A HE3  1 
ATOM   575  H HZ1  . LYS A 1 39  ? -11.550 -12.554 -11.138 1.00 48.35 ? 425 LYS A HZ1  1 
ATOM   576  H HZ2  . LYS A 1 39  ? -11.969 -12.515 -9.752  1.00 48.35 ? 425 LYS A HZ2  1 
ATOM   577  H HZ3  . LYS A 1 39  ? -11.917 -11.293 -10.528 1.00 48.35 ? 425 LYS A HZ3  1 
ATOM   578  N N    . GLY A 1 40  ? -7.179  -6.927  -6.015  1.00 9.41  ? 426 GLY A N    1 
ATOM   579  C CA   . GLY A 1 40  ? -7.027  -6.113  -4.834  1.00 11.23 ? 426 GLY A CA   1 
ATOM   580  C C    . GLY A 1 40  ? -5.568  -5.792  -4.590  1.00 7.26  ? 426 GLY A C    1 
ATOM   581  O O    . GLY A 1 40  ? -4.705  -5.989  -5.451  1.00 7.71  ? 426 GLY A O    1 
ATOM   582  H H    . GLY A 1 40  ? -6.459  -7.025  -6.476  1.00 11.30 ? 426 GLY A H    1 
ATOM   583  H HA2  . GLY A 1 40  ? -7.517  -5.283  -4.942  1.00 13.49 ? 426 GLY A HA2  1 
ATOM   584  H HA3  . GLY A 1 40  ? -7.376  -6.587  -4.062  1.00 13.49 ? 426 GLY A HA3  1 
ATOM   585  N N    . TYR A 1 41  ? -5.314  -5.300  -3.379  1.00 8.05  ? 427 TYR A N    1 
ATOM   586  C CA   . TYR A 1 41  ? -3.987  -4.858  -2.988  1.00 8.75  ? 427 TYR A CA   1 
ATOM   587  C C    . TYR A 1 41  ? -3.703  -5.285  -1.560  1.00 8.53  ? 427 TYR A C    1 
ATOM   588  O O    . TYR A 1 41  ? -4.613  -5.567  -0.773  1.00 9.17  ? 427 TYR A O    1 
ATOM   589  C CB   . TYR A 1 41  ? -3.860  -3.335  -3.096  1.00 8.01  ? 427 TYR A CB   1 
ATOM   590  C CG   . TYR A 1 41  ? -4.199  -2.804  -4.463  1.00 7.65  ? 427 TYR A CG   1 
ATOM   591  C CD1  . TYR A 1 41  ? -3.209  -2.601  -5.408  1.00 9.46  ? 427 TYR A CD1  1 
ATOM   592  C CD2  . TYR A 1 41  ? -5.506  -2.513  -4.813  1.00 8.79  ? 427 TYR A CD2  1 
ATOM   593  C CE1  . TYR A 1 41  ? -3.509  -2.110  -6.662  1.00 10.71 ? 427 TYR A CE1  1 
ATOM   594  C CE2  . TYR A 1 41  ? -5.821  -2.029  -6.071  1.00 9.37  ? 427 TYR A CE2  1 
ATOM   595  C CZ   . TYR A 1 41  ? -4.817  -1.829  -6.986  1.00 10.79 ? 427 TYR A CZ   1 
ATOM   596  O OH   . TYR A 1 41  ? -5.131  -1.349  -8.226  1.00 12.32 ? 427 TYR A OH   1 
ATOM   597  H H    . TYR A 1 41  ? -5.906  -5.212  -2.761  1.00 9.67  ? 427 TYR A H    1 
ATOM   598  H HA   . TYR A 1 41  ? -3.331  -5.279  -3.566  1.00 10.50 ? 427 TYR A HA   1 
ATOM   599  H HB2  . TYR A 1 41  ? -4.465  -2.924  -2.459  1.00 9.62  ? 427 TYR A HB2  1 
ATOM   600  H HB3  . TYR A 1 41  ? -2.946  -3.082  -2.897  1.00 9.62  ? 427 TYR A HB3  1 
ATOM   601  H HD1  . TYR A 1 41  ? -2.326  -2.800  -5.195  1.00 11.35 ? 427 TYR A HD1  1 
ATOM   602  H HD2  . TYR A 1 41  ? -6.186  -2.644  -4.192  1.00 10.55 ? 427 TYR A HD2  1 
ATOM   603  H HE1  . TYR A 1 41  ? -2.832  -1.969  -7.284  1.00 12.86 ? 427 TYR A HE1  1 
ATOM   604  H HE2  . TYR A 1 41  ? -6.704  -1.842  -6.294  1.00 11.25 ? 427 TYR A HE2  1 
ATOM   605  H HH   . TYR A 1 41  ? -4.527  -1.550  -8.773  1.00 14.79 ? 427 TYR A HH   1 
ATOM   606  N N    . TYR A 1 42  ? -2.418  -5.327  -1.242  1.00 6.88  ? 428 TYR A N    1 
ATOM   607  C CA   . TYR A 1 42  ? -1.929  -5.383  0.125   1.00 8.83  ? 428 TYR A CA   1 
ATOM   608  C C    . TYR A 1 42  ? -1.182  -4.088  0.384   1.00 7.26  ? 428 TYR A C    1 
ATOM   609  O O    . TYR A 1 42  ? -0.302  -3.709  -0.402  1.00 9.17  ? 428 TYR A O    1 
ATOM   610  C CB   . TYR A 1 42  ? -0.997  -6.574  0.356   1.00 10.71 ? 428 TYR A CB   1 
ATOM   611  C CG   . TYR A 1 42  ? -1.691  -7.910  0.398   1.00 10.24 ? 428 TYR A CG   1 
ATOM   612  C CD1  . TYR A 1 42  ? -2.319  -8.354  1.554   1.00 16.25 ? 428 TYR A CD1  1 
ATOM   613  C CD2  . TYR A 1 42  ? -1.706  -8.734  -0.715  1.00 13.35 ? 428 TYR A CD2  1 
ATOM   614  C CE1  . TYR A 1 42  ? -2.956  -9.582  1.586   1.00 19.40 ? 428 TYR A CE1  1 
ATOM   615  C CE2  . TYR A 1 42  ? -2.338  -9.956  -0.687  1.00 17.91 ? 428 TYR A CE2  1 
ATOM   616  C CZ   . TYR A 1 42  ? -2.954  -10.375 0.464   1.00 18.82 ? 428 TYR A CZ   1 
ATOM   617  O OH   . TYR A 1 42  ? -3.581  -11.598 0.484   1.00 30.01 ? 428 TYR A OH   1 
ATOM   618  H H    . TYR A 1 42  ? -1.785  -5.322  -1.826  1.00 8.26  ? 428 TYR A H    1 
ATOM   619  H HA   . TYR A 1 42  ? -2.672  -5.480  0.740   1.00 10.60 ? 428 TYR A HA   1 
ATOM   620  H HB2  . TYR A 1 42  ? -0.347  -6.604  -0.363  1.00 12.86 ? 428 TYR A HB2  1 
ATOM   621  H HB3  . TYR A 1 42  ? -0.545  -6.452  1.206   1.00 12.86 ? 428 TYR A HB3  1 
ATOM   622  H HD1  . TYR A 1 42  ? -2.310  -7.821  2.316   1.00 19.51 ? 428 TYR A HD1  1 
ATOM   623  H HD2  . TYR A 1 42  ? -1.282  -8.456  -1.495  1.00 16.03 ? 428 TYR A HD2  1 
ATOM   624  H HE1  . TYR A 1 42  ? -3.382  -9.869  2.361   1.00 23.28 ? 428 TYR A HE1  1 
ATOM   625  H HE2  . TYR A 1 42  ? -2.345  -10.495 -1.444  1.00 21.50 ? 428 TYR A HE2  1 
ATOM   626  H HH   . TYR A 1 42  ? -3.505  -11.971 -0.264  1.00 36.02 ? 428 TYR A HH   1 
ATOM   627  N N    . VAL A 1 43  ? -1.547  -3.407  1.464   1.00 7.01  ? 429 VAL A N    1 
ATOM   628  C CA   . VAL A 1 43  ? -0.868  -2.201  1.920   1.00 5.80  ? 429 VAL A CA   1 
ATOM   629  C C    . VAL A 1 43  ? -0.047  -2.601  3.138   1.00 8.69  ? 429 VAL A C    1 
ATOM   630  O O    . VAL A 1 43  ? -0.594  -3.132  4.113   1.00 8.48  ? 429 VAL A O    1 
ATOM   631  C CB   . VAL A 1 43  ? -1.860  -1.081  2.255   1.00 6.85  ? 429 VAL A CB   1 
ATOM   632  C CG1  . VAL A 1 43  ? -1.124  0.123   2.788   1.00 9.12  ? 429 VAL A CG1  1 
ATOM   633  C CG2  . VAL A 1 43  ? -2.700  -0.713  1.025   1.00 7.67  ? 429 VAL A CG2  1 
ATOM   634  H H    . VAL A 1 43  ? -2.207  -3.632  1.966   1.00 8.42  ? 429 VAL A H    1 
ATOM   635  H HA   . VAL A 1 43  ? -0.273  -1.869  1.228   1.00 6.97  ? 429 VAL A HA   1 
ATOM   636  H HB   . VAL A 1 43  ? -2.469  -1.392  2.942   1.00 8.22  ? 429 VAL A HB   1 
ATOM   637  H HG11 . VAL A 1 43  ? -1.763  0.831   2.965   1.00 10.96 ? 429 VAL A HG11 1 
ATOM   638  H HG12 . VAL A 1 43  ? -0.669  -0.124  3.609   1.00 10.96 ? 429 VAL A HG12 1 
ATOM   639  H HG13 . VAL A 1 43  ? -0.478  0.417   2.127   1.00 10.96 ? 429 VAL A HG13 1 
ATOM   640  H HG21 . VAL A 1 43  ? -3.297  0.016   1.257   1.00 9.21  ? 429 VAL A HG21 1 
ATOM   641  H HG22 . VAL A 1 43  ? -2.108  -0.440  0.308   1.00 9.21  ? 429 VAL A HG22 1 
ATOM   642  H HG23 . VAL A 1 43  ? -3.216  -1.488  0.752   1.00 9.21  ? 429 VAL A HG23 1 
ATOM   643  N N    . GLY A 1 44  ? 1.264   -2.383  3.077   1.00 7.37  ? 430 GLY A N    1 
ATOM   644  C CA   . GLY A 1 44  ? 2.155   -2.699  4.180   1.00 7.76  ? 430 GLY A CA   1 
ATOM   645  C C    . GLY A 1 44  ? 2.710   -1.434  4.807   1.00 7.59  ? 430 GLY A C    1 
ATOM   646  O O    . GLY A 1 44  ? 2.914   -0.429  4.133   1.00 7.75  ? 430 GLY A O    1 
ATOM   647  H H    . GLY A 1 44  ? 1.663   -2.046  2.394   1.00 8.85  ? 430 GLY A H    1 
ATOM   648  H HA2  . GLY A 1 44  ? 1.672   -3.197  4.858   1.00 9.31  ? 430 GLY A HA2  1 
ATOM   649  H HA3  . GLY A 1 44  ? 2.894   -3.238  3.860   1.00 9.31  ? 430 GLY A HA3  1 
ATOM   650  N N    . HIS A 1 45  ? 2.939   -1.475  6.117   1.00 6.49  ? 431 HIS A N    1 
ATOM   651  C CA   . HIS A 1 45  ? 3.563   -0.340  6.771   1.00 8.10  ? 431 HIS A CA   1 
ATOM   652  C C    . HIS A 1 45  ? 4.410   -0.819  7.935   1.00 6.68  ? 431 HIS A C    1 
ATOM   653  O O    . HIS A 1 45  ? 4.202   -1.898  8.484   1.00 6.74  ? 431 HIS A O    1 
ATOM   654  C CB   . HIS A 1 45  ? 2.533   0.687   7.271   1.00 6.94  ? 431 HIS A CB   1 
ATOM   655  C CG   . HIS A 1 45  ? 1.803   0.262   8.507   1.00 7.26  ? 431 HIS A CG   1 
ATOM   656  N ND1  . HIS A 1 45  ? 0.784   -0.664  8.485   1.00 9.74  ? 431 HIS A ND1  1 
ATOM   657  C CD2  . HIS A 1 45  ? 1.930   0.653   9.796   1.00 8.66  ? 431 HIS A CD2  1 
ATOM   658  C CE1  . HIS A 1 45  ? 0.328   -0.842  9.716   1.00 8.89  ? 431 HIS A CE1  1 
ATOM   659  N NE2  . HIS A 1 45  ? 1.012   -0.058  10.530  1.00 10.02 ? 431 HIS A NE2  1 
ATOM   660  H H    . HIS A 1 45  ? 2.746   -2.135  6.632   1.00 7.79  ? 431 HIS A H    1 
ATOM   661  H HA   . HIS A 1 45  ? 4.143   0.095   6.127   1.00 9.73  ? 431 HIS A HA   1 
ATOM   662  H HB2  . HIS A 1 45  ? 2.992   1.517   7.470   1.00 8.33  ? 431 HIS A HB2  1 
ATOM   663  H HB3  . HIS A 1 45  ? 1.874   0.830   6.573   1.00 8.33  ? 431 HIS A HB3  1 
ATOM   664  H HD2  . HIS A 1 45  ? 2.528   1.287   10.124  1.00 10.39 ? 431 HIS A HD2  1 
ATOM   665  H HE1  . HIS A 1 45  ? -0.356  -1.420  9.964   1.00 10.67 ? 431 HIS A HE1  1 
ATOM   666  N N    . LYS A 1 46  ? 5.373   0.015   8.309   1.00 7.25  ? 432 LYS A N    1 
ATOM   667  C CA   . LYS A 1 46  ? 6.132   -0.216  9.525   1.00 7.17  ? 432 LYS A CA   1 
ATOM   668  C C    . LYS A 1 46  ? 6.828   1.076   9.917   1.00 6.24  ? 432 LYS A C    1 
ATOM   669  O O    . LYS A 1 46  ? 6.844   2.059   9.168   1.00 7.43  ? 432 LYS A O    1 
ATOM   670  C CB   . LYS A 1 46  ? 7.141   -1.361  9.353   1.00 6.74  ? 432 LYS A CB   1 
ATOM   671  C CG   . LYS A 1 46  ? 8.324   -1.022  8.473   1.00 6.99  ? 432 LYS A CG   1 
ATOM   672  C CD   . LYS A 1 46  ? 9.324   -2.163  8.414   1.00 9.74  ? 432 LYS A CD   1 
ATOM   673  C CE   . LYS A 1 46  ? 10.653  -1.723  7.798   1.00 10.18 ? 432 LYS A CE   1 
ATOM   674  N NZ   . LYS A 1 46  ? 11.629  -2.858  7.795   1.00 11.02 ? 432 LYS A NZ   1 
ATOM   675  H H    . LYS A 1 46  ? 5.604   0.721   7.875   1.00 8.70  ? 432 LYS A H    1 
ATOM   676  H HA   . LYS A 1 46  ? 5.521   -0.458  10.239  1.00 8.61  ? 432 LYS A HA   1 
ATOM   677  H HB2  . LYS A 1 46  ? 7.484   -1.605  10.227  1.00 8.10  ? 432 LYS A HB2  1 
ATOM   678  H HB3  . LYS A 1 46  ? 6.685   -2.117  8.953   1.00 8.10  ? 432 LYS A HB3  1 
ATOM   679  H HG2  . LYS A 1 46  ? 8.012   -0.843  7.572   1.00 8.39  ? 432 LYS A HG2  1 
ATOM   680  H HG3  . LYS A 1 46  ? 8.774   -0.240  8.829   1.00 8.39  ? 432 LYS A HG3  1 
ATOM   681  H HD2  . LYS A 1 46  ? 9.497   -2.484  9.313   1.00 11.69 ? 432 LYS A HD2  1 
ATOM   682  H HD3  . LYS A 1 46  ? 8.961   -2.879  7.870   1.00 11.69 ? 432 LYS A HD3  1 
ATOM   683  H HE2  . LYS A 1 46  ? 10.509  -1.435  6.883   1.00 12.22 ? 432 LYS A HE2  1 
ATOM   684  H HE3  . LYS A 1 46  ? 11.027  -0.995  8.320   1.00 12.22 ? 432 LYS A HE3  1 
ATOM   685  H HZ1  . LYS A 1 46  ? 12.329  -2.660  8.308   1.00 13.23 ? 432 LYS A HZ1  1 
ATOM   686  H HZ2  . LYS A 1 46  ? 11.241  -3.594  8.108   1.00 13.23 ? 432 LYS A HZ2  1 
ATOM   687  H HZ3  . LYS A 1 46  ? 11.914  -3.011  6.966   1.00 13.23 ? 432 LYS A HZ3  1 
ATOM   688  N N    . GLU A 1 47  ? 7.390   1.057   11.118  1.00 6.16  ? 433 GLU A N    1 
ATOM   689  C CA   . GLU A 1 47  ? 8.220   2.145   11.598  1.00 6.61  ? 433 GLU A CA   1 
ATOM   690  C C    . GLU A 1 47  ? 9.506   2.197   10.784  1.00 7.15  ? 433 GLU A C    1 
ATOM   691  O O    . GLU A 1 47  ? 10.127  1.170   10.518  1.00 9.01  ? 433 GLU A O    1 
ATOM   692  C CB   . GLU A 1 47  ? 8.523   1.928   13.079  1.00 9.10  ? 433 GLU A CB   1 
ATOM   693  C CG   . GLU A 1 47  ? 7.284   1.786   13.969  1.00 8.31  ? 433 GLU A CG   1 
ATOM   694  C CD   . GLU A 1 47  ? 6.528   0.473   13.790  1.00 8.04  ? 433 GLU A CD   1 
ATOM   695  O OE1  . GLU A 1 47  ? 7.136   -0.554  13.399  1.00 11.00 ? 433 GLU A OE1  1 
ATOM   696  O OE2  . GLU A 1 47  ? 5.304   0.487   14.011  1.00 9.89  ? 433 GLU A OE2  1 
ATOM   697  H H    . GLU A 1 47  ? 7.303   0.413   11.682  1.00 7.39  ? 433 GLU A H    1 
ATOM   698  H HA   . GLU A 1 47  ? 7.767   2.998   11.504  1.00 7.94  ? 433 GLU A HA   1 
ATOM   699  H HB2  . GLU A 1 47  ? 9.043   1.115   13.171  1.00 10.93 ? 433 GLU A HB2  1 
ATOM   700  H HB3  . GLU A 1 47  ? 9.032   2.687   13.403  1.00 10.93 ? 433 GLU A HB3  1 
ATOM   701  H HG2  . GLU A 1 47  ? 7.562   1.841   14.897  1.00 9.97  ? 433 GLU A HG2  1 
ATOM   702  H HG3  . GLU A 1 47  ? 6.670   2.508   13.764  1.00 9.97  ? 433 GLU A HG3  1 
ATOM   703  N N    . SER A 1 48  ? 9.905   3.404   10.378  1.00 6.50  ? 434 SER A N    1 
ATOM   704  C CA   . SER A 1 48  ? 10.997  3.511   9.413   1.00 8.57  ? 434 SER A CA   1 
ATOM   705  C C    . SER A 1 48  ? 12.299  2.963   9.962   1.00 11.38 ? 434 SER A C    1 
ATOM   706  O O    . SER A 1 48  ? 13.127  2.455   9.192   1.00 11.58 ? 434 SER A O    1 
ATOM   707  C CB   . SER A 1 48  ? 11.176  4.961   8.987   1.00 9.75  ? 434 SER A CB   1 
ATOM   708  O OG   . SER A 1 48  ? 10.077  5.366   8.209   1.00 9.59  ? 434 SER A OG   1 
ATOM   709  H H    . SER A 1 48  ? 9.570   4.153   10.638  1.00 7.81  ? 434 SER A H    1 
ATOM   710  H HA   . SER A 1 48  ? 10.763  2.990   8.629   1.00 10.29 ? 434 SER A HA   1 
ATOM   711  H HB2  . SER A 1 48  ? 11.234  5.522   9.777   1.00 11.71 ? 434 SER A HB2  1 
ATOM   712  H HB3  . SER A 1 48  ? 11.988  5.043   8.462   1.00 11.71 ? 434 SER A HB3  1 
ATOM   713  H HG   . SER A 1 48  ? 10.178  6.163   7.963   1.00 11.51 ? 434 SER A HG   1 
ATOM   714  N N    . ASP A 1 49  ? 12.501  3.045   11.276  1.00 7.06  ? 435 ASP A N    1 
ATOM   715  C CA   . ASP A 1 49  ? 13.728  2.587   11.916  1.00 6.94  ? 435 ASP A CA   1 
ATOM   716  C C    . ASP A 1 49  ? 13.575  1.216   12.558  1.00 10.20 ? 435 ASP A C    1 
ATOM   717  O O    . ASP A 1 49  ? 14.313  0.882   13.488  1.00 17.49 ? 435 ASP A O    1 
ATOM   718  C CB   . ASP A 1 49  ? 14.211  3.606   12.945  1.00 9.84  ? 435 ASP A CB   1 
ATOM   719  C CG   . ASP A 1 49  ? 13.152  3.982   13.964  1.00 15.05 ? 435 ASP A CG   1 
ATOM   720  O OD1  . ASP A 1 49  ? 11.952  3.752   13.713  1.00 12.20 ? 435 ASP A OD1  1 
ATOM   721  O OD2  . ASP A 1 49  ? 13.520  4.529   15.026  1.00 17.71 ? 435 ASP A OD2  1 
ATOM   722  H H    . ASP A 1 49  ? 11.927  3.369   11.828  1.00 8.48  ? 435 ASP A H    1 
ATOM   723  H HA   . ASP A 1 49  ? 14.411  2.511   11.231  1.00 8.33  ? 435 ASP A HA   1 
ATOM   724  H HB2  . ASP A 1 49  ? 14.966  3.233   13.426  1.00 11.81 ? 435 ASP A HB2  1 
ATOM   725  H HB3  . ASP A 1 49  ? 14.478  4.416   12.482  1.00 11.81 ? 435 ASP A HB3  1 
ATOM   726  N N    . SER A 1 50  ? 12.645  0.407   12.072  1.00 8.46  ? 436 SER A N    1 
ATOM   727  C CA   . SER A 1 50  ? 12.447  -0.943  12.570  1.00 8.77  ? 436 SER A CA   1 
ATOM   728  C C    . SER A 1 50  ? 12.918  -1.961  11.546  1.00 10.11 ? 436 SER A C    1 
ATOM   729  O O    . SER A 1 50  ? 12.619  -1.848  10.356  1.00 12.21 ? 436 SER A O    1 
ATOM   730  C CB   . SER A 1 50  ? 10.974  -1.196  12.886  1.00 12.46 ? 436 SER A CB   1 
ATOM   731  O OG   . SER A 1 50  ? 10.773  -2.565  13.207  1.00 13.83 ? 436 SER A OG   1 
ATOM   732  H H    . SER A 1 50  ? 12.106  0.623   11.439  1.00 10.16 ? 436 SER A H    1 
ATOM   733  H HA   . SER A 1 50  ? 12.968  -1.058  13.381  1.00 10.53 ? 436 SER A HA   1 
ATOM   734  H HB2  . SER A 1 50  ? 10.711  -0.649  13.641  1.00 14.96 ? 436 SER A HB2  1 
ATOM   735  H HB3  . SER A 1 50  ? 10.438  -0.969  12.109  1.00 14.96 ? 436 SER A HB3  1 
ATOM   736  H HG   . SER A 1 50  ? 10.048  -2.659  13.620  1.00 16.60 ? 436 SER A HG   1 
ATOM   737  N N    . SER A 1 51  ? 13.645  -2.974  12.016  1.00 11.74 ? 437 SER A N    1 
ATOM   738  C CA   . SER A 1 51  ? 14.077  -4.069  11.157  1.00 11.11 ? 437 SER A CA   1 
ATOM   739  C C    . SER A 1 51  ? 13.065  -5.208  11.116  1.00 10.50 ? 437 SER A C    1 
ATOM   740  O O    . SER A 1 51  ? 13.355  -6.266  10.546  1.00 13.20 ? 437 SER A O    1 
ATOM   741  C CB   . SER A 1 51  ? 15.446  -4.574  11.611  1.00 18.11 ? 437 SER A CB   1 
ATOM   742  O OG   . SER A 1 51  ? 16.476  -3.766  11.056  1.00 20.04 ? 437 SER A OG   1 
ATOM   743  H H    . SER A 1 51  ? 13.899  -3.047  12.833  1.00 14.09 ? 437 SER A H    1 
ATOM   744  H HA   . SER A 1 51  ? 14.180  -3.742  10.250  1.00 13.34 ? 437 SER A HA   1 
ATOM   745  H HB2  . SER A 1 51  ? 15.495  -4.533  12.579  1.00 21.73 ? 437 SER A HB2  1 
ATOM   746  H HB3  . SER A 1 51  ? 15.563  -5.489  11.312  1.00 21.73 ? 437 SER A HB3  1 
ATOM   747  H HG   . SER A 1 51  ? 16.426  -2.985  11.362  1.00 24.05 ? 437 SER A HG   1 
ATOM   748  N N    . GLN A 1 52  ? 11.881  -5.011  11.690  1.00 9.11  ? 438 GLN A N    1 
ATOM   749  C CA   . GLN A 1 52  ? 10.796  -5.959  11.557  1.00 11.30 ? 438 GLN A CA   1 
ATOM   750  C C    . GLN A 1 52  ? 10.274  -5.977  10.122  1.00 11.59 ? 438 GLN A C    1 
ATOM   751  O O    . GLN A 1 52  ? 10.577  -5.100  9.302   1.00 9.30  ? 438 GLN A O    1 
ATOM   752  C CB   . GLN A 1 52  ? 9.653   -5.592  12.505  1.00 12.52 ? 438 GLN A CB   1 
ATOM   753  C CG   . GLN A 1 52  ? 9.939   -5.845  13.978  1.00 12.20 ? 438 GLN A CG   1 
ATOM   754  C CD   . GLN A 1 52  ? 9.581   -7.255  14.389  1.00 21.18 ? 438 GLN A CD   1 
ATOM   755  O OE1  . GLN A 1 52  ? 8.413   -7.675  14.327  1.00 21.09 ? 438 GLN A OE1  1 
ATOM   756  N NE2  . GLN A 1 52  ? 10.584  -8.007  14.800  1.00 19.20 ? 438 GLN A NE2  1 
ATOM   757  H H    . GLN A 1 52  ? 11.684  -4.323  12.169  1.00 10.93 ? 438 GLN A H    1 
ATOM   758  H HA   . GLN A 1 52  ? 11.122  -6.843  11.783  1.00 13.57 ? 438 GLN A HA   1 
ATOM   759  H HB2  . GLN A 1 52  ? 9.459   -4.648  12.403  1.00 15.03 ? 438 GLN A HB2  1 
ATOM   760  H HB3  . GLN A 1 52  ? 8.874   -6.118  12.266  1.00 15.03 ? 438 GLN A HB3  1 
ATOM   761  H HG2  . GLN A 1 52  ? 10.885  -5.709  14.147  1.00 14.65 ? 438 GLN A HG2  1 
ATOM   762  H HG3  . GLN A 1 52  ? 9.416   -5.229  14.515  1.00 14.65 ? 438 GLN A HG3  1 
ATOM   763  H HE21 . GLN A 1 52  ? 11.382  -7.686  14.821  1.00 23.05 ? 438 GLN A HE21 1 
ATOM   764  H HE22 . GLN A 1 52  ? 10.441  -8.819  15.047  1.00 23.05 ? 438 GLN A HE22 1 
ATOM   765  N N    . GLN A 1 53  ? 9.477   -6.996  9.821   1.00 11.13 ? 439 GLN A N    1 
ATOM   766  C CA   . GLN A 1 53  ? 8.789   -7.064  8.546   1.00 11.54 ? 439 GLN A CA   1 
ATOM   767  C C    . GLN A 1 53  ? 7.706   -5.994  8.462   1.00 9.78  ? 439 GLN A C    1 
ATOM   768  O O    . GLN A 1 53  ? 7.203   -5.496  9.472   1.00 9.98  ? 439 GLN A O    1 
ATOM   769  C CB   . GLN A 1 53  ? 8.132   -8.428  8.356   1.00 16.11 ? 439 GLN A CB   1 
ATOM   770  C CG   . GLN A 1 53  ? 9.085   -9.550  8.056   1.00 20.27 ? 439 GLN A CG   1 
ATOM   771  C CD   . GLN A 1 53  ? 8.394   -10.894 8.106   1.00 28.62 ? 439 GLN A CD   1 
ATOM   772  O OE1  . GLN A 1 53  ? 7.167   -10.981 8.018   1.00 28.08 ? 439 GLN A OE1  1 
ATOM   773  N NE2  . GLN A 1 53  ? 9.175   -11.951 8.263   1.00 32.19 ? 439 GLN A NE2  1 
ATOM   774  H H    . GLN A 1 53  ? 9.319   -7.662  10.342  1.00 13.37 ? 439 GLN A H    1 
ATOM   775  H HA   . GLN A 1 53  ? 9.437   -6.922  7.839   1.00 13.86 ? 439 GLN A HA   1 
ATOM   776  H HB2  . GLN A 1 53  ? 7.659   -8.658  9.171   1.00 19.34 ? 439 GLN A HB2  1 
ATOM   777  H HB3  . GLN A 1 53  ? 7.509   -8.369  7.616   1.00 19.34 ? 439 GLN A HB3  1 
ATOM   778  H HG2  . GLN A 1 53  ? 9.454   -9.429  7.166   1.00 24.33 ? 439 GLN A HG2  1 
ATOM   779  H HG3  . GLN A 1 53  ? 9.800   -9.549  8.713   1.00 24.33 ? 439 GLN A HG3  1 
ATOM   780  H HE21 . GLN A 1 53  ? 10.027  -11.850 8.330   1.00 38.64 ? 439 GLN A HE21 1 
ATOM   781  H HE22 . GLN A 1 53  ? 8.831   -12.738 8.298   1.00 38.64 ? 439 GLN A HE22 1 
ATOM   782  N N    . TYR A 1 54  ? 7.331   -5.658  7.230   1.00 9.22  ? 440 TYR A N    1 
ATOM   783  C CA   . TYR A 1 54  ? 6.159   -4.824  7.020   1.00 6.31  ? 440 TYR A CA   1 
ATOM   784  C C    . TYR A 1 54  ? 4.924   -5.569  7.518   1.00 9.23  ? 440 TYR A C    1 
ATOM   785  O O    . TYR A 1 54  ? 4.857   -6.804  7.480   1.00 9.57  ? 440 TYR A O    1 
ATOM   786  C CB   . TYR A 1 54  ? 6.003   -4.457  5.544   1.00 8.84  ? 440 TYR A CB   1 
ATOM   787  C CG   . TYR A 1 54  ? 6.964   -3.376  5.134   1.00 8.90  ? 440 TYR A CG   1 
ATOM   788  C CD1  . TYR A 1 54  ? 6.578   -2.047  5.114   1.00 8.49  ? 440 TYR A CD1  1 
ATOM   789  C CD2  . TYR A 1 54  ? 8.273   -3.690  4.798   1.00 9.21  ? 440 TYR A CD2  1 
ATOM   790  C CE1  . TYR A 1 54  ? 7.472   -1.048  4.758   1.00 8.99  ? 440 TYR A CE1  1 
ATOM   791  C CE2  . TYR A 1 54  ? 9.177   -2.701  4.440   1.00 9.95  ? 440 TYR A CE2  1 
ATOM   792  C CZ   . TYR A 1 54  ? 8.772   -1.385  4.418   1.00 10.41 ? 440 TYR A CZ   1 
ATOM   793  O OH   . TYR A 1 54  ? 9.688   -0.409  4.066   1.00 10.10 ? 440 TYR A OH   1 
ATOM   794  N N    . ARG A 1 55  ? 3.954   -4.804  8.001   1.00 7.02  ? 441 ARG A N    1 
ATOM   795  C CA   . ARG A 1 55  ? 2.670   -5.316  8.479   1.00 7.17  ? 441 ARG A CA   1 
ATOM   796  C C    . ARG A 1 55  ? 1.599   -4.958  7.462   1.00 7.64  ? 441 ARG A C    1 
ATOM   797  O O    . ARG A 1 55  ? 1.495   -3.800  7.047   1.00 8.84  ? 441 ARG A O    1 
ATOM   798  C CB   . ARG A 1 55  ? 2.359   -4.747  9.860   1.00 8.35  ? 441 ARG A CB   1 
ATOM   799  C CG   . ARG A 1 55  ? 3.469   -5.041  10.865  1.00 9.18  ? 441 ARG A CG   1 
ATOM   800  C CD   . ARG A 1 55  ? 3.078   -4.720  12.295  1.00 10.14 ? 441 ARG A CD   1 
ATOM   801  N NE   . ARG A 1 55  ? 2.793   -3.305  12.463  1.00 8.97  ? 441 ARG A NE   1 
ATOM   802  C CZ   . ARG A 1 55  ? 3.706   -2.370  12.712  1.00 9.44  ? 441 ARG A CZ   1 
ATOM   803  N NH1  . ARG A 1 55  ? 4.981   -2.696  12.853  1.00 10.35 ? 441 ARG A NH1  1 
ATOM   804  N NH2  . ARG A 1 55  ? 3.335   -1.109  12.829  1.00 9.75  ? 441 ARG A NH2  1 
ATOM   805  H H    . ARG A 1 55  ? 4.016   -3.949  8.066   1.00 8.42  ? 441 ARG A H    1 
ATOM   806  H HA   . ARG A 1 55  ? 2.686   -6.282  8.560   1.00 8.61  ? 441 ARG A HA   1 
ATOM   807  H HB2  . ARG A 1 55  ? 2.259   -3.784  9.792   1.00 10.02 ? 441 ARG A HB2  1 
ATOM   808  H HB3  . ARG A 1 55  ? 1.539   -5.143  10.190  1.00 10.02 ? 441 ARG A HB3  1 
ATOM   809  H HG2  . ARG A 1 55  ? 3.692   -5.984  10.821  1.00 11.02 ? 441 ARG A HG2  1 
ATOM   810  H HG3  . ARG A 1 55  ? 4.247   -4.507  10.642  1.00 11.02 ? 441 ARG A HG3  1 
ATOM   811  H HD2  . ARG A 1 55  ? 2.281   -5.222  12.530  1.00 12.18 ? 441 ARG A HD2  1 
ATOM   812  H HD3  . ARG A 1 55  ? 3.806   -4.958  12.889  1.00 12.18 ? 441 ARG A HD3  1 
ATOM   813  H HE   . ARG A 1 55  ? 1.973   -3.053  12.397  1.00 10.77 ? 441 ARG A HE   1 
ATOM   814  H HH11 . ARG A 1 55  ? 5.225   -3.518  12.784  1.00 12.42 ? 441 ARG A HH11 1 
ATOM   815  H HH12 . ARG A 1 55  ? 5.565   -2.086  13.014  1.00 12.42 ? 441 ARG A HH12 1 
ATOM   816  H HH21 . ARG A 1 55  ? 2.506   -0.894  12.744  1.00 11.71 ? 441 ARG A HH21 1 
ATOM   817  H HH22 . ARG A 1 55  ? 3.921   -0.501  12.991  1.00 11.71 ? 441 ARG A HH22 1 
ATOM   818  N N    . TYR A 1 56  ? 0.796   -5.945  7.068   1.00 7.95  ? 442 TYR A N    1 
ATOM   819  C CA   . TYR A 1 56  ? -0.003  -5.831  5.859   1.00 6.85  ? 442 TYR A CA   1 
ATOM   820  C C    . TYR A 1 56  ? -1.494  -5.865  6.135   1.00 10.51 ? 442 TYR A C    1 
ATOM   821  O O    . TYR A 1 56  ? -1.968  -6.544  7.053   1.00 12.20 ? 442 TYR A O    1 
ATOM   822  C CB   . TYR A 1 56  ? 0.335   -6.944  4.874   1.00 9.16  ? 442 TYR A CB   1 
ATOM   823  C CG   . TYR A 1 56  ? 1.716   -6.845  4.280   1.00 7.75  ? 442 TYR A CG   1 
ATOM   824  C CD1  . TYR A 1 56  ? 1.940   -6.109  3.127   1.00 9.43  ? 442 TYR A CD1  1 
ATOM   825  C CD2  . TYR A 1 56  ? 2.791   -7.474  4.878   1.00 9.30  ? 442 TYR A CD2  1 
ATOM   826  C CE1  . TYR A 1 56  ? 3.200   -6.016  2.579   1.00 11.88 ? 442 TYR A CE1  1 
ATOM   827  C CE2  . TYR A 1 56  ? 4.053   -7.393  4.333   1.00 11.10 ? 442 TYR A CE2  1 
ATOM   828  C CZ   . TYR A 1 56  ? 4.253   -6.666  3.191   1.00 12.39 ? 442 TYR A CZ   1 
ATOM   829  O OH   . TYR A 1 56  ? 5.516   -6.592  2.653   1.00 12.56 ? 442 TYR A OH   1 
ATOM   830  H H    . TYR A 1 56  ? 0.701   -6.690  7.488   1.00 9.55  ? 442 TYR A H    1 
ATOM   831  H HA   . TYR A 1 56  ? 0.192   -4.966  5.466   1.00 8.23  ? 442 TYR A HA   1 
ATOM   832  H HB2  . TYR A 1 56  ? 0.274   -7.795  5.336   1.00 10.99 ? 442 TYR A HB2  1 
ATOM   833  H HB3  . TYR A 1 56  ? -0.302  -6.915  4.145   1.00 10.99 ? 442 TYR A HB3  1 
ATOM   834  H HD1  . TYR A 1 56  ? 1.229   -5.671  2.718   1.00 11.33 ? 442 TYR A HD1  1 
ATOM   835  H HD2  . TYR A 1 56  ? 2.661   -7.958  5.661   1.00 11.17 ? 442 TYR A HD2  1 
ATOM   836  H HE1  . TYR A 1 56  ? 3.339   -5.521  1.803   1.00 14.26 ? 442 TYR A HE1  1 
ATOM   837  H HE2  . TYR A 1 56  ? 4.766   -7.831  4.739   1.00 13.33 ? 442 TYR A HE2  1 
ATOM   838  H HH   . TYR A 1 56  ? 5.503   -6.133  1.950   1.00 15.07 ? 442 TYR A HH   1 
ATOM   839  N N    . GLN A 1 57  ? -2.229  -5.137  5.301   1.00 8.22  ? 443 GLN A N    1 
ATOM   840  C CA   . GLN A 1 57  ? -3.683  -5.156  5.283   1.00 7.17  ? 443 GLN A CA   1 
ATOM   841  C C    . GLN A 1 57  ? -4.140  -5.410  3.853   1.00 9.50  ? 443 GLN A C    1 
ATOM   842  O O    . GLN A 1 57  ? -3.682  -4.736  2.921   1.00 9.51  ? 443 GLN A O    1 
ATOM   843  C CB   . GLN A 1 57  ? -4.271  -3.849  5.814   1.00 8.89  ? 443 GLN A CB   1 
ATOM   844  C CG   . GLN A 1 57  ? -5.799  -3.799  5.766   1.00 9.50  ? 443 GLN A CG   1 
ATOM   845  C CD   . GLN A 1 57  ? -6.398  -2.591  6.451   1.00 11.16 ? 443 GLN A CD   1 
ATOM   846  O OE1  . GLN A 1 57  ? -5.696  -1.787  7.064   1.00 15.08 ? 443 GLN A OE1  1 
ATOM   847  N NE2  . GLN A 1 57  ? -7.719  -2.457  6.350   1.00 15.81 ? 443 GLN A NE2  1 
ATOM   848  H H    . GLN A 1 57  ? -1.894  -4.604  4.715   1.00 9.87  ? 443 GLN A H    1 
ATOM   849  H HA   . GLN A 1 57  ? -4.011  -5.873  5.847   1.00 8.61  ? 443 GLN A HA   1 
ATOM   850  H HB2  . GLN A 1 57  ? -4.000  -3.738  6.739   1.00 10.67 ? 443 GLN A HB2  1 
ATOM   851  H HB3  . GLN A 1 57  ? -3.933  -3.114  5.280   1.00 10.67 ? 443 GLN A HB3  1 
ATOM   852  H HG2  . GLN A 1 57  ? -6.080  -3.780  4.837   1.00 11.41 ? 443 GLN A HG2  1 
ATOM   853  H HG3  . GLN A 1 57  ? -6.150  -4.590  6.203   1.00 11.41 ? 443 GLN A HG3  1 
ATOM   854  H HE21 . GLN A 1 57  ? -8.178  -3.039  5.914   1.00 18.98 ? 443 GLN A HE21 1 
ATOM   855  H HE22 . GLN A 1 57  ? -8.113  -1.789  6.721   1.00 18.98 ? 443 GLN A HE22 1 
ATOM   856  N N    . ARG A 1 58  ? -5.051  -6.365  3.695   1.00 9.49  ? 444 ARG A N    1 
ATOM   857  C CA   . ARG A 1 58  ? -5.625  -6.714  2.403   1.00 8.72  ? 444 ARG A CA   1 
ATOM   858  C C    . ARG A 1 58  ? -6.800  -5.799  2.111   1.00 12.33 ? 444 ARG A C    1 
ATOM   859  O O    . ARG A 1 58  ? -7.658  -5.588  2.975   1.00 15.81 ? 444 ARG A O    1 
ATOM   860  C CB   . ARG A 1 58  ? -6.078  -8.172  2.421   1.00 13.48 ? 444 ARG A CB   1 
ATOM   861  C CG   . ARG A 1 58  ? -6.605  -8.662  1.097   1.00 18.53 ? 444 ARG A CG   1 
ATOM   862  C CD   . ARG A 1 58  ? -7.103  -10.105 1.173   1.00 24.07 ? 444 ARG A CD   1 
ATOM   863  N NE   . ARG A 1 58  ? -8.170  -10.330 0.197   1.00 26.18 ? 444 ARG A NE   1 
ATOM   864  C CZ   . ARG A 1 58  ? -8.186  -11.309 -0.703  1.00 33.73 ? 444 ARG A CZ   1 
ATOM   865  N NH1  . ARG A 1 58  ? -7.194  -12.187 -0.772  1.00 46.04 ? 444 ARG A NH1  1 
ATOM   866  N NH2  . ARG A 1 58  ? -9.209  -11.407 -1.541  1.00 34.06 ? 444 ARG A NH2  1 
ATOM   867  H H    . ARG A 1 58  ? -5.362  -6.840  4.342   1.00 11.39 ? 444 ARG A H    1 
ATOM   868  H HA   . ARG A 1 58  ? -4.968  -6.600  1.698   1.00 10.47 ? 444 ARG A HA   1 
ATOM   869  H HB2  . ARG A 1 58  ? -5.323  -8.732  2.663   1.00 16.18 ? 444 ARG A HB2  1 
ATOM   870  H HB3  . ARG A 1 58  ? -6.787  -8.270  3.076   1.00 16.18 ? 444 ARG A HB3  1 
ATOM   871  H HG2  . ARG A 1 58  ? -7.347  -8.101  0.822   1.00 22.24 ? 444 ARG A HG2  1 
ATOM   872  H HG3  . ARG A 1 58  ? -5.895  -8.621  0.438   1.00 22.24 ? 444 ARG A HG3  1 
ATOM   873  H HD2  . ARG A 1 58  ? -6.372  -10.712 0.977   1.00 28.88 ? 444 ARG A HD2  1 
ATOM   874  H HD3  . ARG A 1 58  ? -7.453  -10.282 2.060   1.00 28.88 ? 444 ARG A HD3  1 
ATOM   875  H HE   . ARG A 1 58  ? -8.839  -9.788  0.207   1.00 31.42 ? 444 ARG A HE   1 
ATOM   876  H HH11 . ARG A 1 58  ? -6.528  -12.128 -0.230  1.00 55.26 ? 444 ARG A HH11 1 
ATOM   877  H HH12 . ARG A 1 58  ? -7.215  -12.816 -1.359  1.00 55.26 ? 444 ARG A HH12 1 
ATOM   878  H HH21 . ARG A 1 58  ? -9.855  -10.841 -1.501  1.00 40.88 ? 444 ARG A HH21 1 
ATOM   879  H HH22 . ARG A 1 58  ? -9.227  -12.037 -2.126  1.00 40.88 ? 444 ARG A HH22 1 
ATOM   880  N N    . VAL A 1 59  ? -6.846  -5.249  0.902   1.00 11.52 ? 445 VAL A N    1 
ATOM   881  C CA   . VAL A 1 59  ? -7.955  -4.404  0.480   1.00 11.69 ? 445 VAL A CA   1 
ATOM   882  C C    . VAL A 1 59  ? -8.456  -4.889  -0.872  1.00 13.80 ? 445 VAL A C    1 
ATOM   883  O O    . VAL A 1 59  ? -7.664  -5.231  -1.757  1.00 15.25 ? 445 VAL A O    1 
ATOM   884  C CB   . VAL A 1 59  ? -7.554  -2.919  0.421   1.00 18.48 ? 445 VAL A CB   1 
ATOM   885  C CG1  . VAL A 1 59  ? -6.972  -2.483  1.771   1.00 23.20 ? 445 VAL A CG1  1 
ATOM   886  C CG2  . VAL A 1 59  ? -6.567  -2.671  -0.678  1.00 19.32 ? 445 VAL A CG2  1 
ATOM   887  H H    . VAL A 1 59  ? -6.238  -5.352  0.302   1.00 13.83 ? 445 VAL A H    1 
ATOM   888  H HA   . VAL A 1 59  ? -8.682  -4.493  1.116   1.00 14.03 ? 445 VAL A HA   1 
ATOM   889  H HB   . VAL A 1 59  ? -8.344  -2.388  0.233   1.00 22.19 ? 445 VAL A HB   1 
ATOM   890  H HG11 . VAL A 1 59  ? -6.732  -1.545  1.723   1.00 27.85 ? 445 VAL A HG11 1 
ATOM   891  H HG12 . VAL A 1 59  ? -7.639  -2.619  2.462   1.00 27.85 ? 445 VAL A HG12 1 
ATOM   892  H HG13 . VAL A 1 59  ? -6.185  -3.017  1.963   1.00 27.85 ? 445 VAL A HG13 1 
ATOM   893  H HG21 . VAL A 1 59  ? -6.288  -1.742  -0.649  1.00 23.19 ? 445 VAL A HG21 1 
ATOM   894  H HG22 . VAL A 1 59  ? -5.801  -3.251  -0.549  1.00 23.19 ? 445 VAL A HG22 1 
ATOM   895  H HG23 . VAL A 1 59  ? -6.988  -2.863  -1.530  1.00 23.19 ? 445 VAL A HG23 1 
ATOM   896  N N    . GLU A 1 60  ? -9.773  -4.945  -1.018  1.00 16.29 ? 446 GLU A N    1 
ATOM   897  C CA   . GLU A 1 60  ? -10.376 -5.323  -2.283  1.00 18.41 ? 446 GLU A CA   1 
ATOM   898  C C    . GLU A 1 60  ? -10.306 -4.165  -3.266  1.00 17.84 ? 446 GLU A C    1 
ATOM   899  O O    . GLU A 1 60  ? -10.416 -2.994  -2.891  1.00 19.78 ? 446 GLU A O    1 
ATOM   900  C CB   . GLU A 1 60  ? -11.840 -5.724  -2.085  1.00 23.81 ? 446 GLU A CB   1 
ATOM   901  C CG   . GLU A 1 60  ? -12.054 -6.882  -1.127  1.00 35.01 ? 446 GLU A CG   1 
ATOM   902  C CD   . GLU A 1 60  ? -10.940 -7.907  -1.191  1.00 60.04 ? 446 GLU A CD   1 
ATOM   903  O OE1  . GLU A 1 60  ? -10.840 -8.615  -2.217  1.00 50.80 ? 446 GLU A OE1  1 
ATOM   904  O OE2  . GLU A 1 60  ? -10.161 -8.001  -0.221  1.00 52.38 ? 446 GLU A OE2  1 
ATOM   905  H H    . GLU A 1 60  ? -10.339 -4.767  -0.396  1.00 19.56 ? 446 GLU A H    1 
ATOM   906  H HA   . GLU A 1 60  ? -9.898  -6.082  -2.651  1.00 22.10 ? 446 GLU A HA   1 
ATOM   907  H HB2  . GLU A 1 60  ? -12.324 -4.961  -1.734  1.00 28.58 ? 446 GLU A HB2  1 
ATOM   908  H HB3  . GLU A 1 60  ? -12.207 -5.984  -2.945  1.00 28.58 ? 446 GLU A HB3  1 
ATOM   909  H HG2  . GLU A 1 60  ? -12.094 -6.538  -0.221  1.00 42.02 ? 446 GLU A HG2  1 
ATOM   910  H HG3  . GLU A 1 60  ? -12.886 -7.327  -1.351  1.00 42.02 ? 446 GLU A HG3  1 
ATOM   911  N N    . ARG A 1 61  ? -10.125 -4.501  -4.538  1.00 16.10 ? 447 ARG A N    1 
ATOM   912  C CA   . ARG A 1 61  ? -10.185 -3.489  -5.578  1.00 19.30 ? 447 ARG A CA   1 
ATOM   913  C C    . ARG A 1 61  ? -11.555 -2.836  -5.556  1.00 23.20 ? 447 ARG A C    1 
ATOM   914  O O    . ARG A 1 61  ? -12.585 -3.518  -5.563  1.00 28.32 ? 447 ARG A O    1 
ATOM   915  C CB   . ARG A 1 61  ? -9.917  -4.099  -6.949  1.00 22.46 ? 447 ARG A CB   1 
ATOM   916  C CG   . ARG A 1 61  ? -9.869  -3.083  -8.085  1.00 31.83 ? 447 ARG A CG   1 
ATOM   917  C CD   . ARG A 1 61  ? -9.380  -3.715  -9.383  1.00 40.78 ? 447 ARG A CD   1 
ATOM   918  N NE   . ARG A 1 61  ? -9.749  -2.922  -10.556 1.00 59.53 ? 447 ARG A NE   1 
ATOM   919  C CZ   . ARG A 1 61  ? -8.880  -2.407  -11.425 1.00 58.47 ? 447 ARG A CZ   1 
ATOM   920  N NH1  . ARG A 1 61  ? -7.576  -2.593  -11.265 1.00 47.22 ? 447 ARG A NH1  1 
ATOM   921  N NH2  . ARG A 1 61  ? -9.318  -1.703  -12.460 1.00 53.46 ? 447 ARG A NH2  1 
ATOM   922  H H    . ARG A 1 61  ? -9.968  -5.298  -4.820  1.00 19.33 ? 447 ARG A H    1 
ATOM   923  H HA   . ARG A 1 61  ? -9.501  -2.818  -5.421  1.00 23.16 ? 447 ARG A HA   1 
ATOM   924  H HB2  . ARG A 1 61  ? -9.061  -4.554  -6.924  1.00 26.96 ? 447 ARG A HB2  1 
ATOM   925  H HB3  . ARG A 1 61  ? -10.624 -4.732  -7.150  1.00 26.96 ? 447 ARG A HB3  1 
ATOM   926  H HG2  . ARG A 1 61  ? -10.759 -2.727  -8.236  1.00 38.20 ? 447 ARG A HG2  1 
ATOM   927  H HG3  . ARG A 1 61  ? -9.261  -2.365  -7.849  1.00 38.20 ? 447 ARG A HG3  1 
ATOM   928  H HD2  . ARG A 1 61  ? -8.413  -3.786  -9.359  1.00 48.95 ? 447 ARG A HD2  1 
ATOM   929  H HD3  . ARG A 1 61  ? -9.775  -4.595  -9.477  1.00 48.95 ? 447 ARG A HD3  1 
ATOM   930  H HE   . ARG A 1 61  ? -10.586 -2.779  -10.695 1.00 71.44 ? 447 ARG A HE   1 
ATOM   931  H HH11 . ARG A 1 61  ? -7.285  -3.049  -10.596 1.00 56.67 ? 447 ARG A HH11 1 
ATOM   932  H HH12 . ARG A 1 61  ? -7.022  -2.257  -11.831 1.00 56.67 ? 447 ARG A HH12 1 
ATOM   933  H HH21 . ARG A 1 61  ? -10.161 -1.580  -12.570 1.00 64.16 ? 447 ARG A HH21 1 
ATOM   934  H HH22 . ARG A 1 61  ? -8.758  -1.370  -13.021 1.00 64.16 ? 447 ARG A HH22 1 
ATOM   935  N N    . SER A 1 62  ? -11.568 -1.515  -5.499  1.00 20.81 ? 448 SER A N    1 
ATOM   936  C CA   . SER A 1 62  ? -12.782 -0.731  -5.610  1.00 24.39 ? 448 SER A CA   1 
ATOM   937  C C    . SER A 1 62  ? -12.957 -0.285  -7.059  1.00 18.49 ? 448 SER A C    1 
ATOM   938  O O    . SER A 1 62  ? -12.064 -0.429  -7.901  1.00 32.91 ? 448 SER A O    1 
ATOM   939  C CB   . SER A 1 62  ? -12.723 0.479   -4.678  1.00 21.62 ? 448 SER A CB   1 
ATOM   940  O OG   . SER A 1 62  ? -12.081 1.564   -5.311  1.00 22.58 ? 448 SER A OG   1 
ATOM   941  H H    . SER A 1 62  ? -10.861 -1.035  -5.392  1.00 24.98 ? 448 SER A H    1 
ATOM   942  H HA   . SER A 1 62  ? -13.548 -1.265  -5.350  1.00 29.28 ? 448 SER A HA   1 
ATOM   943  H HB2  . SER A 1 62  ? -13.626 0.741   -4.441  1.00 25.95 ? 448 SER A HB2  1 
ATOM   944  H HB3  . SER A 1 62  ? -12.227 0.240   -3.879  1.00 25.95 ? 448 SER A HB3  1 
ATOM   945  H HG   . SER A 1 62  ? -12.007 2.206   -4.775  1.00 27.11 ? 448 SER A HG   1 
ATOM   946  N N    . GLY A 1 63  ? -14.123 0.271   -7.339  1.00 27.75 ? 449 GLY A N    1 
ATOM   947  C CA   . GLY A 1 63  ? -14.357 0.845   -8.648  1.00 33.40 ? 449 GLY A CA   1 
ATOM   948  C C    . GLY A 1 63  ? -13.915 2.289   -8.714  1.00 34.87 ? 449 GLY A C    1 
ATOM   949  O O    . GLY A 1 63  ? -14.341 3.033   -9.603  1.00 36.50 ? 449 GLY A O    1 
ATOM   950  H H    . GLY A 1 63  ? -14.787 0.325   -6.795  1.00 33.30 ? 449 GLY A H    1 
ATOM   951  H HA2  . GLY A 1 63  ? -13.865 0.341   -9.315  1.00 40.09 ? 449 GLY A HA2  1 
ATOM   952  H HA3  . GLY A 1 63  ? -15.304 0.802   -8.855  1.00 40.09 ? 449 GLY A HA3  1 
ATOM   953  N N    . ILE A 1 64  ? -13.057 2.696   -7.781  1.00 25.20 ? 450 ILE A N    1 
ATOM   954  C CA   . ILE A 1 64  ? -12.633 4.085   -7.675  1.00 26.49 ? 450 ILE A CA   1 
ATOM   955  C C    . ILE A 1 64  ? -11.125 4.171   -7.829  1.00 22.44 ? 450 ILE A C    1 
ATOM   956  O O    . ILE A 1 64  ? -10.376 3.266   -7.447  1.00 27.40 ? 450 ILE A O    1 
ATOM   957  C CB   . ILE A 1 64  ? -13.081 4.721   -6.341  1.00 21.68 ? 450 ILE A CB   1 
ATOM   958  C CG1  . ILE A 1 64  ? -14.612 4.728   -6.246  1.00 35.46 ? 450 ILE A CG1  1 
ATOM   959  C CG2  . ILE A 1 64  ? -12.534 6.137   -6.207  1.00 28.72 ? 450 ILE A CG2  1 
ATOM   960  C CD1  . ILE A 1 64  ? -15.310 5.426   -7.408  1.00 40.28 ? 450 ILE A CD1  1 
ATOM   961  H H    . ILE A 1 64  ? -12.704 2.178   -7.193  1.00 30.25 ? 450 ILE A H    1 
ATOM   962  H HA   . ILE A 1 64  ? -13.032 4.584   -8.405  1.00 31.79 ? 450 ILE A HA   1 
ATOM   963  H HB   . ILE A 1 64  ? -12.725 4.187   -5.615  1.00 26.02 ? 450 ILE A HB   1 
ATOM   964  H HG12 . ILE A 1 64  ? -14.926 3.811   -6.222  1.00 42.56 ? 450 ILE A HG12 1 
ATOM   965  H HG13 . ILE A 1 64  ? -14.870 5.188   -5.431  1.00 42.56 ? 450 ILE A HG13 1 
ATOM   966  H HG21 . ILE A 1 64  ? -12.889 6.538   -5.398  1.00 34.47 ? 450 ILE A HG21 1 
ATOM   967  H HG22 . ILE A 1 64  ? -11.566 6.099   -6.158  1.00 34.47 ? 450 ILE A HG22 1 
ATOM   968  H HG23 . ILE A 1 64  ? -12.806 6.656   -6.979  1.00 34.47 ? 450 ILE A HG23 1 
ATOM   969  H HD11 . ILE A 1 64  ? -16.266 5.432   -7.246  1.00 48.35 ? 450 ILE A HD11 1 
ATOM   970  H HD12 . ILE A 1 64  ? -14.980 6.335   -7.476  1.00 48.35 ? 450 ILE A HD12 1 
ATOM   971  H HD13 . ILE A 1 64  ? -15.117 4.943   -8.228  1.00 48.35 ? 450 ILE A HD13 1 
ATOM   972  N N    . ASN A 1 65  ? -10.681 5.291   -8.376  1.00 18.80 ? 451 ASN A N    1 
ATOM   973  C CA   . ASN A 1 65  ? -9.296  5.577   -8.698  1.00 16.28 ? 451 ASN A CA   1 
ATOM   974  C C    . ASN A 1 65  ? -9.006  7.030   -8.350  1.00 23.68 ? 451 ASN A C    1 
ATOM   975  O O    . ASN A 1 65  ? -9.655  7.927   -8.899  1.00 23.99 ? 451 ASN A O    1 
ATOM   976  C CB   . ASN A 1 65  ? -9.063  5.313   -10.183 1.00 23.49 ? 451 ASN A CB   1 
ATOM   977  C CG   . ASN A 1 65  ? -7.635  5.027   -10.503 1.00 35.09 ? 451 ASN A CG   1 
ATOM   978  O OD1  . ASN A 1 65  ? -6.964  4.280   -9.791  1.00 32.78 ? 451 ASN A OD1  1 
ATOM   979  N ND2  . ASN A 1 65  ? -7.132  5.642   -11.569 1.00 24.82 ? 451 ASN A ND2  1 
ATOM   980  H H    . ASN A 1 65  ? -11.198 5.944   -8.586  1.00 22.56 ? 451 ASN A H    1 
ATOM   981  H HA   . ASN A 1 65  ? -8.691  5.015   -8.188  1.00 19.54 ? 451 ASN A HA   1 
ATOM   982  H HB2  . ASN A 1 65  ? -9.590  4.545   -10.454 1.00 28.20 ? 451 ASN A HB2  1 
ATOM   983  H HB3  . ASN A 1 65  ? -9.332  6.096   -10.689 1.00 28.20 ? 451 ASN A HB3  1 
ATOM   984  H HD21 . ASN A 1 65  ? -6.313  5.511   -11.796 1.00 29.79 ? 451 ASN A HD21 1 
ATOM   985  H HD22 . ASN A 1 65  ? -7.626  6.172   -12.033 1.00 29.79 ? 451 ASN A HD22 1 
ATOM   986  N N    . PRO A 1 66  ? -8.046  7.321   -7.455  1.00 14.10 ? 452 PRO A N    1 
ATOM   987  C CA   . PRO A 1 66  ? -7.152  6.369   -6.780  1.00 11.62 ? 452 PRO A CA   1 
ATOM   988  C C    . PRO A 1 66  ? -7.862  5.580   -5.699  1.00 13.80 ? 452 PRO A C    1 
ATOM   989  O O    . PRO A 1 66  ? -8.952  5.951   -5.268  1.00 13.12 ? 452 PRO A O    1 
ATOM   990  C CB   . PRO A 1 66  ? -6.079  7.267   -6.173  1.00 12.98 ? 452 PRO A CB   1 
ATOM   991  C CG   . PRO A 1 66  ? -6.796  8.536   -5.876  1.00 22.95 ? 452 PRO A CG   1 
ATOM   992  C CD   . PRO A 1 66  ? -7.828  8.701   -6.980  1.00 16.78 ? 452 PRO A CD   1 
ATOM   993  H HA   . PRO A 1 66  ? -6.746  5.761   -7.418  1.00 13.95 ? 452 PRO A HA   1 
ATOM   994  H HB2  . PRO A 1 66  ? -5.726  6.867   -5.364  1.00 15.58 ? 452 PRO A HB2  1 
ATOM   995  H HB3  . PRO A 1 66  ? -5.363  7.411   -6.811  1.00 15.58 ? 452 PRO A HB3  1 
ATOM   996  H HG2  . PRO A 1 66  ? -7.228  8.471   -5.010  1.00 27.54 ? 452 PRO A HG2  1 
ATOM   997  H HG3  . PRO A 1 66  ? -6.169  9.275   -5.879  1.00 27.54 ? 452 PRO A HG3  1 
ATOM   998  H HD2  . PRO A 1 66  ? -8.649  9.078   -6.630  1.00 20.15 ? 452 PRO A HD2  1 
ATOM   999  H HD3  . PRO A 1 66  ? -7.483  9.259   -7.693  1.00 20.15 ? 452 PRO A HD3  1 
ATOM   1000 N N    . GLU A 1 67  ? -7.242  4.488   -5.279  1.00 9.44  ? 453 GLU A N    1 
ATOM   1001 C CA   . GLU A 1 67  ? -7.685  3.771   -4.101  1.00 9.03  ? 453 GLU A CA   1 
ATOM   1002 C C    . GLU A 1 67  ? -7.209  4.513   -2.859  1.00 8.82  ? 453 GLU A C    1 
ATOM   1003 O O    . GLU A 1 67  ? -6.222  5.244   -2.901  1.00 9.65  ? 453 GLU A O    1 
ATOM   1004 C CB   . GLU A 1 67  ? -7.143  2.342   -4.092  1.00 10.88 ? 453 GLU A CB   1 
ATOM   1005 C CG   . GLU A 1 67  ? -7.485  1.512   -5.322  1.00 14.89 ? 453 GLU A CG   1 
ATOM   1006 C CD   . GLU A 1 67  ? -8.857  0.855   -5.251  1.00 18.42 ? 453 GLU A CD   1 
ATOM   1007 O OE1  . GLU A 1 67  ? -9.646  1.193   -4.344  1.00 17.10 ? 453 GLU A OE1  1 
ATOM   1008 O OE2  . GLU A 1 67  ? -9.145  -0.008  -6.112  1.00 18.12 ? 453 GLU A OE2  1 
ATOM   1009 H H    . GLU A 1 67  ? -6.555  4.142   -5.665  1.00 11.34 ? 453 GLU A H    1 
ATOM   1010 H HA   . GLU A 1 67  ? -8.653  3.711   -4.094  1.00 10.84 ? 453 GLU A HA   1 
ATOM   1011 H HB2  . GLU A 1 67  ? -6.176  2.382   -4.029  1.00 13.06 ? 453 GLU A HB2  1 
ATOM   1012 H HB3  . GLU A 1 67  ? -7.507  1.881   -3.321  1.00 13.06 ? 453 GLU A HB3  1 
ATOM   1013 H HG2  . GLU A 1 67  ? -7.472  2.088   -6.103  1.00 17.88 ? 453 GLU A HG2  1 
ATOM   1014 H HG3  . GLU A 1 67  ? -6.824  0.808   -5.418  1.00 17.88 ? 453 GLU A HG3  1 
ATOM   1015 N N    . THR A 1 68  ? -7.928  4.311   -1.747  1.00 10.62 ? 454 THR A N    1 
ATOM   1016 C CA   . THR A 1 68  ? -7.639  4.988   -0.486  1.00 10.67 ? 454 THR A CA   1 
ATOM   1017 C C    . THR A 1 68  ? -7.741  4.011   0.677   1.00 9.76  ? 454 THR A C    1 
ATOM   1018 O O    . THR A 1 68  ? -8.654  3.182   0.724   1.00 12.75 ? 454 THR A O    1 
ATOM   1019 C CB   . THR A 1 68  ? -8.609  6.159   -0.237  1.00 12.65 ? 454 THR A CB   1 
ATOM   1020 O OG1  . THR A 1 68  ? -8.600  7.059   -1.350  1.00 15.31 ? 454 THR A OG1  1 
ATOM   1021 C CG2  . THR A 1 68  ? -8.229  6.927   1.028   1.00 15.23 ? 454 THR A CG2  1 
ATOM   1022 H H    . THR A 1 68  ? -8.599  3.776   -1.701  1.00 12.75 ? 454 THR A H    1 
ATOM   1023 H HA   . THR A 1 68  ? -6.730  5.325   -0.522  1.00 12.81 ? 454 THR A HA   1 
ATOM   1024 H HB   . THR A 1 68  ? -9.502  5.798   -0.123  1.00 15.18 ? 454 THR A HB   1 
ATOM   1025 H HG1  . THR A 1 68  ? -9.099  6.768   -1.959  1.00 18.38 ? 454 THR A HG1  1 
ATOM   1026 H HG21 . THR A 1 68  ? -8.841  7.668   1.163   1.00 18.28 ? 454 THR A HG21 1 
ATOM   1027 H HG22 . THR A 1 68  ? -8.272  6.339   1.798   1.00 18.28 ? 454 THR A HG22 1 
ATOM   1028 H HG23 . THR A 1 68  ? -7.328  7.275   0.947   1.00 18.28 ? 454 THR A HG23 1 
ATOM   1029 N N    . LEU A 1 69  ? -6.816  4.134   1.631   1.00 9.08  ? 455 LEU A N    1 
ATOM   1030 C CA   . LEU A 1 69  ? -6.869  3.386   2.885   1.00 8.02  ? 455 LEU A CA   1 
ATOM   1031 C C    . LEU A 1 69  ? -6.440  4.297   4.026   1.00 8.02  ? 455 LEU A C    1 
ATOM   1032 O O    . LEU A 1 69  ? -5.406  4.956   3.933   1.00 8.68  ? 455 LEU A O    1 
ATOM   1033 C CB   . LEU A 1 69  ? -5.964  2.153   2.854   1.00 8.98  ? 455 LEU A CB   1 
ATOM   1034 C CG   . LEU A 1 69  ? -5.858  1.363   4.160   1.00 10.72 ? 455 LEU A CG   1 
ATOM   1035 C CD1  . LEU A 1 69  ? -7.190  0.748   4.503   1.00 11.53 ? 455 LEU A CD1  1 
ATOM   1036 C CD2  . LEU A 1 69  ? -4.796  0.271   4.074   1.00 12.25 ? 455 LEU A CD2  1 
ATOM   1037 H H    . LEU A 1 69  ? -6.134  4.655   1.573   1.00 10.90 ? 455 LEU A H    1 
ATOM   1038 H HA   . LEU A 1 69  ? -7.782  3.094   3.036   1.00 9.63  ? 455 LEU A HA   1 
ATOM   1039 H HB2  . LEU A 1 69  ? -6.304  1.545   2.178   1.00 10.78 ? 455 LEU A HB2  1 
ATOM   1040 H HB3  . LEU A 1 69  ? -5.069  2.441   2.619   1.00 10.78 ? 455 LEU A HB3  1 
ATOM   1041 H HG   . LEU A 1 69  ? -5.596  1.977   4.863   1.00 12.87 ? 455 LEU A HG   1 
ATOM   1042 H HD11 . LEU A 1 69  ? -7.103  0.248   5.330   1.00 13.84 ? 455 LEU A HD11 1 
ATOM   1043 H HD12 . LEU A 1 69  ? -7.846  1.454   4.611   1.00 13.84 ? 455 LEU A HD12 1 
ATOM   1044 H HD13 . LEU A 1 69  ? -7.459  0.154   3.784   1.00 13.84 ? 455 LEU A HD13 1 
ATOM   1045 H HD21 . LEU A 1 69  ? -4.768  -0.209  4.916   1.00 14.71 ? 455 LEU A HD21 1 
ATOM   1046 H HD22 . LEU A 1 69  ? -5.026  -0.337  3.354   1.00 14.71 ? 455 LEU A HD22 1 
ATOM   1047 H HD23 . LEU A 1 69  ? -3.935  0.681   3.898   1.00 14.71 ? 455 LEU A HD23 1 
ATOM   1048 N N    . LEU A 1 70  ? -7.234  4.338   5.093   1.00 7.84  ? 456 LEU A N    1 
ATOM   1049 C CA   . LEU A 1 70  ? -6.835  5.020   6.318   1.00 7.42  ? 456 LEU A CA   1 
ATOM   1050 C C    . LEU A 1 70  ? -6.206  4.010   7.269   1.00 10.53 ? 456 LEU A C    1 
ATOM   1051 O O    . LEU A 1 70  ? -6.800  2.964   7.556   1.00 12.75 ? 456 LEU A O    1 
ATOM   1052 C CB   . LEU A 1 70  ? -8.042  5.694   6.987   1.00 8.13  ? 456 LEU A CB   1 
ATOM   1053 C CG   . LEU A 1 70  ? -8.750  6.787   6.192   1.00 9.56  ? 456 LEU A CG   1 
ATOM   1054 C CD1  . LEU A 1 70  ? -9.886  7.387   7.015   1.00 13.77 ? 456 LEU A CD1  1 
ATOM   1055 C CD2  . LEU A 1 70  ? -7.798  7.875   5.765   1.00 11.91 ? 456 LEU A CD2  1 
ATOM   1056 H H    . LEU A 1 70  ? -8.013  3.976   5.131   1.00 9.42  ? 456 LEU A H    1 
ATOM   1057 H HA   . LEU A 1 70  ? -6.185  5.710   6.112   1.00 8.92  ? 456 LEU A HA   1 
ATOM   1058 H HB2  . LEU A 1 70  ? -8.701  5.008   7.175   1.00 9.76  ? 456 LEU A HB2  1 
ATOM   1059 H HB3  . LEU A 1 70  ? -7.738  6.098   7.816   1.00 9.76  ? 456 LEU A HB3  1 
ATOM   1060 H HG   . LEU A 1 70  ? -9.113  6.384   5.388   1.00 11.48 ? 456 LEU A HG   1 
ATOM   1061 H HD11 . LEU A 1 70  ? -10.324 8.077   6.493   1.00 16.53 ? 456 LEU A HD11 1 
ATOM   1062 H HD12 . LEU A 1 70  ? -10.520 6.687   7.237   1.00 16.53 ? 456 LEU A HD12 1 
ATOM   1063 H HD13 . LEU A 1 70  ? -9.519  7.770   7.828   1.00 16.53 ? 456 LEU A HD13 1 
ATOM   1064 H HD21 . LEU A 1 70  ? -8.299  8.573   5.316   1.00 14.30 ? 456 LEU A HD21 1 
ATOM   1065 H HD22 . LEU A 1 70  ? -7.360  8.237   6.552   1.00 14.30 ? 456 LEU A HD22 1 
ATOM   1066 H HD23 . LEU A 1 70  ? -7.138  7.500   5.161   1.00 14.30 ? 456 LEU A HD23 1 
ATOM   1067 N N    . ILE A 1 71  ? -4.993  4.306   7.729   1.00 9.09  ? 457 ILE A N    1 
ATOM   1068 C CA   . ILE A 1 71  ? -4.308  3.510   8.743   1.00 8.10  ? 457 ILE A CA   1 
ATOM   1069 C C    . ILE A 1 71  ? -4.344  4.318   10.028  1.00 8.17  ? 457 ILE A C    1 
ATOM   1070 O O    . ILE A 1 71  ? -3.700  5.371   10.118  1.00 9.70  ? 457 ILE A O    1 
ATOM   1071 C CB   . ILE A 1 71  ? -2.865  3.175   8.349   1.00 9.97  ? 457 ILE A CB   1 
ATOM   1072 C CG1  . ILE A 1 71  ? -2.827  2.444   7.009   1.00 10.00 ? 457 ILE A CG1  1 
ATOM   1073 C CG2  . ILE A 1 71  ? -2.210  2.314   9.438   1.00 11.48 ? 457 ILE A CG2  1 
ATOM   1074 C CD1  . ILE A 1 71  ? -1.431  2.187   6.484   1.00 12.10 ? 457 ILE A CD1  1 
ATOM   1075 H H    . ILE A 1 71  ? -4.535  4.984   7.462   1.00 10.92 ? 457 ILE A H    1 
ATOM   1076 H HA   . ILE A 1 71  ? -4.785  2.674   8.870   1.00 9.73  ? 457 ILE A HA   1 
ATOM   1077 H HB   . ILE A 1 71  ? -2.372  4.006   8.260   1.00 11.98 ? 457 ILE A HB   1 
ATOM   1078 H HG12 . ILE A 1 71  ? -3.266  1.585   7.110   1.00 12.01 ? 457 ILE A HG12 1 
ATOM   1079 H HG13 . ILE A 1 71  ? -3.296  2.980   6.350   1.00 12.01 ? 457 ILE A HG13 1 
ATOM   1080 H HG21 . ILE A 1 71  ? -1.293  2.125   9.182   1.00 13.79 ? 457 ILE A HG21 1 
ATOM   1081 H HG22 . ILE A 1 71  ? -2.224  2.801   10.277  1.00 13.79 ? 457 ILE A HG22 1 
ATOM   1082 H HG23 . ILE A 1 71  ? -2.706  1.485   9.526   1.00 13.79 ? 457 ILE A HG23 1 
ATOM   1083 H HD11 . ILE A 1 71  ? -1.494  1.770   5.611   1.00 14.53 ? 457 ILE A HD11 1 
ATOM   1084 H HD12 . ILE A 1 71  ? -0.960  3.032   6.415   1.00 14.53 ? 457 ILE A HD12 1 
ATOM   1085 H HD13 . ILE A 1 71  ? -0.967  1.598   7.099   1.00 14.53 ? 457 ILE A HD13 1 
ATOM   1086 N N    . ALA A 1 72  ? -5.078  3.836   11.020  1.00 9.49  ? 458 ALA A N    1 
ATOM   1087 C CA   . ALA A 1 72  ? -5.218  4.516   12.300  1.00 9.53  ? 458 ALA A CA   1 
ATOM   1088 C C    . ALA A 1 72  ? -4.699  3.619   13.416  1.00 6.88  ? 458 ALA A C    1 
ATOM   1089 O O    . ALA A 1 72  ? -4.241  2.497   13.187  1.00 8.44  ? 458 ALA A O    1 
ATOM   1090 C CB   . ALA A 1 72  ? -6.677  4.915   12.544  1.00 11.26 ? 458 ALA A CB   1 
ATOM   1091 H H    . ALA A 1 72  ? -5.514  3.097   10.976  1.00 11.40 ? 458 ALA A H    1 
ATOM   1092 H HA   . ALA A 1 72  ? -4.682  5.324   12.290  1.00 11.45 ? 458 ALA A HA   1 
ATOM   1093 H HB1  . ALA A 1 72  ? -6.741  5.373   13.397  1.00 13.52 ? 458 ALA A HB1  1 
ATOM   1094 H HB2  . ALA A 1 72  ? -6.968  5.504   11.830  1.00 13.52 ? 458 ALA A HB2  1 
ATOM   1095 H HB3  . ALA A 1 72  ? -7.226  4.115   12.557  1.00 13.52 ? 458 ALA A HB3  1 
ATOM   1096 N N    . GLY A 1 73  ? -4.763  4.129   14.640  1.00 8.08  ? 459 GLY A N    1 
ATOM   1097 C CA   . GLY A 1 73  ? -4.284  3.359   15.770  1.00 9.88  ? 459 GLY A CA   1 
ATOM   1098 C C    . GLY A 1 73  ? -2.781  3.234   15.812  1.00 9.56  ? 459 GLY A C    1 
ATOM   1099 O O    . GLY A 1 73  ? -2.262  2.265   16.375  1.00 9.96  ? 459 GLY A O    1 
ATOM   1100 H H    . GLY A 1 73  ? -5.076  4.907   14.836  1.00 9.70  ? 459 GLY A H    1 
ATOM   1101 H HA2  . GLY A 1 73  ? -4.574  3.787   16.591  1.00 11.87 ? 459 GLY A HA2  1 
ATOM   1102 H HA3  . GLY A 1 73  ? -4.660  2.466   15.728  1.00 11.87 ? 459 GLY A HA3  1 
ATOM   1103 N N    . LEU A 1 74  ? -2.067  4.185   15.214  1.00 8.38  ? 460 LEU A N    1 
ATOM   1104 C CA   . LEU A 1 74  ? -0.615  4.213   15.249  1.00 7.45  ? 460 LEU A CA   1 
ATOM   1105 C C    . LEU A 1 74  ? -0.129  4.771   16.582  1.00 8.22  ? 460 LEU A C    1 
ATOM   1106 O O    . LEU A 1 74  ? -0.912  5.215   17.425  1.00 8.74  ? 460 LEU A O    1 
ATOM   1107 C CB   . LEU A 1 74  ? -0.080  5.049   14.089  1.00 8.32  ? 460 LEU A CB   1 
ATOM   1108 C CG   . LEU A 1 74  ? -0.501  4.542   12.715  1.00 8.19  ? 460 LEU A CG   1 
ATOM   1109 C CD1  . LEU A 1 74  ? -0.129  5.556   11.645  1.00 11.38 ? 460 LEU A CD1  1 
ATOM   1110 C CD2  . LEU A 1 74  ? 0.133   3.203   12.409  1.00 11.45 ? 460 LEU A CD2  1 
ATOM   1111 H H    . LEU A 1 74  ? -2.411  4.837   14.772  1.00 10.06 ? 460 LEU A H    1 
ATOM   1112 H HA   . LEU A 1 74  ? -0.269  3.311   15.157  1.00 8.95  ? 460 LEU A HA   1 
ATOM   1113 H HB2  . LEU A 1 74  ? -0.410  5.957   14.184  1.00 9.99  ? 460 LEU A HB2  1 
ATOM   1114 H HB3  . LEU A 1 74  ? 0.889   5.043   14.124  1.00 9.99  ? 460 LEU A HB3  1 
ATOM   1115 H HG   . LEU A 1 74  ? -1.463  4.421   12.711  1.00 9.84  ? 460 LEU A HG   1 
ATOM   1116 H HD11 . LEU A 1 74  ? -0.410  5.219   10.780  1.00 13.66 ? 460 LEU A HD11 1 
ATOM   1117 H HD12 . LEU A 1 74  ? -0.579  6.395   11.835  1.00 13.66 ? 460 LEU A HD12 1 
ATOM   1118 H HD13 . LEU A 1 74  ? 0.832   5.687   11.654  1.00 13.66 ? 460 LEU A HD13 1 
ATOM   1119 H HD21 . LEU A 1 74  ? -0.138  2.921   11.521  1.00 13.74 ? 460 LEU A HD21 1 
ATOM   1120 H HD22 . LEU A 1 74  ? 1.098   3.294   12.447  1.00 13.74 ? 460 LEU A HD22 1 
ATOM   1121 H HD23 . LEU A 1 74  ? -0.164  2.554   13.066  1.00 13.74 ? 460 LEU A HD23 1 
ATOM   1122 N N    . GLN A 1 75  ? 1.185   4.739   16.769  1.00 8.63  ? 461 GLN A N    1 
ATOM   1123 C CA   . GLN A 1 75  ? 1.798   5.217   17.999  1.00 8.29  ? 461 GLN A CA   1 
ATOM   1124 C C    . GLN A 1 75  ? 2.129   6.703   17.895  1.00 10.01 ? 461 GLN A C    1 
ATOM   1125 O O    . GLN A 1 75  ? 2.244   7.264   16.807  1.00 10.62 ? 461 GLN A O    1 
ATOM   1126 C CB   . GLN A 1 75  ? 3.051   4.403   18.311  1.00 8.31  ? 461 GLN A CB   1 
ATOM   1127 C CG   . GLN A 1 75  ? 2.769   2.966   18.727  1.00 9.22  ? 461 GLN A CG   1 
ATOM   1128 C CD   . GLN A 1 75  ? 4.030   2.159   18.965  1.00 9.74  ? 461 GLN A CD   1 
ATOM   1129 O OE1  . GLN A 1 75  ? 4.895   2.063   18.098  1.00 9.39  ? 461 GLN A OE1  1 
ATOM   1130 N NE2  . GLN A 1 75  ? 4.143   1.585   20.156  1.00 10.25 ? 461 GLN A NE2  1 
ATOM   1131 H H    . GLN A 1 75  ? 1.747   4.440   16.191  1.00 10.36 ? 461 GLN A H    1 
ATOM   1132 H HA   . GLN A 1 75  ? 1.179   5.109   18.738  1.00 9.96  ? 461 GLN A HA   1 
ATOM   1133 H HB2  . GLN A 1 75  ? 3.610   4.377   17.519  1.00 9.98  ? 461 GLN A HB2  1 
ATOM   1134 H HB3  . GLN A 1 75  ? 3.528   4.832   19.038  1.00 9.98  ? 461 GLN A HB3  1 
ATOM   1135 H HG2  . GLN A 1 75  ? 2.257   2.971   19.551  1.00 11.07 ? 461 GLN A HG2  1 
ATOM   1136 H HG3  . GLN A 1 75  ? 2.263   2.528   18.025  1.00 11.07 ? 461 GLN A HG3  1 
ATOM   1137 H HE21 . GLN A 1 75  ? 3.521   1.681   20.741  1.00 12.31 ? 461 GLN A HE21 1 
ATOM   1138 H HE22 . GLN A 1 75  ? 4.841   1.116   20.342  1.00 12.31 ? 461 GLN A HE22 1 
ATOM   1139 N N    . LYS A 1 76  ? 2.285   7.335   19.057  1.00 9.37  ? 462 LYS A N    1 
ATOM   1140 C CA   . LYS A 1 76  ? 2.578   8.756   19.112  1.00 9.69  ? 462 LYS A CA   1 
ATOM   1141 C C    . LYS A 1 76  ? 4.014   9.035   18.686  1.00 9.83  ? 462 LYS A C    1 
ATOM   1142 O O    . LYS A 1 76  ? 4.939   8.311   19.055  1.00 11.09 ? 462 LYS A O    1 
ATOM   1143 C CB   . LYS A 1 76  ? 2.346   9.278   20.530  1.00 10.86 ? 462 LYS A CB   1 
ATOM   1144 C CG   . LYS A 1 76  ? 2.539   10.777  20.710  1.00 11.88 ? 462 LYS A CG   1 
ATOM   1145 C CD   . LYS A 1 76  ? 2.221   11.190  22.137  1.00 15.74 ? 462 LYS A CD   1 
ATOM   1146 C CE   . LYS A 1 76  ? 2.161   12.702  22.284  1.00 32.80 ? 462 LYS A CE   1 
ATOM   1147 N NZ   . LYS A 1 76  ? 3.496   13.331  22.067  1.00 46.17 ? 462 LYS A NZ   1 
ATOM   1148 H H    . LYS A 1 76  ? 2.224   6.959   19.827  1.00 11.25 ? 462 LYS A H    1 
ATOM   1149 H HA   . LYS A 1 76  ? 1.990   9.230   18.503  1.00 11.64 ? 462 LYS A HA   1 
ATOM   1150 H HB2  . LYS A 1 76  ? 1.434   9.071   20.786  1.00 13.03 ? 462 LYS A HB2  1 
ATOM   1151 H HB3  . LYS A 1 76  ? 2.968   8.832   21.126  1.00 13.03 ? 462 LYS A HB3  1 
ATOM   1152 H HG2  . LYS A 1 76  ? 3.462   11.011  20.520  1.00 14.26 ? 462 LYS A HG2  1 
ATOM   1153 H HG3  . LYS A 1 76  ? 1.946   11.257  20.110  1.00 14.26 ? 462 LYS A HG3  1 
ATOM   1154 H HD2  . LYS A 1 76  ? 1.359   10.826  22.392  1.00 18.90 ? 462 LYS A HD2  1 
ATOM   1155 H HD3  . LYS A 1 76  ? 2.912   10.854  22.730  1.00 18.90 ? 462 LYS A HD3  1 
ATOM   1156 H HE2  . LYS A 1 76  ? 1.544   13.063  21.628  1.00 39.37 ? 462 LYS A HE2  1 
ATOM   1157 H HE3  . LYS A 1 76  ? 1.861   12.925  23.179  1.00 39.37 ? 462 LYS A HE3  1 
ATOM   1158 H HZ1  . LYS A 1 76  ? 3.553   14.089  22.529  1.00 55.42 ? 462 LYS A HZ1  1 
ATOM   1159 H HZ2  . LYS A 1 76  ? 4.140   12.779  22.335  1.00 55.42 ? 462 LYS A HZ2  1 
ATOM   1160 H HZ3  . LYS A 1 76  ? 3.610   13.511  21.203  1.00 55.42 ? 462 LYS A HZ3  1 
ATOM   1161 N N    . ALA A 1 77  ? 4.183   10.089  17.884  1.00 11.41 ? 463 ALA A N    1 
ATOM   1162 C CA   . ALA A 1 77  ? 5.494   10.685  17.621  1.00 13.61 ? 463 ALA A CA   1 
ATOM   1163 C C    . ALA A 1 77  ? 6.469   9.702   16.980  1.00 14.15 ? 463 ALA A C    1 
ATOM   1164 O O    . ALA A 1 77  ? 7.662   9.695   17.291  1.00 18.13 ? 463 ALA A O    1 
ATOM   1165 C CB   . ALA A 1 77  ? 6.096   11.256  18.909  1.00 18.03 ? 463 ALA A CB   1 
ATOM   1166 H H    . ALA A 1 77  ? 3.540   10.484  17.473  1.00 13.69 ? 463 ALA A H    1 
ATOM   1167 H HA   . ALA A 1 77  ? 5.362   11.403  16.982  1.00 16.34 ? 463 ALA A HA   1 
ATOM   1168 H HB1  . ALA A 1 77  ? 6.963   11.644  18.708  1.00 21.65 ? 463 ALA A HB1  1 
ATOM   1169 H HB2  . ALA A 1 77  ? 5.502   11.938  19.259  1.00 21.65 ? 463 ALA A HB2  1 
ATOM   1170 H HB3  . ALA A 1 77  ? 6.197   10.540  19.556  1.00 21.65 ? 463 ALA A HB3  1 
ATOM   1171 N N    . LYS A 1 78  ? 5.968   8.862   16.079  1.00 9.82  ? 464 LYS A N    1 
ATOM   1172 C CA   . LYS A 1 78  ? 6.823   7.964   15.319  1.00 9.18  ? 464 LYS A CA   1 
ATOM   1173 C C    . LYS A 1 78  ? 6.639   8.220   13.831  1.00 10.50 ? 464 LYS A C    1 
ATOM   1174 O O    . LYS A 1 78  ? 5.667   8.845   13.396  1.00 11.84 ? 464 LYS A O    1 
ATOM   1175 C CB   . LYS A 1 78  ? 6.537   6.496   15.665  1.00 9.40  ? 464 LYS A CB   1 
ATOM   1176 C CG   . LYS A 1 78  ? 6.895   6.163   17.103  1.00 8.91  ? 464 LYS A CG   1 
ATOM   1177 C CD   . LYS A 1 78  ? 6.926   4.675   17.382  1.00 11.19 ? 464 LYS A CD   1 
ATOM   1178 C CE   . LYS A 1 78  ? 7.302   4.418   18.838  1.00 11.05 ? 464 LYS A CE   1 
ATOM   1179 N NZ   . LYS A 1 78  ? 7.213   2.986   19.223  1.00 12.08 ? 464 LYS A NZ   1 
ATOM   1180 H H    . LYS A 1 78  ? 5.131   8.796   15.891  1.00 11.80 ? 464 LYS A H    1 
ATOM   1181 H HA   . LYS A 1 78  ? 7.754   8.136   15.533  1.00 11.02 ? 464 LYS A HA   1 
ATOM   1182 H HB2  . LYS A 1 78  ? 5.591   6.319   15.541  1.00 11.29 ? 464 LYS A HB2  1 
ATOM   1183 H HB3  . LYS A 1 78  ? 7.061   5.924   15.082  1.00 11.29 ? 464 LYS A HB3  1 
ATOM   1184 H HG2  . LYS A 1 78  ? 7.777   6.520   17.299  1.00 10.70 ? 464 LYS A HG2  1 
ATOM   1185 H HG3  . LYS A 1 78  ? 6.237   6.564   17.692  1.00 10.70 ? 464 LYS A HG3  1 
ATOM   1186 H HD2  . LYS A 1 78  ? 6.049   4.294   17.216  1.00 13.43 ? 464 LYS A HD2  1 
ATOM   1187 H HD3  . LYS A 1 78  ? 7.585   4.249   16.812  1.00 13.43 ? 464 LYS A HD3  1 
ATOM   1188 H HE2  . LYS A 1 78  ? 8.216   4.710   18.983  1.00 13.27 ? 464 LYS A HE2  1 
ATOM   1189 H HE3  . LYS A 1 78  ? 6.701   4.919   19.411  1.00 13.27 ? 464 LYS A HE3  1 
ATOM   1190 H HZ1  . LYS A 1 78  ? 6.963   2.913   20.074  1.00 14.51 ? 464 LYS A HZ1  1 
ATOM   1191 H HZ2  . LYS A 1 78  ? 6.616   2.570   18.710  1.00 14.51 ? 464 LYS A HZ2  1 
ATOM   1192 H HZ3  . LYS A 1 78  ? 8.005   2.594   19.121  1.00 14.51 ? 464 LYS A HZ3  1 
ATOM   1193 N N    . VAL A 1 79  ? 7.600   7.742   13.047  1.00 9.53  ? 465 VAL A N    1 
ATOM   1194 C CA   . VAL A 1 79  ? 7.599   7.913   11.603  1.00 7.61  ? 465 VAL A CA   1 
ATOM   1195 C C    . VAL A 1 79  ? 7.477   6.539   10.954  1.00 7.13  ? 465 VAL A C    1 
ATOM   1196 O O    . VAL A 1 79  ? 8.089   5.563   11.407  1.00 8.03  ? 465 VAL A O    1 
ATOM   1197 C CB   . VAL A 1 79  ? 8.853   8.667   11.107  1.00 10.77 ? 465 VAL A CB   1 
ATOM   1198 C CG1  . VAL A 1 79  ? 10.095  7.819   11.275  1.00 14.06 ? 465 VAL A CG1  1 
ATOM   1199 C CG2  . VAL A 1 79  ? 8.668   9.105   9.659   1.00 10.78 ? 465 VAL A CG2  1 
ATOM   1200 H H    . VAL A 1 79  ? 8.281   7.304   13.339  1.00 11.44 ? 465 VAL A H    1 
ATOM   1201 H HA   . VAL A 1 79  ? 6.825   8.438   11.343  1.00 9.14  ? 465 VAL A HA   1 
ATOM   1202 H HB   . VAL A 1 79  ? 8.977   9.464   11.646  1.00 12.93 ? 465 VAL A HB   1 
ATOM   1203 H HG11 . VAL A 1 79  ? 10.867  8.329   10.985  1.00 16.87 ? 465 VAL A HG11 1 
ATOM   1204 H HG12 . VAL A 1 79  ? 10.189  7.578   12.210  1.00 16.87 ? 465 VAL A HG12 1 
ATOM   1205 H HG13 . VAL A 1 79  ? 10.007  7.018   10.735  1.00 16.87 ? 465 VAL A HG13 1 
ATOM   1206 H HG21 . VAL A 1 79  ? 9.467   9.567   9.365   1.00 12.95 ? 465 VAL A HG21 1 
ATOM   1207 H HG22 . VAL A 1 79  ? 8.516   8.322   9.109   1.00 12.95 ? 465 VAL A HG22 1 
ATOM   1208 H HG23 . VAL A 1 79  ? 7.903   9.700   9.606   1.00 12.95 ? 465 VAL A HG23 1 
ATOM   1209 N N    . TYR A 1 80  ? 6.674   6.476   9.896   1.00 8.01  ? 466 TYR A N    1 
ATOM   1210 C CA   . TYR A 1 80  ? 6.288   5.244   9.239   1.00 7.38  ? 466 TYR A CA   1 
ATOM   1211 C C    . TYR A 1 80  ? 6.581   5.344   7.757   1.00 6.40  ? 466 TYR A C    1 
ATOM   1212 O O    . TYR A 1 80  ? 6.655   6.437   7.200   1.00 7.89  ? 466 TYR A O    1 
ATOM   1213 C CB   . TYR A 1 80  ? 4.789   4.972   9.424   1.00 6.83  ? 466 TYR A CB   1 
ATOM   1214 C CG   . TYR A 1 80  ? 4.408   4.788   10.867  1.00 6.38  ? 466 TYR A CG   1 
ATOM   1215 C CD1  . TYR A 1 80  ? 4.335   3.526   11.418  1.00 8.50  ? 466 TYR A CD1  1 
ATOM   1216 C CD2  . TYR A 1 80  ? 4.149   5.881   11.683  1.00 7.48  ? 466 TYR A CD2  1 
ATOM   1217 C CE1  . TYR A 1 80  ? 3.998   3.346   12.747  1.00 8.61  ? 466 TYR A CE1  1 
ATOM   1218 C CE2  . TYR A 1 80  ? 3.822   5.707   13.016  1.00 7.11  ? 466 TYR A CE2  1 
ATOM   1219 C CZ   . TYR A 1 80  ? 3.744   4.438   13.532  1.00 9.00  ? 466 TYR A CZ   1 
ATOM   1220 O OH   . TYR A 1 80  ? 3.419   4.261   14.859  1.00 9.78  ? 466 TYR A OH   1 
ATOM   1221 H H    . TYR A 1 80  ? 6.325   7.170   9.525   1.00 9.62  ? 466 TYR A H    1 
ATOM   1222 H HA   . TYR A 1 80  ? 6.800   4.508   9.611   1.00 8.87  ? 466 TYR A HA   1 
ATOM   1223 H HB2  . TYR A 1 80  ? 4.287   5.724   9.075   1.00 8.20  ? 466 TYR A HB2  1 
ATOM   1224 H HB3  . TYR A 1 80  ? 4.553   4.163   8.945   1.00 8.20  ? 466 TYR A HB3  1 
ATOM   1225 H HD1  . TYR A 1 80  ? 4.515   2.783   10.888  1.00 10.21 ? 466 TYR A HD1  1 
ATOM   1226 H HD2  . TYR A 1 80  ? 4.195   6.740   11.330  1.00 8.98  ? 466 TYR A HD2  1 
ATOM   1227 H HE1  . TYR A 1 80  ? 3.945   2.490   13.104  1.00 10.34 ? 466 TYR A HE1  1 
ATOM   1228 H HE2  . TYR A 1 80  ? 3.656   6.445   13.559  1.00 8.54  ? 466 TYR A HE2  1 
ATOM   1229 H HH   . TYR A 1 80  ? 3.470   3.448   15.060  1.00 11.74 ? 466 TYR A HH   1 
ATOM   1230 N N    . ASN A 1 81  ? 6.715   4.204   7.099   1.00 6.63  ? 467 ASN A N    1 
ATOM   1231 C CA   . ASN A 1 81  ? 6.636   4.217   5.645   1.00 8.56  ? 467 ASN A CA   1 
ATOM   1232 C C    . ASN A 1 81  ? 5.733   3.080   5.187   1.00 8.75  ? 467 ASN A C    1 
ATOM   1233 O O    . ASN A 1 81  ? 5.510   2.090   5.897   1.00 8.23  ? 467 ASN A O    1 
ATOM   1234 C CB   . ASN A 1 81  ? 8.015   4.186   4.958   1.00 11.39 ? 467 ASN A CB   1 
ATOM   1235 C CG   . ASN A 1 81  ? 8.800   2.949   5.264   1.00 8.86  ? 467 ASN A CG   1 
ATOM   1236 O OD1  . ASN A 1 81  ? 8.698   1.944   4.557   1.00 12.16 ? 467 ASN A OD1  1 
ATOM   1237 N ND2  . ASN A 1 81  ? 9.621   3.018   6.300   1.00 11.44 ? 467 ASN A ND2  1 
ATOM   1238 H H    . ASN A 1 81  ? 6.847   3.434   7.459   1.00 7.96  ? 467 ASN A H    1 
ATOM   1239 H HA   . ASN A 1 81  ? 6.229   5.047   5.352   1.00 10.27 ? 467 ASN A HA   1 
ATOM   1240 H HB2  . ASN A 1 81  ? 7.887   4.228   3.998   1.00 13.67 ? 467 ASN A HB2  1 
ATOM   1241 H HB3  . ASN A 1 81  ? 8.532   4.949   5.258   1.00 13.67 ? 467 ASN A HB3  1 
ATOM   1242 H HD21 . ASN A 1 81  ? 10.095  2.335   6.520   1.00 13.73 ? 467 ASN A HD21 1 
ATOM   1243 H HD22 . ASN A 1 81  ? 9.680   3.745   6.755   1.00 13.73 ? 467 ASN A HD22 1 
ATOM   1244 N N    . VAL A 1 82  ? 5.177   3.284   3.999   1.00 6.42  ? 468 VAL A N    1 
ATOM   1245 C CA   . VAL A 1 82  ? 4.068   2.508   3.471   1.00 5.20  ? 468 VAL A CA   1 
ATOM   1246 C C    . VAL A 1 82  ? 4.442   2.006   2.087   1.00 8.48  ? 468 VAL A C    1 
ATOM   1247 O O    . VAL A 1 82  ? 5.025   2.744   1.281   1.00 6.93  ? 468 VAL A O    1 
ATOM   1248 C CB   . VAL A 1 82  ? 2.777   3.349   3.398   1.00 7.57  ? 468 VAL A CB   1 
ATOM   1249 C CG1  . VAL A 1 82  ? 1.625   2.531   2.846   1.00 9.86  ? 468 VAL A CG1  1 
ATOM   1250 C CG2  . VAL A 1 82  ? 2.421   3.922   4.768   1.00 8.70  ? 468 VAL A CG2  1 
ATOM   1251 H H    . VAL A 1 82  ? 5.440   3.897   3.456   1.00 7.71  ? 468 VAL A H    1 
ATOM   1252 H HA   . VAL A 1 82  ? 3.911   1.743   4.046   1.00 6.25  ? 468 VAL A HA   1 
ATOM   1253 H HB   . VAL A 1 82  ? 2.932   4.091   2.794   1.00 9.09  ? 468 VAL A HB   1 
ATOM   1254 H HG11 . VAL A 1 82  ? 0.822   3.075   2.846   1.00 11.84 ? 468 VAL A HG11 1 
ATOM   1255 H HG12 . VAL A 1 82  ? 1.838   2.255   1.941   1.00 11.84 ? 468 VAL A HG12 1 
ATOM   1256 H HG13 . VAL A 1 82  ? 1.495   1.750   3.408   1.00 11.84 ? 468 VAL A HG13 1 
ATOM   1257 H HG21 . VAL A 1 82  ? 1.598   4.429   4.694   1.00 10.45 ? 468 VAL A HG21 1 
ATOM   1258 H HG22 . VAL A 1 82  ? 2.305   3.191   5.395   1.00 10.45 ? 468 VAL A HG22 1 
ATOM   1259 H HG23 . VAL A 1 82  ? 3.141   4.501   5.064   1.00 10.45 ? 468 VAL A HG23 1 
ATOM   1260 N N    . VAL A 1 83  ? 4.092   0.752   1.812   1.00 5.78  ? 469 VAL A N    1 
ATOM   1261 C CA   . VAL A 1 83  ? 4.292   0.111   0.523   1.00 5.61  ? 469 VAL A CA   1 
ATOM   1262 C C    . VAL A 1 83  ? 2.972   -0.514  0.095   1.00 7.65  ? 469 VAL A C    1 
ATOM   1263 O O    . VAL A 1 83  ? 2.117   -0.843  0.917   1.00 9.27  ? 469 VAL A O    1 
ATOM   1264 C CB   . VAL A 1 83  ? 5.401   -0.954  0.593   1.00 7.34  ? 469 VAL A CB   1 
ATOM   1265 C CG1  . VAL A 1 83  ? 6.729   -0.306  0.992   1.00 7.82  ? 469 VAL A CG1  1 
ATOM   1266 C CG2  . VAL A 1 83  ? 5.018   -2.075  1.568   1.00 9.05  ? 469 VAL A CG2  1 
ATOM   1267 H H    . VAL A 1 83  ? 3.720   0.232   2.385   1.00 6.95  ? 469 VAL A H    1 
ATOM   1268 H HA   . VAL A 1 83  ? 4.544   0.767   -0.144  1.00 6.73  ? 469 VAL A HA   1 
ATOM   1269 H HB   . VAL A 1 83  ? 5.513   -1.356  -0.282  1.00 8.81  ? 469 VAL A HB   1 
ATOM   1270 H HG11 . VAL A 1 83  ? 7.413   -0.991  1.039   1.00 9.40  ? 469 VAL A HG11 1 
ATOM   1271 H HG12 . VAL A 1 83  ? 6.969   0.357   0.325   1.00 9.40  ? 469 VAL A HG12 1 
ATOM   1272 H HG13 . VAL A 1 83  ? 6.625   0.119   1.858   1.00 9.40  ? 469 VAL A HG13 1 
ATOM   1273 H HG21 . VAL A 1 83  ? 5.741   -2.720  1.608   1.00 10.87 ? 469 VAL A HG21 1 
ATOM   1274 H HG22 . VAL A 1 83  ? 4.867   -1.692  2.447   1.00 10.87 ? 469 VAL A HG22 1 
ATOM   1275 H HG23 . VAL A 1 83  ? 4.208   -2.505  1.251   1.00 10.87 ? 469 VAL A HG23 1 
ATOM   1276 N N    . VAL A 1 84  ? 2.811   -0.687  -1.218  1.00 6.00  ? 470 VAL A N    1 
ATOM   1277 C CA   . VAL A 1 84  ? 1.604   -1.296  -1.769  1.00 5.29  ? 470 VAL A CA   1 
ATOM   1278 C C    . VAL A 1 84  ? 2.002   -2.297  -2.844  1.00 6.98  ? 470 VAL A C    1 
ATOM   1279 O O    . VAL A 1 84  ? 2.924   -2.044  -3.629  1.00 6.96  ? 470 VAL A O    1 
ATOM   1280 C CB   . VAL A 1 84  ? 0.644   -0.237  -2.355  1.00 7.57  ? 470 VAL A CB   1 
ATOM   1281 C CG1  . VAL A 1 84  ? -0.726  -0.849  -2.646  1.00 7.28  ? 470 VAL A CG1  1 
ATOM   1282 C CG2  . VAL A 1 84  ? 0.511   0.950   -1.423  1.00 8.71  ? 470 VAL A CG2  1 
ATOM   1283 H H    . VAL A 1 84  ? 3.391   -0.458  -1.810  1.00 7.21  ? 470 VAL A H    1 
ATOM   1284 H HA   . VAL A 1 84  ? 1.146   -1.772  -1.058  1.00 6.36  ? 470 VAL A HA   1 
ATOM   1285 H HB   . VAL A 1 84  ? 1.016   0.080   -3.193  1.00 9.10  ? 470 VAL A HB   1 
ATOM   1286 H HG11 . VAL A 1 84  ? -1.303  -0.167  -3.024  1.00 8.74  ? 470 VAL A HG11 1 
ATOM   1287 H HG12 . VAL A 1 84  ? -0.619  -1.579  -3.275  1.00 8.74  ? 470 VAL A HG12 1 
ATOM   1288 H HG13 . VAL A 1 84  ? -1.105  -1.180  -1.817  1.00 8.74  ? 470 VAL A HG13 1 
ATOM   1289 H HG21 . VAL A 1 84  ? -0.136  1.572   -1.794  1.00 10.46 ? 470 VAL A HG21 1 
ATOM   1290 H HG22 . VAL A 1 84  ? 0.210   0.639   -0.555  1.00 10.46 ? 470 VAL A HG22 1 
ATOM   1291 H HG23 . VAL A 1 84  ? 1.374   1.384   -1.337  1.00 10.46 ? 470 VAL A HG23 1 
ATOM   1292 N N    . LYS A 1 85  ? 1.283   -3.421  -2.904  1.00 8.10  ? 471 LYS A N    1 
ATOM   1293 C CA   . LYS A 1 85  ? 1.416   -4.375  -3.997  1.00 6.73  ? 471 LYS A CA   1 
ATOM   1294 C C    . LYS A 1 85  ? 0.021   -4.796  -4.445  1.00 8.12  ? 471 LYS A C    1 
ATOM   1295 O O    . LYS A 1 85  ? -0.930  -4.786  -3.659  1.00 8.18  ? 471 LYS A O    1 
ATOM   1296 C CB   . LYS A 1 85  ? 2.255   -5.602  -3.603  1.00 8.01  ? 471 LYS A CB   1 
ATOM   1297 C CG   . LYS A 1 85  ? 1.790   -6.368  -2.384  1.00 8.33  ? 471 LYS A CG   1 
ATOM   1298 C CD   . LYS A 1 85  ? 2.814   -7.442  -2.049  1.00 14.15 ? 471 LYS A CD   1 
ATOM   1299 C CE   . LYS A 1 85  ? 2.447   -8.207  -0.814  1.00 15.29 ? 471 LYS A CE   1 
ATOM   1300 N NZ   . LYS A 1 85  ? 3.368   -9.373  -0.685  1.00 24.74 ? 471 LYS A NZ   1 
ATOM   1301 H H    . LYS A 1 85  ? 0.705   -3.652  -2.312  1.00 9.72  ? 471 LYS A H    1 
ATOM   1302 H HA   . LYS A 1 85  ? 1.866   -3.956  -4.748  1.00 8.09  ? 471 LYS A HA   1 
ATOM   1303 H HB2  . LYS A 1 85  ? 2.252   -6.222  -4.348  1.00 9.62  ? 471 LYS A HB2  1 
ATOM   1304 H HB3  . LYS A 1 85  ? 3.161   -5.303  -3.423  1.00 9.62  ? 471 LYS A HB3  1 
ATOM   1305 H HG2  . LYS A 1 85  ? 1.706   -5.766  -1.628  1.00 10.00 ? 471 LYS A HG2  1 
ATOM   1306 H HG3  . LYS A 1 85  ? 0.937   -6.792  -2.567  1.00 10.00 ? 471 LYS A HG3  1 
ATOM   1307 H HD2  . LYS A 1 85  ? 2.871   -8.069  -2.786  1.00 16.98 ? 471 LYS A HD2  1 
ATOM   1308 H HD3  . LYS A 1 85  ? 3.676   -7.024  -1.900  1.00 16.98 ? 471 LYS A HD3  1 
ATOM   1309 H HE2  . LYS A 1 85  ? 2.540   -7.641  -0.032  1.00 18.36 ? 471 LYS A HE2  1 
ATOM   1310 H HE3  . LYS A 1 85  ? 1.534   -8.530  -0.882  1.00 18.36 ? 471 LYS A HE3  1 
ATOM   1311 H HZ1  . LYS A 1 85  ? 2.964   -10.035 -0.249  1.00 29.70 ? 471 LYS A HZ1  1 
ATOM   1312 H HZ2  . LYS A 1 85  ? 3.607   -9.663  -1.492  1.00 29.70 ? 471 LYS A HZ2  1 
ATOM   1313 H HZ3  . LYS A 1 85  ? 4.098   -9.136  -0.236  1.00 29.70 ? 471 LYS A HZ3  1 
ATOM   1314 N N    . ALA A 1 86  ? -0.105  -5.116  -5.729  1.00 6.97  ? 472 ALA A N    1 
ATOM   1315 C CA   . ALA A 1 86  ? -1.352  -5.602  -6.303  1.00 6.89  ? 472 ALA A CA   1 
ATOM   1316 C C    . ALA A 1 86  ? -1.343  -7.122  -6.332  1.00 9.65  ? 472 ALA A C    1 
ATOM   1317 O O    . ALA A 1 86  ? -0.283  -7.749  -6.415  1.00 10.49 ? 472 ALA A O    1 
ATOM   1318 C CB   . ALA A 1 86  ? -1.546  -5.065  -7.724  1.00 8.46  ? 472 ALA A CB   1 
ATOM   1319 H H    . ALA A 1 86  ? 0.536   -5.060  -6.301  1.00 8.37  ? 472 ALA A H    1 
ATOM   1320 H HA   . ALA A 1 86  ? -2.099  -5.300  -5.762  1.00 8.27  ? 472 ALA A HA   1 
ATOM   1321 H HB1  . ALA A 1 86  ? -2.382  -5.406  -8.079  1.00 10.16 ? 472 ALA A HB1  1 
ATOM   1322 H HB2  . ALA A 1 86  ? -1.570  -4.096  -7.695  1.00 10.16 ? 472 ALA A HB2  1 
ATOM   1323 H HB3  . ALA A 1 86  ? -0.807  -5.363  -8.278  1.00 10.16 ? 472 ALA A HB3  1 
ATOM   1324 N N    . PHE A 1 87  ? -2.532  -7.719  -6.267  1.00 8.24  ? 473 PHE A N    1 
ATOM   1325 C CA   . PHE A 1 87  ? -2.641  -9.161  -6.452  1.00 9.20  ? 473 PHE A CA   1 
ATOM   1326 C C    . PHE A 1 87  ? -3.748  -9.493  -7.442  1.00 9.02  ? 473 PHE A C    1 
ATOM   1327 O O    . PHE A 1 87  ? -4.718  -8.750  -7.601  1.00 8.23  ? 473 PHE A O    1 
ATOM   1328 C CB   . PHE A 1 87  ? -2.861  -9.930  -5.123  1.00 9.70  ? 473 PHE A CB   1 
ATOM   1329 C CG   . PHE A 1 87  ? -4.155  -9.628  -4.403  1.00 9.43  ? 473 PHE A CG   1 
ATOM   1330 C CD1  . PHE A 1 87  ? -5.325  -10.296 -4.717  1.00 11.04 ? 473 PHE A CD1  1 
ATOM   1331 C CD2  . PHE A 1 87  ? -4.179  -8.707  -3.369  1.00 11.27 ? 473 PHE A CD2  1 
ATOM   1332 C CE1  . PHE A 1 87  ? -6.496  -10.031 -4.041  1.00 13.25 ? 473 PHE A CE1  1 
ATOM   1333 C CE2  . PHE A 1 87  ? -5.346  -8.444  -2.683  1.00 13.62 ? 473 PHE A CE2  1 
ATOM   1334 C CZ   . PHE A 1 87  ? -6.502  -9.102  -3.017  1.00 10.95 ? 473 PHE A CZ   1 
ATOM   1335 H H    . PHE A 1 87  ? -3.277  -7.316  -6.121  1.00 9.90  ? 473 PHE A H    1 
ATOM   1336 H HA   . PHE A 1 87  ? -1.803  -9.474  -6.829  1.00 11.05 ? 473 PHE A HA   1 
ATOM   1337 H HB2  . PHE A 1 87  ? -2.853  -10.881 -5.316  1.00 11.65 ? 473 PHE A HB2  1 
ATOM   1338 H HB3  . PHE A 1 87  ? -2.135  -9.709  -4.519  1.00 11.65 ? 473 PHE A HB3  1 
ATOM   1339 H HD1  . PHE A 1 87  ? -5.321  -10.933 -5.396  1.00 13.26 ? 473 PHE A HD1  1 
ATOM   1340 H HD2  . PHE A 1 87  ? -3.398  -8.261  -3.133  1.00 13.53 ? 473 PHE A HD2  1 
ATOM   1341 H HE1  . PHE A 1 87  ? -7.279  -10.476 -4.272  1.00 15.91 ? 473 PHE A HE1  1 
ATOM   1342 H HE2  . PHE A 1 87  ? -5.349  -7.818  -1.994  1.00 16.35 ? 473 PHE A HE2  1 
ATOM   1343 H HZ   . PHE A 1 87  ? -7.290  -8.923  -2.555  1.00 13.15 ? 473 PHE A HZ   1 
ATOM   1344 N N    . ASN A 1 88  ? -3.533  -10.588 -8.161  1.00 11.05 ? 474 ASN A N    1 
ATOM   1345 C CA   . ASN A 1 88  ? -4.536  -11.233 -8.992  1.00 10.51 ? 474 ASN A CA   1 
ATOM   1346 C C    . ASN A 1 88  ? -4.852  -12.580 -8.343  1.00 11.17 ? 474 ASN A C    1 
ATOM   1347 O O    . ASN A 1 88  ? -4.450  -12.857 -7.209  1.00 11.92 ? 474 ASN A O    1 
ATOM   1348 C CB   . ASN A 1 88  ? -4.056  -11.348 -10.441 1.00 12.56 ? 474 ASN A CB   1 
ATOM   1349 C CG   . ASN A 1 88  ? -2.753  -12.110 -10.584 1.00 11.26 ? 474 ASN A CG   1 
ATOM   1350 O OD1  . ASN A 1 88  ? -2.362  -12.861 -9.703  1.00 9.99  ? 474 ASN A OD1  1 
ATOM   1351 N ND2  . ASN A 1 88  ? -2.085  -11.922 -11.715 1.00 11.15 ? 474 ASN A ND2  1 
ATOM   1352 H H    . ASN A 1 88  ? -2.775  -10.994 -8.183  1.00 13.27 ? 474 ASN A H    1 
ATOM   1353 H HA   . ASN A 1 88  ? -5.345  -10.698 -9.033  1.00 12.62 ? 474 ASN A HA   1 
ATOM   1354 H HB2  . ASN A 1 88  ? -4.731  -11.813 -10.959 1.00 15.07 ? 474 ASN A HB2  1 
ATOM   1355 H HB3  . ASN A 1 88  ? -3.918  -10.457 -10.798 1.00 15.07 ? 474 ASN A HB3  1 
ATOM   1356 H HD21 . ASN A 1 88  ? -1.339  -12.332 -11.846 1.00 13.38 ? 474 ASN A HD21 1 
ATOM   1357 H HD22 . ASN A 1 88  ? -2.396  -11.392 -12.316 1.00 13.38 ? 474 ASN A HD22 1 
ATOM   1358 N N    . THR A 1 89  ? -5.582  -13.433 -9.065  1.00 14.09 ? 475 THR A N    1 
ATOM   1359 C CA   . THR A 1 89  ? -5.923  -14.733 -8.497  1.00 13.59 ? 475 THR A CA   1 
ATOM   1360 C C    . THR A 1 89  ? -4.682  -15.528 -8.111  1.00 12.99 ? 475 THR A C    1 
ATOM   1361 O O    . THR A 1 89  ? -4.704  -16.267 -7.119  1.00 15.17 ? 475 THR A O    1 
ATOM   1362 C CB   . THR A 1 89  ? -6.778  -15.522 -9.487  1.00 13.70 ? 475 THR A CB   1 
ATOM   1363 O OG1  . THR A 1 89  ? -8.058  -14.884 -9.601  1.00 20.38 ? 475 THR A OG1  1 
ATOM   1364 C CG2  . THR A 1 89  ? -6.978  -16.954 -9.015  1.00 19.85 ? 475 THR A CG2  1 
ATOM   1365 H H    . THR A 1 89  ? -5.880  -13.287 -9.858  1.00 16.91 ? 475 THR A H    1 
ATOM   1366 H HA   . THR A 1 89  ? -6.444  -14.593 -7.691  1.00 16.31 ? 475 THR A HA   1 
ATOM   1367 H HB   . THR A 1 89  ? -6.335  -15.549 -10.349 1.00 16.45 ? 475 THR A HB   1 
ATOM   1368 H HG1  . THR A 1 89  ? -8.583  -15.371 -10.041 1.00 24.46 ? 475 THR A HG1  1 
ATOM   1369 H HG21 . THR A 1 89  ? -7.584  -17.418 -9.612  1.00 23.83 ? 475 THR A HG21 1 
ATOM   1370 H HG22 . THR A 1 89  ? -6.127  -17.421 -9.004  1.00 23.83 ? 475 THR A HG22 1 
ATOM   1371 H HG23 . THR A 1 89  ? -7.351  -16.959 -8.119  1.00 23.83 ? 475 THR A HG23 1 
ATOM   1372 N N    . ALA A 1 90  ? -3.590  -15.385 -8.873  1.00 11.94 ? 476 ALA A N    1 
ATOM   1373 C CA   . ALA A 1 90  ? -2.402  -16.197 -8.630  1.00 11.38 ? 476 ALA A CA   1 
ATOM   1374 C C    . ALA A 1 90  ? -1.624  -15.739 -7.401  1.00 13.16 ? 476 ALA A C    1 
ATOM   1375 O O    . ALA A 1 90  ? -1.151  -16.572 -6.622  1.00 15.84 ? 476 ALA A O    1 
ATOM   1376 C CB   . ALA A 1 90  ? -1.495  -16.175 -9.856  1.00 11.51 ? 476 ALA A CB   1 
ATOM   1377 H H    . ALA A 1 90  ? -3.516  -14.831 -9.527  1.00 14.34 ? 476 ALA A H    1 
ATOM   1378 H HA   . ALA A 1 90  ? -2.694  -17.107 -8.471  1.00 13.66 ? 476 ALA A HA   1 
ATOM   1379 H HB1  . ALA A 1 90  ? -0.710  -16.717 -9.678  1.00 13.82 ? 476 ALA A HB1  1 
ATOM   1380 H HB2  . ALA A 1 90  ? -1.980  -16.534 -10.615 1.00 13.82 ? 476 ALA A HB2  1 
ATOM   1381 H HB3  . ALA A 1 90  ? -1.229  -15.259 -10.036 1.00 13.82 ? 476 ALA A HB3  1 
ATOM   1382 N N    . GLY A 1 91  ? -1.447  -14.435 -7.217  1.00 10.91 ? 477 GLY A N    1 
ATOM   1383 C CA   . GLY A 1 91  ? -0.638  -13.968 -6.108  1.00 12.72 ? 477 GLY A CA   1 
ATOM   1384 C C    . GLY A 1 91  ? -0.354  -12.487 -6.212  1.00 11.65 ? 477 GLY A C    1 
ATOM   1385 O O    . GLY A 1 91  ? -0.925  -11.780 -7.044  1.00 10.29 ? 477 GLY A O    1 
ATOM   1386 H H    . GLY A 1 91  ? -1.779  -13.816 -7.713  1.00 13.09 ? 477 GLY A H    1 
ATOM   1387 H HA2  . GLY A 1 91  ? -1.104  -14.136 -5.274  1.00 15.26 ? 477 GLY A HA2  1 
ATOM   1388 H HA3  . GLY A 1 91  ? 0.207   -14.445 -6.100  1.00 15.26 ? 477 GLY A HA3  1 
ATOM   1389 N N    . SER A 1 92  ? 0.561   -12.031 -5.356  1.00 11.62 ? 478 SER A N    1 
ATOM   1390 C CA   . SER A 1 92  ? 0.882   -10.618 -5.230  1.00 10.77 ? 478 SER A CA   1 
ATOM   1391 C C    . SER A 1 92  ? 2.153   -10.283 -5.997  1.00 12.55 ? 478 SER A C    1 
ATOM   1392 O O    . SER A 1 92  ? 3.101   -11.074 -6.039  1.00 13.33 ? 478 SER A O    1 
ATOM   1393 C CB   . SER A 1 92  ? 1.053   -10.230 -3.761  1.00 13.25 ? 478 SER A CB   1 
ATOM   1394 O OG   . SER A 1 92  ? -0.148  -10.425 -3.042  1.00 16.16 ? 478 SER A OG   1 
ATOM   1395 N N    . GLY A 1 93  ? 2.165   -9.097  -6.595  1.00 11.10 ? 479 GLY A N    1 
ATOM   1396 C CA   . GLY A 1 93  ? 3.290   -8.654  -7.374  1.00 10.46 ? 479 GLY A CA   1 
ATOM   1397 C C    . GLY A 1 93  ? 4.275   -7.844  -6.555  1.00 9.54  ? 479 GLY A C    1 
ATOM   1398 O O    . GLY A 1 93  ? 4.217   -7.809  -5.323  1.00 11.33 ? 479 GLY A O    1 
ATOM   1399 N N    . PRO A 1 94  ? 5.212   -7.186  -7.235  1.00 9.37  ? 480 PRO A N    1 
ATOM   1400 C CA   . PRO A 1 94  ? 6.221   -6.395  -6.524  1.00 8.78  ? 480 PRO A CA   1 
ATOM   1401 C C    . PRO A 1 94  ? 5.599   -5.185  -5.850  1.00 9.26  ? 480 PRO A C    1 
ATOM   1402 O O    . PRO A 1 94  ? 4.523   -4.706  -6.218  1.00 9.48  ? 480 PRO A O    1 
ATOM   1403 C CB   . PRO A 1 94  ? 7.202   -5.977  -7.621  1.00 13.91 ? 480 PRO A CB   1 
ATOM   1404 C CG   . PRO A 1 94  ? 6.433   -6.084  -8.879  1.00 15.37 ? 480 PRO A CG   1 
ATOM   1405 C CD   . PRO A 1 94  ? 5.423   -7.174  -8.693  1.00 10.53 ? 480 PRO A CD   1 
ATOM   1406 H HA   . PRO A 1 94  ? 6.684   -6.938  -5.866  1.00 10.54 ? 480 PRO A HA   1 
ATOM   1407 H HB2  . PRO A 1 94  ? 7.497   -5.066  -7.470  1.00 16.70 ? 480 PRO A HB2  1 
ATOM   1408 H HB3  . PRO A 1 94  ? 7.964   -6.577  -7.627  1.00 16.70 ? 480 PRO A HB3  1 
ATOM   1409 H HG2  . PRO A 1 94  ? 5.991   -5.240  -9.057  1.00 18.45 ? 480 PRO A HG2  1 
ATOM   1410 H HG3  . PRO A 1 94  ? 7.037   -6.303  -9.606  1.00 18.45 ? 480 PRO A HG3  1 
ATOM   1411 H HD2  . PRO A 1 94  ? 4.599   -6.965  -9.160  1.00 12.64 ? 480 PRO A HD2  1 
ATOM   1412 H HD3  . PRO A 1 94  ? 5.772   -8.026  -9.000  1.00 12.64 ? 480 PRO A HD3  1 
ATOM   1413 N N    . GLU A 1 95  ? 6.308   -4.695  -4.838  1.00 9.18  ? 481 GLU A N    1 
ATOM   1414 C CA   . GLU A 1 95  ? 5.841   -3.586  -4.026  1.00 8.48  ? 481 GLU A CA   1 
ATOM   1415 C C    . GLU A 1 95  ? 6.410   -2.262  -4.509  1.00 7.38  ? 481 GLU A C    1 
ATOM   1416 O O    . GLU A 1 95  ? 7.526   -2.191  -5.031  1.00 9.87  ? 481 GLU A O    1 
ATOM   1417 C CB   . GLU A 1 95  ? 6.227   -3.777  -2.558  1.00 10.84 ? 481 GLU A CB   1 
ATOM   1418 C CG   . GLU A 1 95  ? 5.418   -4.837  -1.839  1.00 10.77 ? 481 GLU A CG   1 
ATOM   1419 C CD   . GLU A 1 95  ? 5.966   -5.187  -0.475  1.00 12.85 ? 481 GLU A CD   1 
ATOM   1420 O OE1  . GLU A 1 95  ? 6.986   -4.600  -0.052  1.00 10.80 ? 481 GLU A OE1  1 
ATOM   1421 O OE2  . GLU A 1 95  ? 5.375   -6.067  0.187   1.00 14.27 ? 481 GLU A OE2  1 
ATOM   1422 H H    . GLU A 1 95  ? 7.078   -4.996  -4.601  1.00 11.02 ? 481 GLU A H    1 
ATOM   1423 H HA   . GLU A 1 95  ? 4.874   -3.549  -4.100  1.00 10.18 ? 481 GLU A HA   1 
ATOM   1424 H HB2  . GLU A 1 95  ? 7.161   -4.039  -2.513  1.00 13.02 ? 481 GLU A HB2  1 
ATOM   1425 H HB3  . GLU A 1 95  ? 6.096   -2.937  -2.090  1.00 13.02 ? 481 GLU A HB3  1 
ATOM   1426 H HG2  . GLU A 1 95  ? 4.511   -4.512  -1.722  1.00 12.93 ? 481 GLU A HG2  1 
ATOM   1427 H HG3  . GLU A 1 95  ? 5.413   -5.645  -2.375  1.00 12.93 ? 481 GLU A HG3  1 
ATOM   1428 N N    . SER A 1 96  ? 5.625   -1.208  -4.313  1.00 6.73  ? 482 SER A N    1 
ATOM   1429 C CA   . SER A 1 96  ? 6.093   0.147   -4.546  1.00 6.75  ? 482 SER A CA   1 
ATOM   1430 C C    . SER A 1 96  ? 7.243   0.504   -3.602  1.00 7.26  ? 482 SER A C    1 
ATOM   1431 O O    . SER A 1 96  ? 7.438   -0.104  -2.544  1.00 8.51  ? 482 SER A O    1 
ATOM   1432 C CB   . SER A 1 96  ? 4.939   1.132   -4.352  1.00 8.53  ? 482 SER A CB   1 
ATOM   1433 O OG   . SER A 1 96  ? 4.372   0.977   -3.049  1.00 8.01  ? 482 SER A OG   1 
ATOM   1434 H H    . SER A 1 96  ? 4.810   -1.253  -4.044  1.00 8.08  ? 482 SER A H    1 
ATOM   1435 H HA   . SER A 1 96  ? 6.423   0.221   -5.455  1.00 8.10  ? 482 SER A HA   1 
ATOM   1436 H HB2  . SER A 1 96  ? 5.274   2.037   -4.449  1.00 10.25 ? 482 SER A HB2  1 
ATOM   1437 H HB3  . SER A 1 96  ? 4.257   0.957   -5.019  1.00 10.25 ? 482 SER A HB3  1 
ATOM   1438 H HG   . SER A 1 96  ? 4.479   1.681   -2.604  1.00 9.62  ? 482 SER A HG   1 
ATOM   1439 N N    . HIS A 1 97  ? 8.015   1.510   -4.003  1.00 8.46  ? 483 HIS A N    1 
ATOM   1440 C CA   . HIS A 1 97  ? 9.039   2.049   -3.121  1.00 6.67  ? 483 HIS A CA   1 
ATOM   1441 C C    . HIS A 1 97  ? 8.383   2.761   -1.944  1.00 7.95  ? 483 HIS A C    1 
ATOM   1442 O O    . HIS A 1 97  ? 7.402   3.494   -2.136  1.00 10.81 ? 483 HIS A O    1 
ATOM   1443 C CB   . HIS A 1 97  ? 9.922   3.040   -3.862  1.00 7.88  ? 483 HIS A CB   1 
ATOM   1444 C CG   . HIS A 1 97  ? 10.935  2.398   -4.742  1.00 7.81  ? 483 HIS A CG   1 
ATOM   1445 N ND1  . HIS A 1 97  ? 11.727  3.113   -5.615  1.00 18.06 ? 483 HIS A ND1  1 
ATOM   1446 C CD2  . HIS A 1 97  ? 11.294  1.101   -4.878  1.00 8.01  ? 483 HIS A CD2  1 
ATOM   1447 C CE1  . HIS A 1 97  ? 12.533  2.277   -6.254  1.00 13.62 ? 483 HIS A CE1  1 
ATOM   1448 N NE2  . HIS A 1 97  ? 12.292  1.054   -5.820  1.00 20.19 ? 483 HIS A NE2  1 
ATOM   1449 H H    . HIS A 1 97  ? 7.967   1.892   -4.772  1.00 10.16 ? 483 HIS A H    1 
ATOM   1450 H HA   . HIS A 1 97  ? 9.595   1.324   -2.793  1.00 8.01  ? 483 HIS A HA   1 
ATOM   1451 H HB2  . HIS A 1 97  ? 9.360   3.602   -4.419  1.00 9.46  ? 483 HIS A HB2  1 
ATOM   1452 H HB3  . HIS A 1 97  ? 10.394  3.584   -3.213  1.00 9.46  ? 483 HIS A HB3  1 
ATOM   1453 H HD2  . HIS A 1 97  ? 10.933  0.377   -4.419  1.00 9.62  ? 483 HIS A HD2  1 
ATOM   1454 H HE1  . HIS A 1 97  ? 13.160  2.513   -6.899  1.00 16.36 ? 483 HIS A HE1  1 
ATOM   1455 N N    . PRO A 1 98  ? 8.921   2.614   -0.734  1.00 6.22  ? 484 PRO A N    1 
ATOM   1456 C CA   . PRO A 1 98  ? 8.260   3.191   0.442   1.00 7.25  ? 484 PRO A CA   1 
ATOM   1457 C C    . PRO A 1 98  ? 8.078   4.698   0.349   1.00 8.98  ? 484 PRO A C    1 
ATOM   1458 O O    . PRO A 1 98  ? 8.946   5.429   -0.141  1.00 8.94  ? 484 PRO A O    1 
ATOM   1459 C CB   . PRO A 1 98  ? 9.210   2.825   1.593   1.00 8.99  ? 484 PRO A CB   1 
ATOM   1460 C CG   . PRO A 1 98  ? 9.935   1.614   1.118   1.00 9.47  ? 484 PRO A CG   1 
ATOM   1461 C CD   . PRO A 1 98  ? 10.075  1.774   -0.367  1.00 7.02  ? 484 PRO A CD   1 
ATOM   1462 H HA   . PRO A 1 98  ? 7.392   2.775   0.558   1.00 8.70  ? 484 PRO A HA   1 
ATOM   1463 H HB2  . PRO A 1 98  ? 9.824   3.556   1.760   1.00 10.79 ? 484 PRO A HB2  1 
ATOM   1464 H HB3  . PRO A 1 98  ? 8.698   2.633   2.395   1.00 10.79 ? 484 PRO A HB3  1 
ATOM   1465 H HG2  . PRO A 1 98  ? 10.806  1.569   1.543   1.00 11.37 ? 484 PRO A HG2  1 
ATOM   1466 H HG3  . PRO A 1 98  ? 9.420   0.820   1.332   1.00 11.37 ? 484 PRO A HG3  1 
ATOM   1467 H HD2  . PRO A 1 98  ? 10.908  2.219   -0.588  1.00 8.43  ? 484 PRO A HD2  1 
ATOM   1468 H HD3  . PRO A 1 98  ? 10.030  0.913   -0.811  1.00 8.43  ? 484 PRO A HD3  1 
ATOM   1469 N N    . VAL A 1 99  ? 6.934   5.155   0.854   1.00 9.17  ? 485 VAL A N    1 
ATOM   1470 C CA   . VAL A 1 99  ? 6.653   6.572   1.051   1.00 7.00  ? 485 VAL A CA   1 
ATOM   1471 C C    . VAL A 1 99  ? 6.476   6.797   2.547   1.00 8.04  ? 485 VAL A C    1 
ATOM   1472 O O    . VAL A 1 99  ? 5.769   6.030   3.217   1.00 8.67  ? 485 VAL A O    1 
ATOM   1473 C CB   . VAL A 1 99  ? 5.420   7.025   0.259   1.00 9.84  ? 485 VAL A CB   1 
ATOM   1474 C CG1  . VAL A 1 99  ? 5.145   8.487   0.504   1.00 13.58 ? 485 VAL A CG1  1 
ATOM   1475 C CG2  . VAL A 1 99  ? 5.637   6.790   -1.233  1.00 13.27 ? 485 VAL A CG2  1 
ATOM   1476 H H    . VAL A 1 99  ? 6.286   4.645   1.097   1.00 11.01 ? 485 VAL A H    1 
ATOM   1477 H HA   . VAL A 1 99  ? 7.403   7.107   0.747   1.00 8.41  ? 485 VAL A HA   1 
ATOM   1478 H HB   . VAL A 1 99  ? 4.653   6.510   0.555   1.00 11.82 ? 485 VAL A HB   1 
ATOM   1479 H HG11 . VAL A 1 99  ? 4.272   8.709   0.142   1.00 16.31 ? 485 VAL A HG11 1 
ATOM   1480 H HG12 . VAL A 1 99  ? 5.158   8.655   1.460   1.00 16.31 ? 485 VAL A HG12 1 
ATOM   1481 H HG13 . VAL A 1 99  ? 5.828   9.015   0.065   1.00 16.31 ? 485 VAL A HG13 1 
ATOM   1482 H HG21 . VAL A 1 99  ? 4.837   7.056   -1.714  1.00 15.93 ? 485 VAL A HG21 1 
ATOM   1483 H HG22 . VAL A 1 99  ? 6.394   7.319   -1.529  1.00 15.93 ? 485 VAL A HG22 1 
ATOM   1484 H HG23 . VAL A 1 99  ? 5.814   5.847   -1.381  1.00 15.93 ? 485 VAL A HG23 1 
ATOM   1485 N N    . GLU A 1 100 ? 7.103   7.847   3.063   1.00 8.39  ? 486 GLU A N    1 
ATOM   1486 C CA   . GLU A 1 100 ? 7.240   8.062   4.494   1.00 8.87  ? 486 GLU A CA   1 
ATOM   1487 C C    . GLU A 1 100 ? 6.312   9.164   4.986   1.00 8.66  ? 486 GLU A C    1 
ATOM   1488 O O    . GLU A 1 100 ? 6.069   10.152  4.283   1.00 10.91 ? 486 GLU A O    1 
ATOM   1489 C CB   . GLU A 1 100 ? 8.693   8.420   4.826   1.00 11.16 ? 486 GLU A CB   1 
ATOM   1490 C CG   . GLU A 1 100 ? 9.036   8.332   6.291   1.00 15.70 ? 486 GLU A CG   1 
ATOM   1491 C CD   . GLU A 1 100 ? 10.524  8.517   6.555   1.00 15.24 ? 486 GLU A CD   1 
ATOM   1492 O OE1  . GLU A 1 100 ? 11.127  9.440   5.972   1.00 14.66 ? 486 GLU A OE1  1 
ATOM   1493 O OE2  . GLU A 1 100 ? 11.086  7.739   7.347   1.00 12.41 ? 486 GLU A OE2  1 
ATOM   1494 H H    . GLU A 1 100 ? 7.466   8.466   2.589   1.00 10.07 ? 486 GLU A H    1 
ATOM   1495 H HA   . GLU A 1 100 ? 6.986   7.253   4.964   1.00 10.65 ? 486 GLU A HA   1 
ATOM   1496 H HB2  . GLU A 1 100 ? 9.279   7.808   4.352   1.00 13.39 ? 486 GLU A HB2  1 
ATOM   1497 H HB3  . GLU A 1 100 ? 8.861   9.330   4.539   1.00 13.39 ? 486 GLU A HB3  1 
ATOM   1498 H HG2  . GLU A 1 100 ? 8.557   9.026   6.770   1.00 18.84 ? 486 GLU A HG2  1 
ATOM   1499 H HG3  . GLU A 1 100 ? 8.778   7.459   6.625   1.00 18.84 ? 486 GLU A HG3  1 
ATOM   1500 N N    . ALA A 1 101 ? 5.782   8.984   6.196   1.00 9.13  ? 487 ALA A N    1 
ATOM   1501 C CA   . ALA A 1 101 ? 4.985   10.007  6.852   1.00 10.53 ? 487 ALA A CA   1 
ATOM   1502 C C    . ALA A 1 101 ? 5.036   9.821   8.360   1.00 10.35 ? 487 ALA A C    1 
ATOM   1503 O O    . ALA A 1 101 ? 5.151   8.697   8.867   1.00 9.51  ? 487 ALA A O    1 
ATOM   1504 C CB   . ALA A 1 101 ? 3.519   9.987   6.397   1.00 13.29 ? 487 ALA A CB   1 
ATOM   1505 H H    . ALA A 1 101 ? 5.874   8.267   6.661   1.00 10.97 ? 487 ALA A H    1 
ATOM   1506 H HA   . ALA A 1 101 ? 5.375   10.867  6.631   1.00 12.64 ? 487 ALA A HA   1 
ATOM   1507 H HB1  . ALA A 1 101 ? 3.027   10.664  6.887   1.00 15.95 ? 487 ALA A HB1  1 
ATOM   1508 H HB2  . ALA A 1 101 ? 3.481   10.175  5.446   1.00 15.95 ? 487 ALA A HB2  1 
ATOM   1509 H HB3  . ALA A 1 101 ? 3.145   9.111   6.576   1.00 15.95 ? 487 ALA A HB3  1 
ATOM   1510 N N    . TYR A 1 102 ? 4.914   10.942  9.069   1.00 12.49 ? 488 TYR A N    1 
ATOM   1511 C CA   . TYR A 1 102 ? 4.860   10.945  10.519  1.00 10.07 ? 488 TYR A CA   1 
ATOM   1512 C C    . TYR A 1 102 ? 3.442   10.723  11.017  1.00 10.92 ? 488 TYR A C    1 
ATOM   1513 O O    . TYR A 1 102 ? 2.470   11.228  10.437  1.00 10.32 ? 488 TYR A O    1 
ATOM   1514 C CB   . TYR A 1 102 ? 5.382   12.278  11.073  1.00 10.47 ? 488 TYR A CB   1 
ATOM   1515 C CG   . TYR A 1 102 ? 6.871   12.454  10.949  1.00 13.47 ? 488 TYR A CG   1 
ATOM   1516 C CD1  . TYR A 1 102 ? 7.724   11.945  11.911  1.00 16.74 ? 488 TYR A CD1  1 
ATOM   1517 C CD2  . TYR A 1 102 ? 7.425   13.130  9.875   1.00 20.72 ? 488 TYR A CD2  1 
ATOM   1518 C CE1  . TYR A 1 102 ? 9.095   12.100  11.806  1.00 18.32 ? 488 TYR A CE1  1 
ATOM   1519 C CE2  . TYR A 1 102 ? 8.795   13.292  9.763   1.00 18.39 ? 488 TYR A CE2  1 
ATOM   1520 C CZ   . TYR A 1 102 ? 9.620   12.775  10.731  1.00 20.26 ? 488 TYR A CZ   1 
ATOM   1521 O OH   . TYR A 1 102 ? 10.986  12.936  10.627  1.00 30.32 ? 488 TYR A OH   1 
ATOM   1522 H H    . TYR A 1 102 ? 4.859   11.727  8.722   1.00 14.99 ? 488 TYR A H    1 
ATOM   1523 H HA   . TYR A 1 102 ? 5.415   10.222  10.849  1.00 12.09 ? 488 TYR A HA   1 
ATOM   1524 H HB2  . TYR A 1 102 ? 4.959   13.002  10.586  1.00 12.56 ? 488 TYR A HB2  1 
ATOM   1525 H HB3  . TYR A 1 102 ? 5.157   12.332  12.014  1.00 12.56 ? 488 TYR A HB3  1 
ATOM   1526 H HD1  . TYR A 1 102 ? 7.370   11.491  12.641  1.00 20.09 ? 488 TYR A HD1  1 
ATOM   1527 H HD2  . TYR A 1 102 ? 6.868   13.481  9.218   1.00 24.87 ? 488 TYR A HD2  1 
ATOM   1528 H HE1  . TYR A 1 102 ? 9.657   11.749  12.459  1.00 21.99 ? 488 TYR A HE1  1 
ATOM   1529 H HE2  . TYR A 1 102 ? 9.154   13.748  9.038   1.00 22.08 ? 488 TYR A HE2  1 
ATOM   1530 H HH   . TYR A 1 102 ? 11.172  13.381  9.939   1.00 36.39 ? 488 TYR A HH   1 
ATOM   1531 N N    . SER A 1 103 ? 3.318   9.961   12.099  1.00 10.62 ? 489 SER A N    1 
ATOM   1532 C CA   . SER A 1 103 ? 2.059   9.854   12.823  1.00 10.49 ? 489 SER A CA   1 
ATOM   1533 C C    . SER A 1 103 ? 1.917   11.137  13.632  1.00 13.82 ? 489 SER A C    1 
ATOM   1534 O O    . SER A 1 103 ? 2.618   11.337  14.626  1.00 18.11 ? 489 SER A O    1 
ATOM   1535 C CB   . SER A 1 103 ? 2.043   8.618   13.711  1.00 12.53 ? 489 SER A CB   1 
ATOM   1536 O OG   . SER A 1 103 ? 0.966   8.680   14.619  1.00 12.50 ? 489 SER A OG   1 
ATOM   1537 H H    . SER A 1 103 ? 3.956   9.492   12.435  1.00 12.76 ? 489 SER A H    1 
ATOM   1538 H HA   . SER A 1 103 ? 1.313   9.771   12.208  1.00 12.59 ? 489 SER A HA   1 
ATOM   1539 H HB2  . SER A 1 103 ? 1.945   7.829   13.156  1.00 15.04 ? 489 SER A HB2  1 
ATOM   1540 H HB3  . SER A 1 103 ? 2.876   8.573   14.208  1.00 15.04 ? 489 SER A HB3  1 
ATOM   1541 H HG   . SER A 1 103 ? 1.172   8.292   15.336  1.00 15.01 ? 489 SER A HG   1 
ATOM   1542 N N    . LEU A 1 104 ? 1.054   12.037  13.172  1.00 9.04  ? 490 LEU A N    1 
ATOM   1543 C CA   . LEU A 1 104 ? 0.864   13.331  13.809  1.00 8.02  ? 490 LEU A CA   1 
ATOM   1544 C C    . LEU A 1 104 ? -0.424  13.339  14.620  1.00 9.19  ? 490 LEU A C    1 
ATOM   1545 O O    . LEU A 1 104 ? -1.391  12.654  14.288  1.00 10.68 ? 490 LEU A O    1 
ATOM   1546 C CB   . LEU A 1 104 ? 0.820   14.454  12.773  1.00 9.89  ? 490 LEU A CB   1 
ATOM   1547 C CG   . LEU A 1 104 ? 2.058   14.675  11.905  1.00 10.32 ? 490 LEU A CG   1 
ATOM   1548 C CD1  . LEU A 1 104 ? 1.827   15.820  10.914  1.00 12.16 ? 490 LEU A CD1  1 
ATOM   1549 C CD2  . LEU A 1 104 ? 3.270   14.961  12.765  1.00 9.81  ? 490 LEU A CD2  1 
ATOM   1550 N N    . GLU A 1 105 ? -0.435  14.143  15.677  1.00 9.62  ? 491 GLU A N    1 
ATOM   1551 C CA   . GLU A 1 105 ? -1.651  14.393  16.440  1.00 12.17 ? 491 GLU A CA   1 
ATOM   1552 C C    . GLU A 1 105 ? -2.590  15.320  15.661  1.00 14.66 ? 491 GLU A C    1 
ATOM   1553 O O    . GLU A 1 105 ? -3.814  15.244  15.813  1.00 14.33 ? 491 GLU A O    1 
ATOM   1554 C CB   . GLU A 1 105 ? -1.310  15.002  17.802  1.00 14.36 ? 491 GLU A CB   1 
ATOM   1555 C CG   . GLU A 1 105 ? -0.235  14.241  18.584  1.00 12.51 ? 491 GLU A CG   1 
ATOM   1556 C CD   . GLU A 1 105 ? -0.707  12.883  19.061  1.00 17.70 ? 491 GLU A CD   1 
ATOM   1557 O OE1  . GLU A 1 105 ? -1.639  12.824  19.891  1.00 20.18 ? 491 GLU A OE1  1 
ATOM   1558 O OE2  . GLU A 1 105 ? -0.146  11.866  18.610  1.00 15.67 ? 491 GLU A OE2  1 
ATOM   1559 O OXT  . GLU A 1 105 ? -2.151  16.163  14.863  1.00 10.85 ? 491 GLU A OXT  1 
ATOM   1560 H H    . GLU A 1 105 ? 0.257   14.560  15.975  1.00 11.55 ? 491 GLU A H    1 
ATOM   1561 H HA   . GLU A 1 105 ? -2.115  13.555  16.598  1.00 14.61 ? 491 GLU A HA   1 
ATOM   1562 H HB2  . GLU A 1 105 ? -0.988  15.906  17.666  1.00 17.23 ? 491 GLU A HB2  1 
ATOM   1563 H HB3  . GLU A 1 105 ? -2.113  15.014  18.345  1.00 17.23 ? 491 GLU A HB3  1 
ATOM   1564 H HG2  . GLU A 1 105 ? 0.537   14.106  18.011  1.00 15.01 ? 491 GLU A HG2  1 
ATOM   1565 H HG3  . GLU A 1 105 ? 0.017   14.762  19.363  1.00 15.01 ? 491 GLU A HG3  1 
HETATM 1566 C C1   . GOL B 2 .   ? 8.738   -6.373  2.420   1.00 15.20 ? 501 GOL A C1   1 
HETATM 1567 O O1   . GOL B 2 .   ? 8.553   -6.444  1.039   1.00 14.56 ? 501 GOL A O1   1 
HETATM 1568 C C2   . GOL B 2 .   ? 9.312   -7.728  2.896   1.00 14.19 ? 501 GOL A C2   1 
HETATM 1569 O O2   . GOL B 2 .   ? 10.481  -8.087  2.177   1.00 12.88 ? 501 GOL A O2   1 
HETATM 1570 C C3   . GOL B 2 .   ? 9.585   -7.524  4.404   1.00 17.94 ? 501 GOL A C3   1 
HETATM 1571 O O3   . GOL B 2 .   ? 8.332   -7.318  5.049   1.00 15.04 ? 501 GOL A O3   1 
HETATM 1572 H H11  . GOL B 2 .   ? 7.911   -6.195  2.895   1.00 18.24 ? 501 GOL A H11  1 
HETATM 1573 H H12  . GOL B 2 .   ? 9.348   -5.663  2.676   1.00 18.24 ? 501 GOL A H12  1 
HETATM 1574 H H2   . GOL B 2 .   ? 8.678   -8.448  2.750   1.00 17.04 ? 501 GOL A H2   1 
HETATM 1575 H HO2  . GOL B 2 .   ? 11.155  -7.853  2.639   1.00 15.47 ? 501 GOL A HO2  1 
HETATM 1576 H H31  . GOL B 2 .   ? 10.196  -6.778  4.510   1.00 21.54 ? 501 GOL A H31  1 
HETATM 1577 H H32  . GOL B 2 .   ? 10.065  -8.297  4.740   1.00 21.54 ? 501 GOL A H32  1 
HETATM 1578 H HO3  . GOL B 2 .   ? 7.739   -7.636  4.533   1.00 18.05 ? 501 GOL A HO3  1 
HETATM 1579 C C1   . GOL C 2 .   ? 3.125   -10.107 2.322   1.00 35.94 ? 502 GOL A C1   1 
HETATM 1580 O O1   . GOL C 2 .   ? 3.993   -11.185 2.130   1.00 50.72 ? 502 GOL A O1   1 
HETATM 1581 C C2   . GOL C 2 .   ? 1.693   -10.594 2.003   1.00 45.39 ? 502 GOL A C2   1 
HETATM 1582 O O2   . GOL C 2 .   ? 1.581   -11.099 0.715   1.00 41.31 ? 502 GOL A O2   1 
HETATM 1583 C C3   . GOL C 2 .   ? 1.394   -11.665 3.068   1.00 50.35 ? 502 GOL A C3   1 
HETATM 1584 O O3   . GOL C 2 .   ? 0.929   -10.991 4.200   1.00 54.13 ? 502 GOL A O3   1 
HETATM 1585 H H11  . GOL C 2 .   ? 3.338   -9.352  1.751   1.00 43.14 ? 502 GOL A H11  1 
HETATM 1586 H H12  . GOL C 2 .   ? 3.151   -9.766  3.230   1.00 43.14 ? 502 GOL A H12  1 
HETATM 1587 H HO1  . GOL C 2 .   ? 4.547   -11.172 2.775   1.00 60.86 ? 502 GOL A HO1  1 
HETATM 1588 H H2   . GOL C 2 .   ? 1.066   -9.857  2.057   1.00 54.48 ? 502 GOL A H2   1 
HETATM 1589 H HO2  . GOL C 2 .   ? 1.090   -11.788 0.745   1.00 49.58 ? 502 GOL A HO2  1 
HETATM 1590 H H31  . GOL C 2 .   ? 2.200   -12.180 3.232   1.00 60.42 ? 502 GOL A H31  1 
HETATM 1591 H H32  . GOL C 2 .   ? 0.754   -12.298 2.707   1.00 60.42 ? 502 GOL A H32  1 
HETATM 1592 H HO3  . GOL C 2 .   ? 1.170   -11.451 4.874   1.00 64.96 ? 502 GOL A HO3  1 
HETATM 1593 C C1   . GOL D 2 .   ? 3.345   13.511  2.828   1.00 37.72 ? 503 GOL A C1   1 
HETATM 1594 O O1   . GOL D 2 .   ? 2.519   14.181  3.725   1.00 50.18 ? 503 GOL A O1   1 
HETATM 1595 C C2   . GOL D 2 .   ? 4.103   12.421  3.626   1.00 38.00 ? 503 GOL A C2   1 
HETATM 1596 O O2   . GOL D 2 .   ? 4.884   11.634  2.781   1.00 41.65 ? 503 GOL A O2   1 
HETATM 1597 C C3   . GOL D 2 .   ? 4.936   13.177  4.671   1.00 37.73 ? 503 GOL A C3   1 
HETATM 1598 O O3   . GOL D 2 .   ? 4.162   14.271  5.088   1.00 44.22 ? 503 GOL A O3   1 
HETATM 1599 H H11  . GOL D 2 .   ? 3.987   14.099  2.401   1.00 45.27 ? 503 GOL A H11  1 
HETATM 1600 H H12  . GOL D 2 .   ? 2.849   13.092  2.107   1.00 45.27 ? 503 GOL A H12  1 
HETATM 1601 H HO1  . GOL D 2 .   ? 1.797   14.349  3.311   1.00 60.22 ? 503 GOL A HO1  1 
HETATM 1602 H H2   . GOL D 2 .   ? 3.484   11.820  4.069   1.00 45.61 ? 503 GOL A H2   1 
HETATM 1603 H HO2  . GOL D 2 .   ? 4.593   10.837  2.825   1.00 49.98 ? 503 GOL A HO2  1 
HETATM 1604 H H31  . GOL D 2 .   ? 5.165   12.569  5.392   1.00 45.28 ? 503 GOL A H31  1 
HETATM 1605 H H32  . GOL D 2 .   ? 5.783   13.433  4.273   1.00 45.28 ? 503 GOL A H32  1 
HETATM 1606 H HO3  . GOL D 2 .   ? 4.622   14.968  4.940   1.00 53.07 ? 503 GOL A HO3  1 
HETATM 1607 O O    . HOH E 3 .   ? 6.497   11.333  1.469   1.00 30.34 ? 601 HOH A O    1 
HETATM 1608 O O    . HOH E 3 .   ? -5.578  6.428   -10.208 1.00 32.50 ? 602 HOH A O    1 
HETATM 1609 O O    . HOH E 3 .   ? -7.852  2.518   -8.857  1.00 26.40 ? 603 HOH A O    1 
HETATM 1610 O O    . HOH E 3 .   ? 0.897   15.623  2.824   1.00 31.13 ? 604 HOH A O    1 
HETATM 1611 O O    . HOH E 3 .   ? 6.074   -9.983  2.436   1.00 23.25 ? 605 HOH A O    1 
HETATM 1612 O O    . HOH E 3 .   ? -0.537  -5.862  -22.352 1.00 31.20 ? 606 HOH A O    1 
HETATM 1613 O O    . HOH E 3 .   ? -12.112 -13.434 -12.368 1.00 42.39 ? 607 HOH A O    1 
HETATM 1614 O O    . HOH E 3 .   ? 3.492   12.932  -4.394  1.00 44.60 ? 608 HOH A O    1 
HETATM 1615 O O    . HOH E 3 .   ? 4.155   -9.110  8.203   1.00 22.73 ? 609 HOH A O    1 
HETATM 1616 O O    . HOH E 3 .   ? -9.133  2.010   7.761   1.00 34.47 ? 610 HOH A O    1 
HETATM 1617 O O    . HOH E 3 .   ? 4.142   -13.023 -12.919 1.00 25.94 ? 611 HOH A O    1 
HETATM 1618 O O    . HOH E 3 .   ? 3.836   1.785   15.642  1.00 12.07 ? 612 HOH A O    1 
HETATM 1619 O O    . HOH E 3 .   ? 2.030   11.942  17.210  1.00 14.80 ? 613 HOH A O    1 
HETATM 1620 O O    . HOH E 3 .   ? -9.454  -15.691 -11.633 1.00 28.26 ? 614 HOH A O    1 
HETATM 1621 O O    . HOH E 3 .   ? 15.813  5.406   15.899  1.00 18.18 ? 615 HOH A O    1 
HETATM 1622 O O    . HOH E 3 .   ? -0.262  5.622   -12.723 1.00 17.48 ? 616 HOH A O    1 
HETATM 1623 O O    . HOH E 3 .   ? -1.642  -8.403  8.885   1.00 16.47 ? 617 HOH A O    1 
HETATM 1624 O O    . HOH E 3 .   ? -2.553  16.612  5.903   1.00 16.61 ? 618 HOH A O    1 
HETATM 1625 O O    . HOH E 3 .   ? 5.335   2.760   -7.915  1.00 26.22 ? 619 HOH A O    1 
HETATM 1626 O O    . HOH E 3 .   ? -7.074  0.426   8.238   1.00 27.98 ? 620 HOH A O    1 
HETATM 1627 O O    . HOH E 3 .   ? 8.513   -2.476  14.586  1.00 11.87 ? 621 HOH A O    1 
HETATM 1628 O O    . HOH E 3 .   ? -11.646 -8.525  -5.184  1.00 41.38 ? 622 HOH A O    1 
HETATM 1629 O O    . HOH E 3 .   ? -9.300  -4.271  4.592   1.00 29.18 ? 623 HOH A O    1 
HETATM 1630 O O    . HOH E 3 .   ? 4.857   3.083   -1.489  1.00 8.40  ? 624 HOH A O    1 
HETATM 1631 O O    . HOH E 3 .   ? -10.345 2.705   -2.271  1.00 22.88 ? 625 HOH A O    1 
HETATM 1632 O O    . HOH E 3 .   ? 3.751   -17.418 -15.654 1.00 34.76 ? 626 HOH A O    1 
HETATM 1633 O O    . HOH E 3 .   ? 4.108   -20.023 -14.188 1.00 31.42 ? 627 HOH A O    1 
HETATM 1634 O O    . HOH E 3 .   ? 5.934   -8.724  -0.290  1.00 33.39 ? 628 HOH A O    1 
HETATM 1635 O O    . HOH E 3 .   ? -7.289  -12.406 -11.088 1.00 20.63 ? 629 HOH A O    1 
HETATM 1636 O O    . HOH E 3 .   ? -2.064  8.865   -4.807  1.00 23.33 ? 630 HOH A O    1 
HETATM 1637 O O    . HOH E 3 .   ? 9.421   8.758   19.083  1.00 32.87 ? 631 HOH A O    1 
HETATM 1638 O O    . HOH E 3 .   ? -5.995  -0.894  9.580   1.00 33.36 ? 632 HOH A O    1 
HETATM 1639 O O    . HOH E 3 .   ? 0.965   -16.816 -4.979  1.00 25.47 ? 633 HOH A O    1 
HETATM 1640 O O    . HOH E 3 .   ? 12.124  -1.200  3.244   1.00 11.89 ? 634 HOH A O    1 
HETATM 1641 O O    . HOH E 3 .   ? 2.261   -5.387  -7.508  1.00 8.38  ? 635 HOH A O    1 
HETATM 1642 O O    . HOH E 3 .   ? 3.100   -19.818 -11.730 1.00 19.37 ? 636 HOH A O    1 
HETATM 1643 O O    . HOH E 3 .   ? -9.749  -14.670 -7.506  1.00 40.26 ? 637 HOH A O    1 
HETATM 1644 O O    . HOH E 3 .   ? -10.526 6.133   -3.065  1.00 21.29 ? 638 HOH A O    1 
HETATM 1645 O O    . HOH E 3 .   ? -7.544  -0.119  -8.402  1.00 19.42 ? 639 HOH A O    1 
HETATM 1646 O O    . HOH E 3 .   ? 6.292   7.516   21.271  1.00 21.89 ? 640 HOH A O    1 
HETATM 1647 O O    . HOH E 3 .   ? 2.279   7.659   -12.639 1.00 43.33 ? 641 HOH A O    1 
HETATM 1648 O O    . HOH E 3 .   ? 5.953   -8.981  -3.591  1.00 28.39 ? 642 HOH A O    1 
HETATM 1649 O O    . HOH E 3 .   ? -6.037  17.044  2.629   1.00 44.20 ? 643 HOH A O    1 
HETATM 1650 O O    . HOH E 3 .   ? 9.449   -7.336  -1.378  1.00 13.55 ? 644 HOH A O    1 
HETATM 1651 O O    . HOH E 3 .   ? 3.573   -13.619 -5.152  1.00 28.02 ? 645 HOH A O    1 
HETATM 1652 O O    . HOH E 3 .   ? 6.365   -7.024  11.587  1.00 15.06 ? 646 HOH A O    1 
HETATM 1653 O O    . HOH E 3 .   ? -4.374  12.232  0.526   1.00 22.50 ? 647 HOH A O    1 
HETATM 1654 O O    . HOH E 3 .   ? -2.612  0.341   12.722  1.00 10.56 ? 648 HOH A O    1 
HETATM 1655 O O    . HOH E 3 .   ? 5.628   -11.111 -7.113  1.00 24.89 ? 649 HOH A O    1 
HETATM 1656 O O    . HOH E 3 .   ? 3.438   -0.640  -12.668 1.00 9.34  ? 650 HOH A O    1 
HETATM 1657 O O    . HOH E 3 .   ? -9.068  -0.712  -2.162  1.00 36.69 ? 651 HOH A O    1 
HETATM 1658 O O    . HOH E 3 .   ? -8.264  15.357  9.879   1.00 20.74 ? 652 HOH A O    1 
HETATM 1659 O O    . HOH E 3 .   ? -3.371  -6.134  -18.893 1.00 13.12 ? 653 HOH A O    1 
HETATM 1660 O O    . HOH E 3 .   ? -3.945  11.915  18.699  1.00 23.29 ? 654 HOH A O    1 
HETATM 1661 O O    . HOH E 3 .   ? -10.149 -7.375  2.458   1.00 35.17 ? 655 HOH A O    1 
HETATM 1662 O O    . HOH E 3 .   ? -7.124  -7.716  -17.251 1.00 19.45 ? 656 HOH A O    1 
HETATM 1663 O O    . HOH E 3 .   ? 12.425  1.877   6.590   1.00 11.20 ? 657 HOH A O    1 
HETATM 1664 O O    . HOH E 3 .   ? 10.054  11.754  4.907   1.00 24.41 ? 658 HOH A O    1 
HETATM 1665 O O    . HOH E 3 .   ? -0.777  -1.472  6.347   1.00 13.83 ? 659 HOH A O    1 
HETATM 1666 O O    . HOH E 3 .   ? -2.321  15.051  21.391  1.00 26.62 ? 660 HOH A O    1 
HETATM 1667 O O    . HOH E 3 .   ? -8.800  0.427   0.463   1.00 23.73 ? 661 HOH A O    1 
HETATM 1668 O O    . HOH E 3 .   ? -5.057  14.476  18.170  1.00 22.75 ? 662 HOH A O    1 
HETATM 1669 O O    . HOH E 3 .   ? 8.822   -2.641  -7.441  1.00 23.94 ? 663 HOH A O    1 
HETATM 1670 O O    . HOH E 3 .   ? -0.600  0.256   -22.580 1.00 19.15 ? 664 HOH A O    1 
HETATM 1671 O O    . HOH E 3 .   ? -9.715  -5.496  -12.047 1.00 31.18 ? 665 HOH A O    1 
HETATM 1672 O O    . HOH E 3 .   ? -2.562  1.837   -14.629 1.00 13.04 ? 666 HOH A O    1 
HETATM 1673 O O    . HOH E 3 .   ? -10.898 13.808  1.947   1.00 25.10 ? 667 HOH A O    1 
HETATM 1674 O O    . HOH E 3 .   ? 4.593   13.458  7.723   1.00 21.39 ? 668 HOH A O    1 
HETATM 1675 O O    . HOH E 3 .   ? -3.063  -1.424  7.926   1.00 14.58 ? 669 HOH A O    1 
HETATM 1676 O O    . HOH E 3 .   ? -0.015  -0.132  13.130  1.00 10.59 ? 670 HOH A O    1 
HETATM 1677 O O    . HOH E 3 .   ? 12.683  -8.864  9.760   1.00 25.36 ? 671 HOH A O    1 
HETATM 1678 O O    . HOH E 3 .   ? -10.542 10.735  0.325   1.00 32.17 ? 672 HOH A O    1 
HETATM 1679 O O    . HOH E 3 .   ? 13.244  8.457   9.005   1.00 11.78 ? 673 HOH A O    1 
HETATM 1680 O O    . HOH E 3 .   ? -6.407  -17.060 -5.022  1.00 28.83 ? 674 HOH A O    1 
HETATM 1681 O O    . HOH E 3 .   ? 5.669   -10.981 -10.112 1.00 19.84 ? 675 HOH A O    1 
HETATM 1682 O O    . HOH E 3 .   ? -5.599  6.543   15.833  1.00 11.37 ? 676 HOH A O    1 
HETATM 1683 O O    . HOH E 3 .   ? -8.831  9.866   -1.495  1.00 27.06 ? 677 HOH A O    1 
HETATM 1684 O O    . HOH E 3 .   ? 8.615   -8.015  -12.308 1.00 37.73 ? 678 HOH A O    1 
HETATM 1685 O O    . HOH E 3 .   ? 6.892   -1.840  -11.129 1.00 22.98 ? 679 HOH A O    1 
HETATM 1686 O O    . HOH E 3 .   ? -10.227 -2.335  -15.069 1.00 40.20 ? 680 HOH A O    1 
HETATM 1687 O O    . HOH E 3 .   ? 2.874   -22.969 -18.205 1.00 37.57 ? 681 HOH A O    1 
HETATM 1688 O O    . HOH E 3 .   ? -1.400  11.983  11.428  1.00 11.98 ? 682 HOH A O    1 
HETATM 1689 O O    . HOH E 3 .   ? -2.563  10.204  0.349   1.00 13.20 ? 683 HOH A O    1 
HETATM 1690 O O    . HOH E 3 .   ? 0.725   -8.282  -18.153 1.00 17.68 ? 684 HOH A O    1 
HETATM 1691 O O    . HOH E 3 .   ? 0.894   -1.153  -24.788 1.00 35.85 ? 685 HOH A O    1 
HETATM 1692 O O    . HOH E 3 .   ? 8.566   -9.138  11.866  1.00 18.88 ? 686 HOH A O    1 
HETATM 1693 O O    . HOH E 3 .   ? 6.693   4.956   -4.503  1.00 24.64 ? 687 HOH A O    1 
HETATM 1694 O O    . HOH E 3 .   ? 13.803  -3.376  14.855  1.00 34.88 ? 688 HOH A O    1 
HETATM 1695 O O    . HOH E 3 .   ? -11.489 -3.943  1.058   1.00 30.83 ? 689 HOH A O    1 
HETATM 1696 O O    . HOH E 3 .   ? 7.523   2.651   -6.602  1.00 19.27 ? 690 HOH A O    1 
HETATM 1697 O O    . HOH E 3 .   ? 8.696   -5.787  -3.645  1.00 17.93 ? 691 HOH A O    1 
HETATM 1698 O O    . HOH E 3 .   ? -5.698  16.882  14.362  1.00 13.84 ? 692 HOH A O    1 
HETATM 1699 O O    . HOH E 3 .   ? 6.982   -9.874  5.015   1.00 19.20 ? 693 HOH A O    1 
HETATM 1700 O O    . HOH E 3 .   ? -7.815  -5.677  -13.604 1.00 20.78 ? 694 HOH A O    1 
HETATM 1701 O O    . HOH E 3 .   ? 5.453   11.941  14.565  1.00 24.01 ? 695 HOH A O    1 
HETATM 1702 O O    . HOH E 3 .   ? -12.301 -1.704  -1.101  1.00 35.69 ? 696 HOH A O    1 
HETATM 1703 O O    . HOH E 3 .   ? 4.806   -5.516  -19.651 1.00 25.19 ? 697 HOH A O    1 
HETATM 1704 O O    . HOH E 3 .   ? -2.215  -14.790 -14.187 1.00 25.05 ? 698 HOH A O    1 
HETATM 1705 O O    . HOH E 3 .   ? -0.234  9.512   24.361  1.00 37.46 ? 699 HOH A O    1 
HETATM 1706 O O    . HOH E 3 .   ? 1.756   -10.481 -18.818 1.00 28.98 ? 700 HOH A O    1 
HETATM 1707 O O    . HOH E 3 .   ? 3.649   -15.507 -9.305  1.00 16.47 ? 701 HOH A O    1 
HETATM 1708 O O    . HOH E 3 .   ? 6.100   -5.284  13.648  1.00 13.50 ? 702 HOH A O    1 
HETATM 1709 O O    . HOH E 3 .   ? 4.559   5.461   -9.559  1.00 26.76 ? 703 HOH A O    1 
HETATM 1710 O O    . HOH E 3 .   ? 9.556   5.431   14.036  1.00 16.89 ? 704 HOH A O    1 
HETATM 1711 O O    . HOH E 3 .   ? -0.084  -15.943 -15.923 1.00 32.49 ? 705 HOH A O    1 
HETATM 1712 O O    . HOH E 3 .   ? 15.056  0.225   9.217   1.00 14.06 ? 706 HOH A O    1 
HETATM 1713 O O    . HOH E 3 .   ? -2.928  -8.825  -18.368 1.00 17.70 ? 707 HOH A O    1 
HETATM 1714 O O    . HOH E 3 .   ? 1.564   -14.089 -3.479  1.00 29.04 ? 708 HOH A O    1 
HETATM 1715 O O    . HOH E 3 .   ? 1.877   15.893  16.281  1.00 14.67 ? 709 HOH A O    1 
HETATM 1716 O O    . HOH E 3 .   ? -3.748  5.987   17.890  1.00 22.76 ? 710 HOH A O    1 
HETATM 1717 O O    . HOH E 3 .   ? -10.030 3.247   4.875   1.00 15.90 ? 711 HOH A O    1 
HETATM 1718 O O    . HOH E 3 .   ? 3.337   11.153  -0.010  1.00 21.21 ? 712 HOH A O    1 
HETATM 1719 O O    . HOH E 3 .   ? 4.722   5.569   -6.158  1.00 18.25 ? 713 HOH A O    1 
HETATM 1720 O O    . HOH E 3 .   ? -5.931  -13.081 -13.015 1.00 20.83 ? 714 HOH A O    1 
HETATM 1721 O O    . HOH E 3 .   ? 13.100  -6.292  14.993  1.00 34.06 ? 715 HOH A O    1 
HETATM 1722 O O    . HOH E 3 .   ? -3.192  7.522   23.740  1.00 34.10 ? 716 HOH A O    1 
HETATM 1723 O O    . HOH E 3 .   ? 15.451  -1.837  14.286  1.00 33.22 ? 717 HOH A O    1 
HETATM 1724 O O    . HOH E 3 .   ? -6.007  -13.818 -3.153  1.00 38.52 ? 718 HOH A O    1 
HETATM 1725 O O    . HOH E 3 .   ? -5.359  18.571  3.921   1.00 47.50 ? 719 HOH A O    1 
HETATM 1726 O O    . HOH E 3 .   ? 12.107  -2.744  16.092  1.00 33.26 ? 720 HOH A O    1 
HETATM 1727 O O    . HOH E 3 .   ? 3.407   0.017   -20.664 1.00 37.96 ? 721 HOH A O    1 
HETATM 1728 O O    . HOH E 3 .   ? 3.443   13.879  18.900  1.00 29.48 ? 722 HOH A O    1 
HETATM 1729 O O    . HOH E 3 .   ? 5.702   -13.882 -14.214 1.00 46.58 ? 723 HOH A O    1 
HETATM 1730 O O    . HOH E 3 .   ? 9.127   -0.620  -7.394  1.00 41.48 ? 724 HOH A O    1 
HETATM 1731 O O    . HOH E 3 .   ? -9.006  3.679   9.868   1.00 27.03 ? 725 HOH A O    1 
HETATM 1732 O O    . HOH E 3 .   ? -4.144  -14.770 -12.075 1.00 18.95 ? 726 HOH A O    1 
HETATM 1733 O O    . HOH E 3 .   ? 13.456  11.059  9.419   1.00 34.87 ? 727 HOH A O    1 
HETATM 1734 O O    . HOH E 3 .   ? 10.307  7.478   15.022  1.00 32.16 ? 728 HOH A O    1 
HETATM 1735 O O    . HOH E 3 .   ? 4.174   -12.800 -16.810 1.00 35.63 ? 729 HOH A O    1 
HETATM 1736 O O    . HOH E 3 .   ? -4.804  -11.906 3.676   1.00 39.56 ? 730 HOH A O    1 
HETATM 1737 O O    . HOH E 3 .   ? -4.290  6.457   -13.360 1.00 26.31 ? 731 HOH A O    1 
HETATM 1738 O O    . HOH E 3 .   ? 15.148  -8.293  12.770  1.00 36.82 ? 732 HOH A O    1 
HETATM 1739 O O    . HOH E 3 .   ? 8.883   -12.147 4.772   1.00 44.18 ? 733 HOH A O    1 
HETATM 1740 O O    . HOH E 3 .   ? -2.696  -13.068 -2.768  1.00 29.30 ? 734 HOH A O    1 
HETATM 1741 O O    . HOH E 3 .   ? 7.935   6.672   -3.967  1.00 40.28 ? 735 HOH A O    1 
HETATM 1742 O O    . HOH E 3 .   ? -6.934  12.075  -1.334  1.00 43.06 ? 736 HOH A O    1 
HETATM 1743 O O    . HOH E 3 .   ? 12.684  8.014   13.918  1.00 28.48 ? 737 HOH A O    1 
HETATM 1744 O O    . HOH E 3 .   ? 11.137  -10.056 11.695  1.00 30.88 ? 738 HOH A O    1 
HETATM 1745 O O    . HOH E 3 .   ? 1.161   7.226   23.793  1.00 34.84 ? 739 HOH A O    1 
HETATM 1746 O O    . HOH E 3 .   ? -5.293  9.529   18.796  1.00 37.49 ? 740 HOH A O    1 
HETATM 1747 O O    . HOH E 3 .   ? -12.033 7.735   0.189   1.00 43.02 ? 741 HOH A O    1 
HETATM 1748 O O    . HOH E 3 .   ? -4.103  19.010  5.976   1.00 16.33 ? 742 HOH A O    1 
HETATM 1749 O O    . HOH E 3 .   ? 15.146  8.159   15.099  1.00 40.84 ? 743 HOH A O    1 
HETATM 1750 O O    . HOH E 3 .   ? 6.319   1.318   -10.396 1.00 36.62 ? 744 HOH A O    1 
HETATM 1751 O O    . HOH E 3 .   ? 0.026   17.257  4.661   1.00 24.30 ? 745 HOH A O    1 
HETATM 1752 O O    . HOH E 3 .   ? 15.615  5.369   18.526  1.00 34.59 ? 746 HOH A O    1 
HETATM 1753 O O    . HOH E 3 .   ? 5.764   -13.717 -10.088 1.00 36.48 ? 747 HOH A O    1 
HETATM 1754 O O    . HOH E 3 .   ? 7.548   -10.165 -11.104 1.00 39.58 ? 748 HOH A O    1 
HETATM 1755 O O    . HOH E 3 .   ? -11.041 -3.052  3.356   1.00 47.97 ? 749 HOH A O    1 
HETATM 1756 O O    . HOH E 3 .   ? 5.383   1.400   -12.804 1.00 20.45 ? 750 HOH A O    1 
HETATM 1757 O O    . HOH E 3 .   ? 2.680   5.847   -13.854 1.00 25.91 ? 751 HOH A O    1 
HETATM 1758 O O    . HOH E 3 .   ? 5.703   9.251   23.310  1.00 33.21 ? 752 HOH A O    1 
HETATM 1759 O O    . HOH E 3 .   ? 4.770   -17.747 -10.383 1.00 19.79 ? 753 HOH A O    1 
HETATM 1760 O O    . HOH E 3 .   ? 3.238   -15.657 -6.550  1.00 32.02 ? 754 HOH A O    1 
HETATM 1761 O O    . HOH E 3 .   ? 8.881   7.201   20.963  1.00 28.90 ? 755 HOH A O    1 
HETATM 1762 O O    . HOH E 3 .   ? -4.975  15.766  20.931  1.00 35.90 ? 756 HOH A O    1 
HETATM 1763 O O    . HOH E 3 .   ? -9.325  -6.323  -15.972 1.00 20.99 ? 757 HOH A O    1 
HETATM 1764 O O    . HOH E 3 .   ? -14.173 -6.162  1.432   1.00 34.06 ? 758 HOH A O    1 
HETATM 1765 O O    . HOH E 3 .   ? 6.261   -7.620  -20.332 1.00 34.71 ? 759 HOH A O    1 
HETATM 1766 O O    . HOH E 3 .   ? 5.776   -12.033 -17.878 1.00 44.81 ? 760 HOH A O    1 
HETATM 1767 O O    . HOH E 3 .   ? 5.043   3.972   -13.825 1.00 28.10 ? 761 HOH A O    1 
HETATM 1768 O O    . HOH E 3 .   ? -11.731 -7.021  -15.251 1.00 31.13 ? 762 HOH A O    1 
# 
loop_
_pdbx_poly_seq_scheme.asym_id 
_pdbx_poly_seq_scheme.entity_id 
_pdbx_poly_seq_scheme.seq_id 
_pdbx_poly_seq_scheme.mon_id 
_pdbx_poly_seq_scheme.ndb_seq_num 
_pdbx_poly_seq_scheme.pdb_seq_num 
_pdbx_poly_seq_scheme.auth_seq_num 
_pdbx_poly_seq_scheme.pdb_mon_id 
_pdbx_poly_seq_scheme.auth_mon_id 
_pdbx_poly_seq_scheme.pdb_strand_id 
_pdbx_poly_seq_scheme.pdb_ins_code 
_pdbx_poly_seq_scheme.hetero 
A 1 1   GLY 1   387 387 GLY GLY A . n 
A 1 2   ALA 2   388 388 ALA ALA A . n 
A 1 3   SER 3   389 389 SER SER A . n 
A 1 4   ALA 4   390 390 ALA ALA A . n 
A 1 5   PRO 5   391 391 PRO PRO A . n 
A 1 6   ILE 6   392 392 ILE ILE A . n 
A 1 7   GLY 7   393 393 GLY GLY A . n 
A 1 8   ALA 8   394 394 ALA ALA A . n 
A 1 9   PRO 9   395 395 PRO PRO A . n 
A 1 10  THR 10  396 396 THR THR A . n 
A 1 11  ASP 11  397 397 ASP ASP A . n 
A 1 12  VAL 12  398 398 VAL VAL A . n 
A 1 13  ASN 13  399 399 ASN ASN A . n 
A 1 14  VAL 14  400 400 VAL VAL A . n 
A 1 15  GLU 15  401 401 GLU GLU A . n 
A 1 16  PRO 16  402 402 PRO PRO A . n 
A 1 17  ILE 17  403 403 ILE ILE A . n 
A 1 18  GLY 18  404 404 GLY GLY A . n 
A 1 19  SER 19  405 405 SER SER A . n 
A 1 20  ARG 20  406 406 ARG ARG A . n 
A 1 21  THR 21  407 407 THR THR A . n 
A 1 22  LEU 22  408 408 LEU LEU A . n 
A 1 23  LYS 23  409 409 LYS LYS A . n 
A 1 24  VAL 24  410 410 VAL VAL A . n 
A 1 25  THR 25  411 411 THR THR A . n 
A 1 26  TRP 26  412 412 TRP TRP A . n 
A 1 27  ARG 27  413 413 ARG ARG A . n 
A 1 28  PRO 28  414 414 PRO PRO A . n 
A 1 29  PRO 29  415 415 PRO PRO A . n 
A 1 30  LEU 30  416 416 LEU LEU A . n 
A 1 31  VAL 31  417 417 VAL VAL A . n 
A 1 32  ASP 32  418 418 ASP ASP A . n 
A 1 33  HIS 33  419 419 HIS HIS A . n 
A 1 34  TRP 34  420 420 TRP TRP A . n 
A 1 35  ASN 35  421 421 ASN ASN A . n 
A 1 36  GLY 36  422 422 GLY GLY A . n 
A 1 37  ILE 37  423 423 ILE ILE A . n 
A 1 38  ILE 38  424 424 ILE ILE A . n 
A 1 39  LYS 39  425 425 LYS LYS A . n 
A 1 40  GLY 40  426 426 GLY GLY A . n 
A 1 41  TYR 41  427 427 TYR TYR A . n 
A 1 42  TYR 42  428 428 TYR TYR A . n 
A 1 43  VAL 43  429 429 VAL VAL A . n 
A 1 44  GLY 44  430 430 GLY GLY A . n 
A 1 45  HIS 45  431 431 HIS HIS A . n 
A 1 46  LYS 46  432 432 LYS LYS A . n 
A 1 47  GLU 47  433 433 GLU GLU A . n 
A 1 48  SER 48  434 434 SER SER A . n 
A 1 49  ASP 49  435 435 ASP ASP A . n 
A 1 50  SER 50  436 436 SER SER A . n 
A 1 51  SER 51  437 437 SER SER A . n 
A 1 52  GLN 52  438 438 GLN GLN A . n 
A 1 53  GLN 53  439 439 GLN GLN A . n 
A 1 54  TYR 54  440 440 TYR TYR A . n 
A 1 55  ARG 55  441 441 ARG ARG A . n 
A 1 56  TYR 56  442 442 TYR TYR A . n 
A 1 57  GLN 57  443 443 GLN GLN A . n 
A 1 58  ARG 58  444 444 ARG ARG A . n 
A 1 59  VAL 59  445 445 VAL VAL A . n 
A 1 60  GLU 60  446 446 GLU GLU A . n 
A 1 61  ARG 61  447 447 ARG ARG A . n 
A 1 62  SER 62  448 448 SER SER A . n 
A 1 63  GLY 63  449 449 GLY GLY A . n 
A 1 64  ILE 64  450 450 ILE ILE A . n 
A 1 65  ASN 65  451 451 ASN ASN A . n 
A 1 66  PRO 66  452 452 PRO PRO A . n 
A 1 67  GLU 67  453 453 GLU GLU A . n 
A 1 68  THR 68  454 454 THR THR A . n 
A 1 69  LEU 69  455 455 LEU LEU A . n 
A 1 70  LEU 70  456 456 LEU LEU A . n 
A 1 71  ILE 71  457 457 ILE ILE A . n 
A 1 72  ALA 72  458 458 ALA ALA A . n 
A 1 73  GLY 73  459 459 GLY GLY A . n 
A 1 74  LEU 74  460 460 LEU LEU A . n 
A 1 75  GLN 75  461 461 GLN GLN A . n 
A 1 76  LYS 76  462 462 LYS LYS A . n 
A 1 77  ALA 77  463 463 ALA ALA A . n 
A 1 78  LYS 78  464 464 LYS LYS A . n 
A 1 79  VAL 79  465 465 VAL VAL A . n 
A 1 80  TYR 80  466 466 TYR TYR A . n 
A 1 81  ASN 81  467 467 ASN ASN A . n 
A 1 82  VAL 82  468 468 VAL VAL A . n 
A 1 83  VAL 83  469 469 VAL VAL A . n 
A 1 84  VAL 84  470 470 VAL VAL A . n 
A 1 85  LYS 85  471 471 LYS LYS A . n 
A 1 86  ALA 86  472 472 ALA ALA A . n 
A 1 87  PHE 87  473 473 PHE PHE A . n 
A 1 88  ASN 88  474 474 ASN ASN A . n 
A 1 89  THR 89  475 475 THR THR A . n 
A 1 90  ALA 90  476 476 ALA ALA A . n 
A 1 91  GLY 91  477 477 GLY GLY A . n 
A 1 92  SER 92  478 478 SER SER A . n 
A 1 93  GLY 93  479 479 GLY GLY A . n 
A 1 94  PRO 94  480 480 PRO PRO A . n 
A 1 95  GLU 95  481 481 GLU GLU A . n 
A 1 96  SER 96  482 482 SER SER A . n 
A 1 97  HIS 97  483 483 HIS HIS A . n 
A 1 98  PRO 98  484 484 PRO PRO A . n 
A 1 99  VAL 99  485 485 VAL VAL A . n 
A 1 100 GLU 100 486 486 GLU GLU A . n 
A 1 101 ALA 101 487 487 ALA ALA A . n 
A 1 102 TYR 102 488 488 TYR TYR A . n 
A 1 103 SER 103 489 489 SER SER A . n 
A 1 104 LEU 104 490 490 LEU LEU A . n 
A 1 105 GLU 105 491 491 GLU GLU A . n 
# 
_pdbx_contact_author.id                 2 
_pdbx_contact_author.email              qiang_chen@scu.edu.cn 
_pdbx_contact_author.name_first         Qiang 
_pdbx_contact_author.name_last          Chen 
_pdbx_contact_author.name_mi            ? 
_pdbx_contact_author.role               'principal investigator/group leader' 
_pdbx_contact_author.identifier_ORCID   0000-0002-2398-4482 
# 
loop_
_pdbx_nonpoly_scheme.asym_id 
_pdbx_nonpoly_scheme.entity_id 
_pdbx_nonpoly_scheme.mon_id 
_pdbx_nonpoly_scheme.ndb_seq_num 
_pdbx_nonpoly_scheme.pdb_seq_num 
_pdbx_nonpoly_scheme.auth_seq_num 
_pdbx_nonpoly_scheme.pdb_mon_id 
_pdbx_nonpoly_scheme.auth_mon_id 
_pdbx_nonpoly_scheme.pdb_strand_id 
_pdbx_nonpoly_scheme.pdb_ins_code 
B 2 GOL 1   501 587 GOL GOL A . 
C 2 GOL 1   502 687 GOL GOL A . 
D 2 GOL 1   503 701 GOL GOL A . 
E 3 HOH 1   601 136 HOH HOH A . 
E 3 HOH 2   602 109 HOH HOH A . 
E 3 HOH 3   603 82  HOH HOH A . 
E 3 HOH 4   604 110 HOH HOH A . 
E 3 HOH 5   605 64  HOH HOH A . 
E 3 HOH 6   606 144 HOH HOH A . 
E 3 HOH 7   607 129 HOH HOH A . 
E 3 HOH 8   608 163 HOH HOH A . 
E 3 HOH 9   609 44  HOH HOH A . 
E 3 HOH 10  610 117 HOH HOH A . 
E 3 HOH 11  611 69  HOH HOH A . 
E 3 HOH 12  612 4   HOH HOH A . 
E 3 HOH 13  613 19  HOH HOH A . 
E 3 HOH 14  614 106 HOH HOH A . 
E 3 HOH 15  615 40  HOH HOH A . 
E 3 HOH 16  616 21  HOH HOH A . 
E 3 HOH 17  617 63  HOH HOH A . 
E 3 HOH 18  618 52  HOH HOH A . 
E 3 HOH 19  619 90  HOH HOH A . 
E 3 HOH 20  620 99  HOH HOH A . 
E 3 HOH 21  621 11  HOH HOH A . 
E 3 HOH 22  622 138 HOH HOH A . 
E 3 HOH 23  623 101 HOH HOH A . 
E 3 HOH 24  624 6   HOH HOH A . 
E 3 HOH 25  625 51  HOH HOH A . 
E 3 HOH 26  626 123 HOH HOH A . 
E 3 HOH 27  627 89  HOH HOH A . 
E 3 HOH 28  628 81  HOH HOH A . 
E 3 HOH 29  629 34  HOH HOH A . 
E 3 HOH 30  630 35  HOH HOH A . 
E 3 HOH 31  631 118 HOH HOH A . 
E 3 HOH 32  632 122 HOH HOH A . 
E 3 HOH 33  633 87  HOH HOH A . 
E 3 HOH 34  634 17  HOH HOH A . 
E 3 HOH 35  635 1   HOH HOH A . 
E 3 HOH 36  636 60  HOH HOH A . 
E 3 HOH 37  637 158 HOH HOH A . 
E 3 HOH 38  638 37  HOH HOH A . 
E 3 HOH 39  639 41  HOH HOH A . 
E 3 HOH 40  640 43  HOH HOH A . 
E 3 HOH 41  641 150 HOH HOH A . 
E 3 HOH 42  642 164 HOH HOH A . 
E 3 HOH 43  643 155 HOH HOH A . 
E 3 HOH 44  644 32  HOH HOH A . 
E 3 HOH 45  645 88  HOH HOH A . 
E 3 HOH 46  646 23  HOH HOH A . 
E 3 HOH 47  647 61  HOH HOH A . 
E 3 HOH 48  648 10  HOH HOH A . 
E 3 HOH 49  649 75  HOH HOH A . 
E 3 HOH 50  650 2   HOH HOH A . 
E 3 HOH 51  651 159 HOH HOH A . 
E 3 HOH 52  652 55  HOH HOH A . 
E 3 HOH 53  653 12  HOH HOH A . 
E 3 HOH 54  654 73  HOH HOH A . 
E 3 HOH 55  655 147 HOH HOH A . 
E 3 HOH 56  656 36  HOH HOH A . 
E 3 HOH 57  657 14  HOH HOH A . 
E 3 HOH 58  658 58  HOH HOH A . 
E 3 HOH 59  659 22  HOH HOH A . 
E 3 HOH 60  660 119 HOH HOH A . 
E 3 HOH 61  661 50  HOH HOH A . 
E 3 HOH 62  662 77  HOH HOH A . 
E 3 HOH 63  663 57  HOH HOH A . 
E 3 HOH 64  664 26  HOH HOH A . 
E 3 HOH 65  665 141 HOH HOH A . 
E 3 HOH 66  666 29  HOH HOH A . 
E 3 HOH 67  667 62  HOH HOH A . 
E 3 HOH 68  668 38  HOH HOH A . 
E 3 HOH 69  669 15  HOH HOH A . 
E 3 HOH 70  670 5   HOH HOH A . 
E 3 HOH 71  671 72  HOH HOH A . 
E 3 HOH 72  672 116 HOH HOH A . 
E 3 HOH 73  673 9   HOH HOH A . 
E 3 HOH 74  674 71  HOH HOH A . 
E 3 HOH 75  675 42  HOH HOH A . 
E 3 HOH 76  676 16  HOH HOH A . 
E 3 HOH 77  677 97  HOH HOH A . 
E 3 HOH 78  678 133 HOH HOH A . 
E 3 HOH 79  679 49  HOH HOH A . 
E 3 HOH 80  680 156 HOH HOH A . 
E 3 HOH 81  681 124 HOH HOH A . 
E 3 HOH 82  682 7   HOH HOH A . 
E 3 HOH 83  683 3   HOH HOH A . 
E 3 HOH 84  684 25  HOH HOH A . 
E 3 HOH 85  685 121 HOH HOH A . 
E 3 HOH 86  686 67  HOH HOH A . 
E 3 HOH 87  687 79  HOH HOH A . 
E 3 HOH 88  688 143 HOH HOH A . 
E 3 HOH 89  689 103 HOH HOH A . 
E 3 HOH 90  690 27  HOH HOH A . 
E 3 HOH 91  691 59  HOH HOH A . 
E 3 HOH 92  692 13  HOH HOH A . 
E 3 HOH 93  693 45  HOH HOH A . 
E 3 HOH 94  694 85  HOH HOH A . 
E 3 HOH 95  695 95  HOH HOH A . 
E 3 HOH 96  696 142 HOH HOH A . 
E 3 HOH 97  697 65  HOH HOH A . 
E 3 HOH 98  698 93  HOH HOH A . 
E 3 HOH 99  699 145 HOH HOH A . 
E 3 HOH 100 700 91  HOH HOH A . 
E 3 HOH 101 701 18  HOH HOH A . 
E 3 HOH 102 702 31  HOH HOH A . 
E 3 HOH 103 703 54  HOH HOH A . 
E 3 HOH 104 704 46  HOH HOH A . 
E 3 HOH 105 705 113 HOH HOH A . 
E 3 HOH 106 706 8   HOH HOH A . 
E 3 HOH 107 707 39  HOH HOH A . 
E 3 HOH 108 708 56  HOH HOH A . 
E 3 HOH 109 709 30  HOH HOH A . 
E 3 HOH 110 710 78  HOH HOH A . 
E 3 HOH 111 711 24  HOH HOH A . 
E 3 HOH 112 712 20  HOH HOH A . 
E 3 HOH 113 713 28  HOH HOH A . 
E 3 HOH 114 714 70  HOH HOH A . 
E 3 HOH 115 715 115 HOH HOH A . 
E 3 HOH 116 716 105 HOH HOH A . 
E 3 HOH 117 717 130 HOH HOH A . 
E 3 HOH 118 718 149 HOH HOH A . 
E 3 HOH 119 719 161 HOH HOH A . 
E 3 HOH 120 720 140 HOH HOH A . 
E 3 HOH 121 721 135 HOH HOH A . 
E 3 HOH 122 722 104 HOH HOH A . 
E 3 HOH 123 723 139 HOH HOH A . 
E 3 HOH 124 724 126 HOH HOH A . 
E 3 HOH 125 725 84  HOH HOH A . 
E 3 HOH 126 726 48  HOH HOH A . 
E 3 HOH 127 727 111 HOH HOH A . 
E 3 HOH 128 728 94  HOH HOH A . 
E 3 HOH 129 729 132 HOH HOH A . 
E 3 HOH 130 730 148 HOH HOH A . 
E 3 HOH 131 731 74  HOH HOH A . 
E 3 HOH 132 732 160 HOH HOH A . 
E 3 HOH 133 733 154 HOH HOH A . 
E 3 HOH 134 734 98  HOH HOH A . 
E 3 HOH 135 735 107 HOH HOH A . 
E 3 HOH 136 736 152 HOH HOH A . 
E 3 HOH 137 737 83  HOH HOH A . 
E 3 HOH 138 738 96  HOH HOH A . 
E 3 HOH 139 739 125 HOH HOH A . 
E 3 HOH 140 740 108 HOH HOH A . 
E 3 HOH 141 741 127 HOH HOH A . 
E 3 HOH 142 742 33  HOH HOH A . 
E 3 HOH 143 743 120 HOH HOH A . 
E 3 HOH 144 744 131 HOH HOH A . 
E 3 HOH 145 745 80  HOH HOH A . 
E 3 HOH 146 746 151 HOH HOH A . 
E 3 HOH 147 747 112 HOH HOH A . 
E 3 HOH 148 748 162 HOH HOH A . 
E 3 HOH 149 749 153 HOH HOH A . 
E 3 HOH 150 750 53  HOH HOH A . 
E 3 HOH 151 751 68  HOH HOH A . 
E 3 HOH 152 752 86  HOH HOH A . 
E 3 HOH 153 753 47  HOH HOH A . 
E 3 HOH 154 754 134 HOH HOH A . 
E 3 HOH 155 755 92  HOH HOH A . 
E 3 HOH 156 756 137 HOH HOH A . 
E 3 HOH 157 757 66  HOH HOH A . 
E 3 HOH 158 758 146 HOH HOH A . 
E 3 HOH 159 759 100 HOH HOH A . 
E 3 HOH 160 760 157 HOH HOH A . 
E 3 HOH 161 761 76  HOH HOH A . 
E 3 HOH 162 762 102 HOH HOH A . 
# 
_pdbx_struct_assembly.id                   1 
_pdbx_struct_assembly.details              author_and_software_defined_assembly 
_pdbx_struct_assembly.method_details       PISA 
_pdbx_struct_assembly.oligomeric_details   monomeric 
_pdbx_struct_assembly.oligomeric_count     1 
# 
_pdbx_struct_assembly_gen.assembly_id       1 
_pdbx_struct_assembly_gen.oper_expression   1 
_pdbx_struct_assembly_gen.asym_id_list      A,B,C,D,E 
# 
loop_
_pdbx_struct_assembly_prop.biol_id 
_pdbx_struct_assembly_prop.type 
_pdbx_struct_assembly_prop.value 
_pdbx_struct_assembly_prop.details 
1 'ABSA (A^2)' 180  ? 
1 MORE         -0   ? 
1 'SSA (A^2)'  6090 ? 
# 
_pdbx_struct_oper_list.id                   1 
_pdbx_struct_oper_list.type                 'identity operation' 
_pdbx_struct_oper_list.name                 1_555 
_pdbx_struct_oper_list.symmetry_operation   x,y,z 
_pdbx_struct_oper_list.matrix[1][1]         1.0000000000 
_pdbx_struct_oper_list.matrix[1][2]         0.0000000000 
_pdbx_struct_oper_list.matrix[1][3]         0.0000000000 
_pdbx_struct_oper_list.vector[1]            0.0000000000 
_pdbx_struct_oper_list.matrix[2][1]         0.0000000000 
_pdbx_struct_oper_list.matrix[2][2]         1.0000000000 
_pdbx_struct_oper_list.matrix[2][3]         0.0000000000 
_pdbx_struct_oper_list.vector[2]            0.0000000000 
_pdbx_struct_oper_list.matrix[3][1]         0.0000000000 
_pdbx_struct_oper_list.matrix[3][2]         0.0000000000 
_pdbx_struct_oper_list.matrix[3][3]         1.0000000000 
_pdbx_struct_oper_list.vector[3]            0.0000000000 
# 
loop_
_pdbx_audit_revision_history.ordinal 
_pdbx_audit_revision_history.data_content_type 
_pdbx_audit_revision_history.major_revision 
_pdbx_audit_revision_history.minor_revision 
_pdbx_audit_revision_history.revision_date 
1 'Structure model' 1 0 2023-05-24 
2 'Structure model' 1 1 2023-11-29 
# 
_pdbx_audit_revision_details.ordinal             1 
_pdbx_audit_revision_details.revision_ordinal    1 
_pdbx_audit_revision_details.data_content_type   'Structure model' 
_pdbx_audit_revision_details.provider            repository 
_pdbx_audit_revision_details.type                'Initial release' 
_pdbx_audit_revision_details.description         ? 
_pdbx_audit_revision_details.details             ? 
# 
loop_
_pdbx_audit_revision_group.ordinal 
_pdbx_audit_revision_group.revision_ordinal 
_pdbx_audit_revision_group.data_content_type 
_pdbx_audit_revision_group.group 
1 2 'Structure model' 'Data collection'        
2 2 'Structure model' 'Refinement description' 
# 
loop_
_pdbx_audit_revision_category.ordinal 
_pdbx_audit_revision_category.revision_ordinal 
_pdbx_audit_revision_category.data_content_type 
_pdbx_audit_revision_category.category 
1 2 'Structure model' chem_comp_atom                
2 2 'Structure model' chem_comp_bond                
3 2 'Structure model' pdbx_initial_refinement_model 
# 
loop_
_software.citation_id 
_software.classification 
_software.compiler_name 
_software.compiler_version 
_software.contact_author 
_software.contact_author_email 
_software.date 
_software.description 
_software.dependencies 
_software.hardware 
_software.language 
_software.location 
_software.mods 
_software.name 
_software.os 
_software.os_version 
_software.type 
_software.version 
_software.pdbx_ordinal 
? 'data scaling'    ? ? ? ? ? ? ? ? ? ? ? HKL-2000    ? ? ? .           1 
? refinement        ? ? ? ? ? ? ? ? ? ? ? PHENIX      ? ? ? 1.15.2_3472 2 
? 'data extraction' ? ? ? ? ? ? ? ? ? ? ? PDB_EXTRACT ? ? ? 3.27        3 
? 'data reduction'  ? ? ? ? ? ? ? ? ? ? ? HKL-3000    ? ? ? .           4 
? phasing           ? ? ? ? ? ? ? ? ? ? ? PHASER      ? ? ? .           5 
# 
_pdbx_entry_details.entry_id                 7Y5R 
_pdbx_entry_details.has_ligand_of_interest   Y 
_pdbx_entry_details.compound_details         ? 
_pdbx_entry_details.source_details           ? 
_pdbx_entry_details.nonpolymer_details       ? 
_pdbx_entry_details.sequence_details         ? 
# 
loop_
_pdbx_validate_close_contact.id 
_pdbx_validate_close_contact.PDB_model_num 
_pdbx_validate_close_contact.auth_atom_id_1 
_pdbx_validate_close_contact.auth_asym_id_1 
_pdbx_validate_close_contact.auth_comp_id_1 
_pdbx_validate_close_contact.auth_seq_id_1 
_pdbx_validate_close_contact.PDB_ins_code_1 
_pdbx_validate_close_contact.label_alt_id_1 
_pdbx_validate_close_contact.auth_atom_id_2 
_pdbx_validate_close_contact.auth_asym_id_2 
_pdbx_validate_close_contact.auth_comp_id_2 
_pdbx_validate_close_contact.auth_seq_id_2 
_pdbx_validate_close_contact.PDB_ins_code_2 
_pdbx_validate_close_contact.label_alt_id_2 
_pdbx_validate_close_contact.dist 
1  1 HH11 A ARG 413 ? ? O A HOH 602 ? ? 1.47 
2  1 O    A HOH 663 ? ? O A HOH 724 ? ? 2.04 
3  1 O    A HOH 729 ? ? O A HOH 760 ? ? 2.07 
4  1 O2   A GOL 503 ? ? O A HOH 601 ? ? 2.10 
5  1 NH1  A ARG 413 ? ? O A HOH 602 ? ? 2.11 
6  1 O    A HOH 643 ? ? O A HOH 719 ? ? 2.11 
7  1 O    A HOH 620 ? ? O A HOH 632 ? ? 2.17 
8  1 OD1  A ASN 451 ? ? O A HOH 603 ? ? 2.18 
9  1 O    A HOH 687 ? ? O A HOH 735 ? ? 2.19 
10 1 O    A HOH 688 ? ? O A HOH 720 ? ? 2.19 
# 
loop_
_pdbx_validate_symm_contact.id 
_pdbx_validate_symm_contact.PDB_model_num 
_pdbx_validate_symm_contact.auth_atom_id_1 
_pdbx_validate_symm_contact.auth_asym_id_1 
_pdbx_validate_symm_contact.auth_comp_id_1 
_pdbx_validate_symm_contact.auth_seq_id_1 
_pdbx_validate_symm_contact.PDB_ins_code_1 
_pdbx_validate_symm_contact.label_alt_id_1 
_pdbx_validate_symm_contact.site_symmetry_1 
_pdbx_validate_symm_contact.auth_atom_id_2 
_pdbx_validate_symm_contact.auth_asym_id_2 
_pdbx_validate_symm_contact.auth_comp_id_2 
_pdbx_validate_symm_contact.auth_seq_id_2 
_pdbx_validate_symm_contact.PDB_ins_code_2 
_pdbx_validate_symm_contact.label_alt_id_2 
_pdbx_validate_symm_contact.site_symmetry_2 
_pdbx_validate_symm_contact.dist 
1 1 O A HOH 708 ? ? 1_555 O A HOH 741 ? ? 3_645 2.02 
2 1 O A HOH 607 ? ? 1_555 O A HOH 684 ? ? 4_465 2.11 
3 1 O A HOH 606 ? ? 1_555 O A HOH 614 ? ? 4_565 2.13 
4 1 O A HOH 720 ? ? 1_555 O A HOH 735 ? ? 4_466 2.16 
5 1 O A HOH 627 ? ? 1_555 O A HOH 732 ? ? 2_664 2.16 
# 
_pdbx_validate_torsion.id              1 
_pdbx_validate_torsion.PDB_model_num   1 
_pdbx_validate_torsion.auth_comp_id    ASN 
_pdbx_validate_torsion.auth_asym_id    A 
_pdbx_validate_torsion.auth_seq_id     474 
_pdbx_validate_torsion.PDB_ins_code    ? 
_pdbx_validate_torsion.label_alt_id    ? 
_pdbx_validate_torsion.phi             -112.26 
_pdbx_validate_torsion.psi             -168.98 
# 
_pdbx_distant_solvent_atoms.id                                1 
_pdbx_distant_solvent_atoms.PDB_model_num                     1 
_pdbx_distant_solvent_atoms.auth_atom_id                      O 
_pdbx_distant_solvent_atoms.label_alt_id                      ? 
_pdbx_distant_solvent_atoms.auth_asym_id                      A 
_pdbx_distant_solvent_atoms.auth_comp_id                      HOH 
_pdbx_distant_solvent_atoms.auth_seq_id                       762 
_pdbx_distant_solvent_atoms.PDB_ins_code                      ? 
_pdbx_distant_solvent_atoms.neighbor_macromolecule_distance   6.15 
_pdbx_distant_solvent_atoms.neighbor_ligand_distance          . 
# 
loop_
_chem_comp_atom.comp_id 
_chem_comp_atom.atom_id 
_chem_comp_atom.type_symbol 
_chem_comp_atom.pdbx_aromatic_flag 
_chem_comp_atom.pdbx_stereo_config 
_chem_comp_atom.pdbx_ordinal 
ALA N    N N N 1   
ALA CA   C N S 2   
ALA C    C N N 3   
ALA O    O N N 4   
ALA CB   C N N 5   
ALA OXT  O N N 6   
ALA H    H N N 7   
ALA H2   H N N 8   
ALA HA   H N N 9   
ALA HB1  H N N 10  
ALA HB2  H N N 11  
ALA HB3  H N N 12  
ALA HXT  H N N 13  
ARG N    N N N 14  
ARG CA   C N S 15  
ARG C    C N N 16  
ARG O    O N N 17  
ARG CB   C N N 18  
ARG CG   C N N 19  
ARG CD   C N N 20  
ARG NE   N N N 21  
ARG CZ   C N N 22  
ARG NH1  N N N 23  
ARG NH2  N N N 24  
ARG OXT  O N N 25  
ARG H    H N N 26  
ARG H2   H N N 27  
ARG HA   H N N 28  
ARG HB2  H N N 29  
ARG HB3  H N N 30  
ARG HG2  H N N 31  
ARG HG3  H N N 32  
ARG HD2  H N N 33  
ARG HD3  H N N 34  
ARG HE   H N N 35  
ARG HH11 H N N 36  
ARG HH12 H N N 37  
ARG HH21 H N N 38  
ARG HH22 H N N 39  
ARG HXT  H N N 40  
ASN N    N N N 41  
ASN CA   C N S 42  
ASN C    C N N 43  
ASN O    O N N 44  
ASN CB   C N N 45  
ASN CG   C N N 46  
ASN OD1  O N N 47  
ASN ND2  N N N 48  
ASN OXT  O N N 49  
ASN H    H N N 50  
ASN H2   H N N 51  
ASN HA   H N N 52  
ASN HB2  H N N 53  
ASN HB3  H N N 54  
ASN HD21 H N N 55  
ASN HD22 H N N 56  
ASN HXT  H N N 57  
ASP N    N N N 58  
ASP CA   C N S 59  
ASP C    C N N 60  
ASP O    O N N 61  
ASP CB   C N N 62  
ASP CG   C N N 63  
ASP OD1  O N N 64  
ASP OD2  O N N 65  
ASP OXT  O N N 66  
ASP H    H N N 67  
ASP H2   H N N 68  
ASP HA   H N N 69  
ASP HB2  H N N 70  
ASP HB3  H N N 71  
ASP HD2  H N N 72  
ASP HXT  H N N 73  
GLN N    N N N 74  
GLN CA   C N S 75  
GLN C    C N N 76  
GLN O    O N N 77  
GLN CB   C N N 78  
GLN CG   C N N 79  
GLN CD   C N N 80  
GLN OE1  O N N 81  
GLN NE2  N N N 82  
GLN OXT  O N N 83  
GLN H    H N N 84  
GLN H2   H N N 85  
GLN HA   H N N 86  
GLN HB2  H N N 87  
GLN HB3  H N N 88  
GLN HG2  H N N 89  
GLN HG3  H N N 90  
GLN HE21 H N N 91  
GLN HE22 H N N 92  
GLN HXT  H N N 93  
GLU N    N N N 94  
GLU CA   C N S 95  
GLU C    C N N 96  
GLU O    O N N 97  
GLU CB   C N N 98  
GLU CG   C N N 99  
GLU CD   C N N 100 
GLU OE1  O N N 101 
GLU OE2  O N N 102 
GLU OXT  O N N 103 
GLU H    H N N 104 
GLU H2   H N N 105 
GLU HA   H N N 106 
GLU HB2  H N N 107 
GLU HB3  H N N 108 
GLU HG2  H N N 109 
GLU HG3  H N N 110 
GLU HE2  H N N 111 
GLU HXT  H N N 112 
GLY N    N N N 113 
GLY CA   C N N 114 
GLY C    C N N 115 
GLY O    O N N 116 
GLY OXT  O N N 117 
GLY H    H N N 118 
GLY H2   H N N 119 
GLY HA2  H N N 120 
GLY HA3  H N N 121 
GLY HXT  H N N 122 
GOL C1   C N N 123 
GOL O1   O N N 124 
GOL C2   C N N 125 
GOL O2   O N N 126 
GOL C3   C N N 127 
GOL O3   O N N 128 
GOL H11  H N N 129 
GOL H12  H N N 130 
GOL HO1  H N N 131 
GOL H2   H N N 132 
GOL HO2  H N N 133 
GOL H31  H N N 134 
GOL H32  H N N 135 
GOL HO3  H N N 136 
HIS N    N N N 137 
HIS CA   C N S 138 
HIS C    C N N 139 
HIS O    O N N 140 
HIS CB   C N N 141 
HIS CG   C Y N 142 
HIS ND1  N Y N 143 
HIS CD2  C Y N 144 
HIS CE1  C Y N 145 
HIS NE2  N Y N 146 
HIS OXT  O N N 147 
HIS H    H N N 148 
HIS H2   H N N 149 
HIS HA   H N N 150 
HIS HB2  H N N 151 
HIS HB3  H N N 152 
HIS HD1  H N N 153 
HIS HD2  H N N 154 
HIS HE1  H N N 155 
HIS HE2  H N N 156 
HIS HXT  H N N 157 
HOH O    O N N 158 
HOH H1   H N N 159 
HOH H2   H N N 160 
ILE N    N N N 161 
ILE CA   C N S 162 
ILE C    C N N 163 
ILE O    O N N 164 
ILE CB   C N S 165 
ILE CG1  C N N 166 
ILE CG2  C N N 167 
ILE CD1  C N N 168 
ILE OXT  O N N 169 
ILE H    H N N 170 
ILE H2   H N N 171 
ILE HA   H N N 172 
ILE HB   H N N 173 
ILE HG12 H N N 174 
ILE HG13 H N N 175 
ILE HG21 H N N 176 
ILE HG22 H N N 177 
ILE HG23 H N N 178 
ILE HD11 H N N 179 
ILE HD12 H N N 180 
ILE HD13 H N N 181 
ILE HXT  H N N 182 
LEU N    N N N 183 
LEU CA   C N S 184 
LEU C    C N N 185 
LEU O    O N N 186 
LEU CB   C N N 187 
LEU CG   C N N 188 
LEU CD1  C N N 189 
LEU CD2  C N N 190 
LEU OXT  O N N 191 
LEU H    H N N 192 
LEU H2   H N N 193 
LEU HA   H N N 194 
LEU HB2  H N N 195 
LEU HB3  H N N 196 
LEU HG   H N N 197 
LEU HD11 H N N 198 
LEU HD12 H N N 199 
LEU HD13 H N N 200 
LEU HD21 H N N 201 
LEU HD22 H N N 202 
LEU HD23 H N N 203 
LEU HXT  H N N 204 
LYS N    N N N 205 
LYS CA   C N S 206 
LYS C    C N N 207 
LYS O    O N N 208 
LYS CB   C N N 209 
LYS CG   C N N 210 
LYS CD   C N N 211 
LYS CE   C N N 212 
LYS NZ   N N N 213 
LYS OXT  O N N 214 
LYS H    H N N 215 
LYS H2   H N N 216 
LYS HA   H N N 217 
LYS HB2  H N N 218 
LYS HB3  H N N 219 
LYS HG2  H N N 220 
LYS HG3  H N N 221 
LYS HD2  H N N 222 
LYS HD3  H N N 223 
LYS HE2  H N N 224 
LYS HE3  H N N 225 
LYS HZ1  H N N 226 
LYS HZ2  H N N 227 
LYS HZ3  H N N 228 
LYS HXT  H N N 229 
PHE N    N N N 230 
PHE CA   C N S 231 
PHE C    C N N 232 
PHE O    O N N 233 
PHE CB   C N N 234 
PHE CG   C Y N 235 
PHE CD1  C Y N 236 
PHE CD2  C Y N 237 
PHE CE1  C Y N 238 
PHE CE2  C Y N 239 
PHE CZ   C Y N 240 
PHE OXT  O N N 241 
PHE H    H N N 242 
PHE H2   H N N 243 
PHE HA   H N N 244 
PHE HB2  H N N 245 
PHE HB3  H N N 246 
PHE HD1  H N N 247 
PHE HD2  H N N 248 
PHE HE1  H N N 249 
PHE HE2  H N N 250 
PHE HZ   H N N 251 
PHE HXT  H N N 252 
PRO N    N N N 253 
PRO CA   C N S 254 
PRO C    C N N 255 
PRO O    O N N 256 
PRO CB   C N N 257 
PRO CG   C N N 258 
PRO CD   C N N 259 
PRO OXT  O N N 260 
PRO H    H N N 261 
PRO HA   H N N 262 
PRO HB2  H N N 263 
PRO HB3  H N N 264 
PRO HG2  H N N 265 
PRO HG3  H N N 266 
PRO HD2  H N N 267 
PRO HD3  H N N 268 
PRO HXT  H N N 269 
SER N    N N N 270 
SER CA   C N S 271 
SER C    C N N 272 
SER O    O N N 273 
SER CB   C N N 274 
SER OG   O N N 275 
SER OXT  O N N 276 
SER H    H N N 277 
SER H2   H N N 278 
SER HA   H N N 279 
SER HB2  H N N 280 
SER HB3  H N N 281 
SER HG   H N N 282 
SER HXT  H N N 283 
THR N    N N N 284 
THR CA   C N S 285 
THR C    C N N 286 
THR O    O N N 287 
THR CB   C N R 288 
THR OG1  O N N 289 
THR CG2  C N N 290 
THR OXT  O N N 291 
THR H    H N N 292 
THR H2   H N N 293 
THR HA   H N N 294 
THR HB   H N N 295 
THR HG1  H N N 296 
THR HG21 H N N 297 
THR HG22 H N N 298 
THR HG23 H N N 299 
THR HXT  H N N 300 
TRP N    N N N 301 
TRP CA   C N S 302 
TRP C    C N N 303 
TRP O    O N N 304 
TRP CB   C N N 305 
TRP CG   C Y N 306 
TRP CD1  C Y N 307 
TRP CD2  C Y N 308 
TRP NE1  N Y N 309 
TRP CE2  C Y N 310 
TRP CE3  C Y N 311 
TRP CZ2  C Y N 312 
TRP CZ3  C Y N 313 
TRP CH2  C Y N 314 
TRP OXT  O N N 315 
TRP H    H N N 316 
TRP H2   H N N 317 
TRP HA   H N N 318 
TRP HB2  H N N 319 
TRP HB3  H N N 320 
TRP HD1  H N N 321 
TRP HE1  H N N 322 
TRP HE3  H N N 323 
TRP HZ2  H N N 324 
TRP HZ3  H N N 325 
TRP HH2  H N N 326 
TRP HXT  H N N 327 
TYR N    N N N 328 
TYR CA   C N S 329 
TYR C    C N N 330 
TYR O    O N N 331 
TYR CB   C N N 332 
TYR CG   C Y N 333 
TYR CD1  C Y N 334 
TYR CD2  C Y N 335 
TYR CE1  C Y N 336 
TYR CE2  C Y N 337 
TYR CZ   C Y N 338 
TYR OH   O N N 339 
TYR OXT  O N N 340 
TYR H    H N N 341 
TYR H2   H N N 342 
TYR HA   H N N 343 
TYR HB2  H N N 344 
TYR HB3  H N N 345 
TYR HD1  H N N 346 
TYR HD2  H N N 347 
TYR HE1  H N N 348 
TYR HE2  H N N 349 
TYR HH   H N N 350 
TYR HXT  H N N 351 
VAL N    N N N 352 
VAL CA   C N S 353 
VAL C    C N N 354 
VAL O    O N N 355 
VAL CB   C N N 356 
VAL CG1  C N N 357 
VAL CG2  C N N 358 
VAL OXT  O N N 359 
VAL H    H N N 360 
VAL H2   H N N 361 
VAL HA   H N N 362 
VAL HB   H N N 363 
VAL HG11 H N N 364 
VAL HG12 H N N 365 
VAL HG13 H N N 366 
VAL HG21 H N N 367 
VAL HG22 H N N 368 
VAL HG23 H N N 369 
VAL HXT  H N N 370 
# 
loop_
_chem_comp_bond.comp_id 
_chem_comp_bond.atom_id_1 
_chem_comp_bond.atom_id_2 
_chem_comp_bond.value_order 
_chem_comp_bond.pdbx_aromatic_flag 
_chem_comp_bond.pdbx_stereo_config 
_chem_comp_bond.pdbx_ordinal 
ALA N   CA   sing N N 1   
ALA N   H    sing N N 2   
ALA N   H2   sing N N 3   
ALA CA  C    sing N N 4   
ALA CA  CB   sing N N 5   
ALA CA  HA   sing N N 6   
ALA C   O    doub N N 7   
ALA C   OXT  sing N N 8   
ALA CB  HB1  sing N N 9   
ALA CB  HB2  sing N N 10  
ALA CB  HB3  sing N N 11  
ALA OXT HXT  sing N N 12  
ARG N   CA   sing N N 13  
ARG N   H    sing N N 14  
ARG N   H2   sing N N 15  
ARG CA  C    sing N N 16  
ARG CA  CB   sing N N 17  
ARG CA  HA   sing N N 18  
ARG C   O    doub N N 19  
ARG C   OXT  sing N N 20  
ARG CB  CG   sing N N 21  
ARG CB  HB2  sing N N 22  
ARG CB  HB3  sing N N 23  
ARG CG  CD   sing N N 24  
ARG CG  HG2  sing N N 25  
ARG CG  HG3  sing N N 26  
ARG CD  NE   sing N N 27  
ARG CD  HD2  sing N N 28  
ARG CD  HD3  sing N N 29  
ARG NE  CZ   sing N N 30  
ARG NE  HE   sing N N 31  
ARG CZ  NH1  sing N N 32  
ARG CZ  NH2  doub N N 33  
ARG NH1 HH11 sing N N 34  
ARG NH1 HH12 sing N N 35  
ARG NH2 HH21 sing N N 36  
ARG NH2 HH22 sing N N 37  
ARG OXT HXT  sing N N 38  
ASN N   CA   sing N N 39  
ASN N   H    sing N N 40  
ASN N   H2   sing N N 41  
ASN CA  C    sing N N 42  
ASN CA  CB   sing N N 43  
ASN CA  HA   sing N N 44  
ASN C   O    doub N N 45  
ASN C   OXT  sing N N 46  
ASN CB  CG   sing N N 47  
ASN CB  HB2  sing N N 48  
ASN CB  HB3  sing N N 49  
ASN CG  OD1  doub N N 50  
ASN CG  ND2  sing N N 51  
ASN ND2 HD21 sing N N 52  
ASN ND2 HD22 sing N N 53  
ASN OXT HXT  sing N N 54  
ASP N   CA   sing N N 55  
ASP N   H    sing N N 56  
ASP N   H2   sing N N 57  
ASP CA  C    sing N N 58  
ASP CA  CB   sing N N 59  
ASP CA  HA   sing N N 60  
ASP C   O    doub N N 61  
ASP C   OXT  sing N N 62  
ASP CB  CG   sing N N 63  
ASP CB  HB2  sing N N 64  
ASP CB  HB3  sing N N 65  
ASP CG  OD1  doub N N 66  
ASP CG  OD2  sing N N 67  
ASP OD2 HD2  sing N N 68  
ASP OXT HXT  sing N N 69  
GLN N   CA   sing N N 70  
GLN N   H    sing N N 71  
GLN N   H2   sing N N 72  
GLN CA  C    sing N N 73  
GLN CA  CB   sing N N 74  
GLN CA  HA   sing N N 75  
GLN C   O    doub N N 76  
GLN C   OXT  sing N N 77  
GLN CB  CG   sing N N 78  
GLN CB  HB2  sing N N 79  
GLN CB  HB3  sing N N 80  
GLN CG  CD   sing N N 81  
GLN CG  HG2  sing N N 82  
GLN CG  HG3  sing N N 83  
GLN CD  OE1  doub N N 84  
GLN CD  NE2  sing N N 85  
GLN NE2 HE21 sing N N 86  
GLN NE2 HE22 sing N N 87  
GLN OXT HXT  sing N N 88  
GLU N   CA   sing N N 89  
GLU N   H    sing N N 90  
GLU N   H2   sing N N 91  
GLU CA  C    sing N N 92  
GLU CA  CB   sing N N 93  
GLU CA  HA   sing N N 94  
GLU C   O    doub N N 95  
GLU C   OXT  sing N N 96  
GLU CB  CG   sing N N 97  
GLU CB  HB2  sing N N 98  
GLU CB  HB3  sing N N 99  
GLU CG  CD   sing N N 100 
GLU CG  HG2  sing N N 101 
GLU CG  HG3  sing N N 102 
GLU CD  OE1  doub N N 103 
GLU CD  OE2  sing N N 104 
GLU OE2 HE2  sing N N 105 
GLU OXT HXT  sing N N 106 
GLY N   CA   sing N N 107 
GLY N   H    sing N N 108 
GLY N   H2   sing N N 109 
GLY CA  C    sing N N 110 
GLY CA  HA2  sing N N 111 
GLY CA  HA3  sing N N 112 
GLY C   O    doub N N 113 
GLY C   OXT  sing N N 114 
GLY OXT HXT  sing N N 115 
GOL C1  O1   sing N N 116 
GOL C1  C2   sing N N 117 
GOL C1  H11  sing N N 118 
GOL C1  H12  sing N N 119 
GOL O1  HO1  sing N N 120 
GOL C2  O2   sing N N 121 
GOL C2  C3   sing N N 122 
GOL C2  H2   sing N N 123 
GOL O2  HO2  sing N N 124 
GOL C3  O3   sing N N 125 
GOL C3  H31  sing N N 126 
GOL C3  H32  sing N N 127 
GOL O3  HO3  sing N N 128 
HIS N   CA   sing N N 129 
HIS N   H    sing N N 130 
HIS N   H2   sing N N 131 
HIS CA  C    sing N N 132 
HIS CA  CB   sing N N 133 
HIS CA  HA   sing N N 134 
HIS C   O    doub N N 135 
HIS C   OXT  sing N N 136 
HIS CB  CG   sing N N 137 
HIS CB  HB2  sing N N 138 
HIS CB  HB3  sing N N 139 
HIS CG  ND1  sing Y N 140 
HIS CG  CD2  doub Y N 141 
HIS ND1 CE1  doub Y N 142 
HIS ND1 HD1  sing N N 143 
HIS CD2 NE2  sing Y N 144 
HIS CD2 HD2  sing N N 145 
HIS CE1 NE2  sing Y N 146 
HIS CE1 HE1  sing N N 147 
HIS NE2 HE2  sing N N 148 
HIS OXT HXT  sing N N 149 
HOH O   H1   sing N N 150 
HOH O   H2   sing N N 151 
ILE N   CA   sing N N 152 
ILE N   H    sing N N 153 
ILE N   H2   sing N N 154 
ILE CA  C    sing N N 155 
ILE CA  CB   sing N N 156 
ILE CA  HA   sing N N 157 
ILE C   O    doub N N 158 
ILE C   OXT  sing N N 159 
ILE CB  CG1  sing N N 160 
ILE CB  CG2  sing N N 161 
ILE CB  HB   sing N N 162 
ILE CG1 CD1  sing N N 163 
ILE CG1 HG12 sing N N 164 
ILE CG1 HG13 sing N N 165 
ILE CG2 HG21 sing N N 166 
ILE CG2 HG22 sing N N 167 
ILE CG2 HG23 sing N N 168 
ILE CD1 HD11 sing N N 169 
ILE CD1 HD12 sing N N 170 
ILE CD1 HD13 sing N N 171 
ILE OXT HXT  sing N N 172 
LEU N   CA   sing N N 173 
LEU N   H    sing N N 174 
LEU N   H2   sing N N 175 
LEU CA  C    sing N N 176 
LEU CA  CB   sing N N 177 
LEU CA  HA   sing N N 178 
LEU C   O    doub N N 179 
LEU C   OXT  sing N N 180 
LEU CB  CG   sing N N 181 
LEU CB  HB2  sing N N 182 
LEU CB  HB3  sing N N 183 
LEU CG  CD1  sing N N 184 
LEU CG  CD2  sing N N 185 
LEU CG  HG   sing N N 186 
LEU CD1 HD11 sing N N 187 
LEU CD1 HD12 sing N N 188 
LEU CD1 HD13 sing N N 189 
LEU CD2 HD21 sing N N 190 
LEU CD2 HD22 sing N N 191 
LEU CD2 HD23 sing N N 192 
LEU OXT HXT  sing N N 193 
LYS N   CA   sing N N 194 
LYS N   H    sing N N 195 
LYS N   H2   sing N N 196 
LYS CA  C    sing N N 197 
LYS CA  CB   sing N N 198 
LYS CA  HA   sing N N 199 
LYS C   O    doub N N 200 
LYS C   OXT  sing N N 201 
LYS CB  CG   sing N N 202 
LYS CB  HB2  sing N N 203 
LYS CB  HB3  sing N N 204 
LYS CG  CD   sing N N 205 
LYS CG  HG2  sing N N 206 
LYS CG  HG3  sing N N 207 
LYS CD  CE   sing N N 208 
LYS CD  HD2  sing N N 209 
LYS CD  HD3  sing N N 210 
LYS CE  NZ   sing N N 211 
LYS CE  HE2  sing N N 212 
LYS CE  HE3  sing N N 213 
LYS NZ  HZ1  sing N N 214 
LYS NZ  HZ2  sing N N 215 
LYS NZ  HZ3  sing N N 216 
LYS OXT HXT  sing N N 217 
PHE N   CA   sing N N 218 
PHE N   H    sing N N 219 
PHE N   H2   sing N N 220 
PHE CA  C    sing N N 221 
PHE CA  CB   sing N N 222 
PHE CA  HA   sing N N 223 
PHE C   O    doub N N 224 
PHE C   OXT  sing N N 225 
PHE CB  CG   sing N N 226 
PHE CB  HB2  sing N N 227 
PHE CB  HB3  sing N N 228 
PHE CG  CD1  doub Y N 229 
PHE CG  CD2  sing Y N 230 
PHE CD1 CE1  sing Y N 231 
PHE CD1 HD1  sing N N 232 
PHE CD2 CE2  doub Y N 233 
PHE CD2 HD2  sing N N 234 
PHE CE1 CZ   doub Y N 235 
PHE CE1 HE1  sing N N 236 
PHE CE2 CZ   sing Y N 237 
PHE CE2 HE2  sing N N 238 
PHE CZ  HZ   sing N N 239 
PHE OXT HXT  sing N N 240 
PRO N   CA   sing N N 241 
PRO N   CD   sing N N 242 
PRO N   H    sing N N 243 
PRO CA  C    sing N N 244 
PRO CA  CB   sing N N 245 
PRO CA  HA   sing N N 246 
PRO C   O    doub N N 247 
PRO C   OXT  sing N N 248 
PRO CB  CG   sing N N 249 
PRO CB  HB2  sing N N 250 
PRO CB  HB3  sing N N 251 
PRO CG  CD   sing N N 252 
PRO CG  HG2  sing N N 253 
PRO CG  HG3  sing N N 254 
PRO CD  HD2  sing N N 255 
PRO CD  HD3  sing N N 256 
PRO OXT HXT  sing N N 257 
SER N   CA   sing N N 258 
SER N   H    sing N N 259 
SER N   H2   sing N N 260 
SER CA  C    sing N N 261 
SER CA  CB   sing N N 262 
SER CA  HA   sing N N 263 
SER C   O    doub N N 264 
SER C   OXT  sing N N 265 
SER CB  OG   sing N N 266 
SER CB  HB2  sing N N 267 
SER CB  HB3  sing N N 268 
SER OG  HG   sing N N 269 
SER OXT HXT  sing N N 270 
THR N   CA   sing N N 271 
THR N   H    sing N N 272 
THR N   H2   sing N N 273 
THR CA  C    sing N N 274 
THR CA  CB   sing N N 275 
THR CA  HA   sing N N 276 
THR C   O    doub N N 277 
THR C   OXT  sing N N 278 
THR CB  OG1  sing N N 279 
THR CB  CG2  sing N N 280 
THR CB  HB   sing N N 281 
THR OG1 HG1  sing N N 282 
THR CG2 HG21 sing N N 283 
THR CG2 HG22 sing N N 284 
THR CG2 HG23 sing N N 285 
THR OXT HXT  sing N N 286 
TRP N   CA   sing N N 287 
TRP N   H    sing N N 288 
TRP N   H2   sing N N 289 
TRP CA  C    sing N N 290 
TRP CA  CB   sing N N 291 
TRP CA  HA   sing N N 292 
TRP C   O    doub N N 293 
TRP C   OXT  sing N N 294 
TRP CB  CG   sing N N 295 
TRP CB  HB2  sing N N 296 
TRP CB  HB3  sing N N 297 
TRP CG  CD1  doub Y N 298 
TRP CG  CD2  sing Y N 299 
TRP CD1 NE1  sing Y N 300 
TRP CD1 HD1  sing N N 301 
TRP CD2 CE2  doub Y N 302 
TRP CD2 CE3  sing Y N 303 
TRP NE1 CE2  sing Y N 304 
TRP NE1 HE1  sing N N 305 
TRP CE2 CZ2  sing Y N 306 
TRP CE3 CZ3  doub Y N 307 
TRP CE3 HE3  sing N N 308 
TRP CZ2 CH2  doub Y N 309 
TRP CZ2 HZ2  sing N N 310 
TRP CZ3 CH2  sing Y N 311 
TRP CZ3 HZ3  sing N N 312 
TRP CH2 HH2  sing N N 313 
TRP OXT HXT  sing N N 314 
TYR N   CA   sing N N 315 
TYR N   H    sing N N 316 
TYR N   H2   sing N N 317 
TYR CA  C    sing N N 318 
TYR CA  CB   sing N N 319 
TYR CA  HA   sing N N 320 
TYR C   O    doub N N 321 
TYR C   OXT  sing N N 322 
TYR CB  CG   sing N N 323 
TYR CB  HB2  sing N N 324 
TYR CB  HB3  sing N N 325 
TYR CG  CD1  doub Y N 326 
TYR CG  CD2  sing Y N 327 
TYR CD1 CE1  sing Y N 328 
TYR CD1 HD1  sing N N 329 
TYR CD2 CE2  doub Y N 330 
TYR CD2 HD2  sing N N 331 
TYR CE1 CZ   doub Y N 332 
TYR CE1 HE1  sing N N 333 
TYR CE2 CZ   sing Y N 334 
TYR CE2 HE2  sing N N 335 
TYR CZ  OH   sing N N 336 
TYR OH  HH   sing N N 337 
TYR OXT HXT  sing N N 338 
VAL N   CA   sing N N 339 
VAL N   H    sing N N 340 
VAL N   H2   sing N N 341 
VAL CA  C    sing N N 342 
VAL CA  CB   sing N N 343 
VAL CA  HA   sing N N 344 
VAL C   O    doub N N 345 
VAL C   OXT  sing N N 346 
VAL CB  CG1  sing N N 347 
VAL CB  CG2  sing N N 348 
VAL CB  HB   sing N N 349 
VAL CG1 HG11 sing N N 350 
VAL CG1 HG12 sing N N 351 
VAL CG1 HG13 sing N N 352 
VAL CG2 HG21 sing N N 353 
VAL CG2 HG22 sing N N 354 
VAL CG2 HG23 sing N N 355 
VAL OXT HXT  sing N N 356 
# 
_pdbx_audit_support.funding_organization   'National Natural Science Foundation of China (NSFC)' 
_pdbx_audit_support.country                China 
_pdbx_audit_support.grant_number           ? 
_pdbx_audit_support.ordinal                1 
# 
_pdbx_entity_instance_feature.ordinal        1 
_pdbx_entity_instance_feature.comp_id        GOL 
_pdbx_entity_instance_feature.asym_id        ? 
_pdbx_entity_instance_feature.seq_num        ? 
_pdbx_entity_instance_feature.auth_comp_id   GOL 
_pdbx_entity_instance_feature.auth_asym_id   ? 
_pdbx_entity_instance_feature.auth_seq_num   ? 
_pdbx_entity_instance_feature.feature_type   'SUBJECT OF INVESTIGATION' 
_pdbx_entity_instance_feature.details        ? 
# 
loop_
_pdbx_entity_nonpoly.entity_id 
_pdbx_entity_nonpoly.name 
_pdbx_entity_nonpoly.comp_id 
2 GLYCEROL GOL 
3 water    HOH 
# 
_pdbx_initial_refinement_model.id               1 
_pdbx_initial_refinement_model.entity_id_list   ? 
_pdbx_initial_refinement_model.type             'experimental model' 
_pdbx_initial_refinement_model.source_name      PDB 
_pdbx_initial_refinement_model.accession_code   1VA9 
_pdbx_initial_refinement_model.details          ? 
# 
_pdbx_struct_assembly_auth_evidence.id                     1 
_pdbx_struct_assembly_auth_evidence.assembly_id            1 
_pdbx_struct_assembly_auth_evidence.experimental_support   'gel filtration' 
_pdbx_struct_assembly_auth_evidence.details                ? 
# 
